data_3J42
#
_entry.id   3J42
#
_cell.length_a   1
_cell.length_b   1
_cell.length_c   1
_cell.angle_alpha   90
_cell.angle_beta   90
_cell.angle_gamma   90
#
_symmetry.space_group_name_H-M   'P 1'
#
loop_
_entity.id
_entity.type
_entity.pdbx_description
1 polymer 'Envelope protein E'
2 polymer PrM
3 polymer 'Ig heavy chain V region MOPC 21, Igh protein chimera'
4 polymer 'Ig kappa chain V-V region MOPC 21, Anti-colorectal carcinoma light chain chimera'
#
loop_
_entity_poly.entity_id
_entity_poly.type
_entity_poly.pdbx_seq_one_letter_code
_entity_poly.pdbx_strand_id
1 'polypeptide(L)'
;MRCIGISNRDFVEGVSSWVDIVLEHGSCVTTMAKNKPTLDFELIKTEAKPATLRKYCIEAKLTNTTTESRCPTQGEPSLN
EEQDKRFVCKHSMVDRGWGNGCGLFGKGGIVTCAMFRCKKNMEGKVVQPENLEYTVVITPHSGEEHAVGNDTGKHGKEVK
ITPQSSITEAELTGYGTVTMECSPRTGLDEMVLLQMENKAWLVHRQWFLDLPLPWLPGADTQGSNWIQKETLVTFKNPHA
KKQDVVVLGSQEGAMHTALTGATEIQMSSGNLLFTGHLKCRLRMDKLQLKGMSYSMCTGKFKVVKEIAETQHGTIVIRVQ
YEGDGSPCKIPFEIMDLEKRHVLGRLITVNPIVTEKDSPVNIEAEPPFGDSYIIIGVEPGQLKLDWFKKG
;
A,B,C
2 'polypeptide(L)'
;FHLTTRNGEPHMIVSRQEKGKSLLFKTEDGVNMCTLMAMDLGELCEDTITYKCPLLRQNEPEDIDCWCNSTSTWVTYGTC
T
;
D,E,F
3 'polypeptide(L)'
;DVQLVESGGGLVQPGGSRKLSCAASGFTFSSFGMHWVRQAPEKGLEWVAYISSGSSTLHYADTVKGRFTISRDNPKNTLF
LQMTSLRSEDTAMYYCARWGNYPHYAMDYWGQGTSVTVSSAKTTAPSVYPLAPVCGDTTGSSVTLGCLVKGYFPEPVTLT
WNSGSLSSGVHTFPAVLQSGLYTLSSSVTVTSSTWPSQTITCNVAHPASSTKVDKKIEPRV
;
G,I,K
4 'polypeptide(L)'
;NIVMTQSPKSMSMSVGERVTLTCKASENVGTYVSWYQQKPEQSPKLLIYGASNRYTGVPDRFTGSGSATDFTLTISSVQA
EDLADYHCGQSYSTPYTFGGGTKLEIKRADAAPTVSIFPPSSEQLTSGGASVVCFLNNFYPKDINVKWKIDGSERQNGVL
NSWTDQDSKDSTYSMSSTLTLTKDEYERHNSYTCEATHKTSTSPIVKSFNRN
;
H,J,L
#
# COMPACT_ATOMS: atom_id res chain seq x y z
CA MET A 1 -51.56 21.85 -65.43
CA ARG A 2 -49.61 20.48 -62.48
CA CYS A 3 -50.54 16.85 -63.11
CA ILE A 4 -48.76 16.81 -66.43
CA GLY A 5 -45.53 14.87 -66.05
CA ILE A 6 -46.65 12.67 -63.16
CA SER A 7 -47.18 9.03 -63.67
CA ASN A 8 -49.84 8.37 -60.99
CA ARG A 9 -52.35 10.70 -62.59
CA ASP A 10 -55.90 10.09 -63.01
CA PHE A 11 -58.24 11.25 -65.71
CA VAL A 12 -61.82 11.86 -64.60
CA GLU A 13 -64.57 13.31 -66.90
CA GLY A 14 -67.58 15.25 -65.25
CA VAL A 15 -71.19 15.03 -66.42
CA SER A 16 -73.72 17.66 -67.49
CA SER A 17 -72.46 19.38 -62.20
CA TRP A 18 -71.04 16.54 -60.11
CA VAL A 19 -67.84 14.63 -60.29
CA ASP A 20 -66.22 12.05 -58.20
CA ILE A 21 -62.49 11.94 -57.49
CA VAL A 22 -59.98 10.23 -55.18
CA LEU A 23 -56.84 11.91 -53.96
CA GLU A 24 -53.78 10.51 -52.19
CA HIS A 25 -50.22 11.76 -51.62
CA GLY A 26 -48.28 11.22 -54.84
CA SER A 27 -51.36 10.85 -57.01
CA CYS A 28 -52.92 13.59 -59.12
CA VAL A 29 -56.23 13.99 -60.84
CA THR A 30 -57.31 15.87 -63.96
CA THR A 31 -61.02 16.57 -64.21
CA MET A 32 -63.01 17.37 -67.26
CA ALA A 33 -66.59 18.49 -67.59
CA LYS A 34 -67.56 20.07 -70.91
CA ASN A 35 -68.32 23.76 -71.20
CA LYS A 36 -66.24 23.68 -68.09
CA PRO A 37 -62.51 24.23 -67.35
CA THR A 38 -60.09 21.38 -66.98
CA LEU A 39 -58.69 21.12 -63.48
CA ASP A 40 -55.78 19.42 -61.82
CA PHE A 41 -56.19 18.20 -58.26
CA GLU A 42 -53.49 17.20 -55.82
CA LEU A 43 -53.42 16.44 -52.10
CA ILE A 44 -50.38 18.31 -50.92
CA LYS A 45 -50.61 17.99 -47.07
CA THR A 46 -52.37 16.26 -44.17
CA GLU A 47 -52.17 18.00 -40.80
CA ALA A 48 -53.00 16.67 -37.34
CA LYS A 49 -54.23 19.53 -35.20
CA PRO A 50 -51.39 19.02 -31.77
CA ALA A 51 -51.92 17.63 -28.27
CA THR A 52 -48.74 16.40 -26.58
CA LEU A 53 -49.26 12.90 -25.23
CA ARG A 54 -46.07 12.07 -23.36
CA LYS A 55 -42.55 13.43 -22.93
CA TYR A 56 -39.83 10.79 -22.77
CA CYS A 57 -36.43 11.52 -21.29
CA ILE A 58 -33.64 9.92 -23.38
CA GLU A 59 -30.58 11.27 -21.60
CA ALA A 60 -30.04 12.29 -18.00
CA LYS A 61 -27.55 13.13 -15.31
CA LEU A 62 -27.41 12.39 -11.58
CA THR A 63 -26.34 14.65 -8.74
CA ASN A 64 -26.39 14.67 -4.92
CA THR A 65 -26.45 10.93 -4.41
CA THR A 66 -27.22 10.21 -0.75
CA THR A 67 -27.23 7.01 1.28
CA GLU A 68 -28.82 6.04 4.59
CA SER A 69 -28.88 2.65 6.30
CA ARG A 70 -29.95 1.03 9.58
CA CYS A 71 -28.75 -1.95 11.61
CA PRO A 72 -30.48 -5.33 11.67
CA THR A 73 -33.60 -5.03 13.85
CA GLN A 74 -34.24 -1.30 13.50
CA GLY A 75 -36.65 -1.12 10.58
CA GLU A 76 -36.49 0.57 7.17
CA PRO A 77 -34.37 3.74 6.95
CA SER A 78 -35.64 6.80 5.13
CA LEU A 79 -34.55 10.03 3.52
CA ASN A 80 -36.82 13.05 3.17
CA GLU A 81 -35.67 13.54 -0.42
CA GLU A 82 -37.50 10.26 -0.94
CA GLN A 83 -40.53 12.60 -1.02
CA ASP A 84 -38.98 14.97 -3.56
CA LYS A 85 -40.23 13.98 -7.02
CA ARG A 86 -36.94 15.00 -8.65
CA PHE A 87 -35.07 12.07 -7.06
CA VAL A 88 -34.78 8.42 -7.97
CA CYS A 89 -34.48 6.12 -4.97
CA LYS A 90 -34.23 2.44 -4.17
CA HIS A 91 -34.65 0.40 -1.00
CA SER A 92 -32.44 -2.62 -0.38
CA MET A 93 -30.91 -4.81 2.32
CA VAL A 94 -27.18 -5.09 3.00
CA ASP A 95 -25.06 -7.06 5.46
CA ARG A 96 -24.17 -5.13 8.62
CA GLY A 97 -22.21 -5.90 11.78
CA TRP A 98 -19.52 -4.86 14.27
CA GLY A 99 -17.25 -3.76 11.46
CA ASN A 100 -19.63 -0.97 10.47
CA GLY A 101 -21.31 0.26 13.62
CA CYS A 102 -23.93 -2.37 14.42
CA GLY A 103 -24.42 -4.49 17.52
CA LEU A 104 -25.73 -7.50 15.60
CA PHE A 105 -24.57 -9.20 12.45
CA GLY A 106 -27.37 -9.53 9.92
CA LYS A 107 -29.17 -7.78 7.09
CA GLY A 108 -29.96 -4.11 7.52
CA GLY A 109 -32.12 -1.67 5.62
CA ILE A 110 -30.43 0.77 3.26
CA VAL A 111 -31.81 3.47 0.97
CA THR A 112 -30.14 5.61 -1.71
CA CYS A 113 -31.40 8.62 -3.67
CA ALA A 114 -29.95 10.74 -6.43
CA MET A 115 -31.37 13.84 -8.04
CA PHE A 116 -32.43 13.00 -11.59
CA ARG A 117 -31.89 15.72 -14.21
CA CYS A 118 -33.10 15.12 -17.77
CA LYS A 119 -30.75 16.61 -20.39
CA LYS A 120 -32.46 15.56 -23.63
CA ASN A 121 -36.00 14.35 -24.20
CA MET A 122 -38.37 13.51 -27.03
CA GLU A 123 -42.13 13.97 -27.24
CA GLY A 124 -44.89 12.15 -29.05
CA LYS A 125 -47.92 14.09 -30.23
CA VAL A 126 -51.44 13.16 -31.27
CA VAL A 127 -52.69 14.67 -34.51
CA GLN A 128 -56.46 15.24 -34.70
CA PRO A 129 -59.09 11.06 -39.90
CA GLU A 130 -62.32 13.11 -39.42
CA ASN A 131 -60.38 15.62 -37.36
CA LEU A 132 -57.29 15.80 -39.69
CA GLU A 133 -56.98 18.80 -41.94
CA TYR A 134 -56.22 18.32 -45.59
CA THR A 135 -54.64 20.72 -48.01
CA VAL A 136 -55.45 20.36 -51.73
CA VAL A 137 -54.17 22.29 -54.69
CA ILE A 138 -56.40 23.01 -57.67
CA THR A 139 -54.58 24.10 -60.81
CA PRO A 140 -56.82 24.96 -63.80
CA HIS A 141 -55.53 24.17 -67.31
CA SER A 142 -55.08 27.83 -68.21
CA GLY A 143 -52.24 27.02 -70.61
CA GLU A 144 -49.90 29.58 -69.03
CA GLU A 145 -46.32 29.52 -70.40
CA HIS A 146 -45.07 28.00 -67.16
CA ALA A 147 -48.13 26.08 -65.91
CA VAL A 148 -47.13 22.55 -67.07
CA GLY A 149 -46.29 20.38 -64.07
CA ASN A 150 -45.23 23.42 -62.07
CA ASP A 151 -44.62 22.08 -58.55
CA THR A 152 -44.67 25.46 -56.81
CA GLY A 153 -48.29 26.23 -56.12
CA LYS A 154 -48.53 29.70 -57.57
CA HIS A 155 -50.55 28.48 -60.51
CA GLY A 156 -53.11 27.07 -58.15
CA LYS A 157 -55.36 27.67 -55.22
CA GLU A 158 -54.66 25.84 -52.00
CA VAL A 159 -57.70 24.59 -50.23
CA LYS A 160 -57.98 23.19 -46.71
CA ILE A 161 -60.66 20.56 -46.25
CA THR A 162 -61.58 20.46 -42.66
CA PRO A 163 -63.22 17.14 -41.94
CA GLN A 164 -64.50 19.17 -39.21
CA SER A 165 -65.60 22.28 -40.01
CA SER A 166 -66.97 21.09 -43.33
CA ILE A 167 -67.54 21.50 -47.03
CA THR A 168 -64.98 23.79 -48.66
CA GLU A 169 -65.73 26.30 -51.42
CA ALA A 170 -63.21 27.68 -53.92
CA GLU A 171 -62.45 30.86 -55.78
CA LEU A 172 -60.97 29.97 -59.14
CA THR A 173 -60.08 33.46 -60.31
CA GLY A 174 -61.46 34.30 -63.73
CA TYR A 175 -63.17 30.91 -63.75
CA GLY A 176 -65.65 31.21 -60.95
CA THR A 177 -66.18 28.93 -58.03
CA VAL A 178 -66.04 25.22 -57.37
CA THR A 179 -67.06 23.15 -54.34
CA MET A 180 -65.69 20.18 -52.43
CA GLU A 181 -67.01 17.53 -50.06
CA CYS A 182 -64.55 14.79 -49.19
CA SER A 183 -64.47 11.67 -47.08
CA PRO A 184 -61.28 10.45 -45.37
CA ARG A 185 -60.91 6.91 -46.57
CA THR A 186 -58.39 4.13 -45.82
CA GLY A 187 -58.08 0.44 -45.26
CA LEU A 188 -56.07 -0.13 -42.10
CA ASP A 189 -58.48 0.29 -39.22
CA GLU A 190 -54.62 5.23 -33.31
CA MET A 191 -51.15 6.49 -34.17
CA VAL A 192 -48.62 8.93 -32.71
CA LEU A 193 -46.00 11.35 -34.00
CA LEU A 194 -42.59 11.06 -32.33
CA GLN A 195 -40.33 14.11 -32.27
CA MET A 196 -36.59 13.66 -31.70
CA GLU A 197 -35.12 17.13 -31.98
CA ASN A 198 -36.80 18.63 -35.06
CA LYS A 199 -36.98 15.26 -36.82
CA ALA A 200 -40.26 13.33 -36.55
CA TRP A 201 -41.76 9.90 -37.26
CA LEU A 202 -45.24 8.38 -37.29
CA VAL A 203 -45.41 5.50 -34.82
CA HIS A 204 -48.15 3.19 -33.56
CA ARG A 205 -49.61 3.78 -30.12
CA GLN A 206 -49.14 1.23 -27.31
CA TRP A 207 -45.57 1.02 -28.60
CA PHE A 208 -44.91 4.64 -27.77
CA LEU A 209 -46.72 4.10 -24.47
CA ASP A 210 -44.66 1.00 -23.74
CA LEU A 211 -41.25 2.58 -24.28
CA PRO A 212 -39.02 1.85 -21.24
CA LEU A 213 -37.91 5.40 -20.58
CA PRO A 214 -38.67 8.05 -17.96
CA TRP A 215 -41.70 10.13 -18.96
CA LEU A 216 -44.08 12.90 -17.96
CA PRO A 217 -47.78 13.41 -18.75
CA GLY A 218 -48.17 15.64 -21.80
CA ALA A 219 -49.65 18.63 -19.96
CA ASP A 220 -46.48 19.27 -17.94
CA THR A 221 -44.11 22.24 -17.81
CA GLN A 222 -42.04 21.48 -14.72
CA GLY A 223 -40.05 18.85 -16.59
CA SER A 224 -38.78 17.56 -13.26
CA ASN A 225 -41.13 14.93 -11.79
CA TRP A 226 -40.24 12.09 -14.18
CA ILE A 227 -42.01 8.74 -13.98
CA GLN A 228 -40.03 5.46 -13.90
CA LYS A 229 -36.60 7.04 -13.73
CA GLU A 230 -35.14 3.63 -12.83
CA THR A 231 -35.28 2.91 -16.55
CA LEU A 232 -32.19 5.13 -17.00
CA VAL A 233 -30.70 4.42 -13.59
CA THR A 234 -28.81 1.49 -12.19
CA PHE A 235 -28.19 0.91 -8.51
CA LYS A 236 -25.01 -1.11 -7.88
CA ASN A 237 -24.92 -3.67 -5.07
CA PRO A 238 -24.96 -1.72 -1.82
CA HIS A 239 -22.33 -1.57 0.92
CA ALA A 240 -22.87 -1.17 4.65
CA LYS A 241 -23.08 2.64 4.46
CA LYS A 242 -22.81 3.69 0.80
CA GLN A 243 -24.10 2.63 -2.57
CA ASP A 244 -23.20 3.78 -6.05
CA VAL A 245 -25.75 4.85 -8.62
CA VAL A 246 -24.96 5.28 -12.33
CA VAL A 247 -27.13 6.48 -15.17
CA LEU A 248 -27.28 4.84 -18.60
CA GLY A 249 -25.87 6.79 -21.51
CA SER A 250 -27.95 8.73 -24.05
CA GLN A 251 -30.57 6.68 -25.84
CA GLU A 252 -30.93 8.98 -28.86
CA GLY A 253 -28.91 6.43 -30.81
CA ALA A 254 -30.71 3.36 -29.53
CA MET A 255 -33.86 5.21 -30.56
CA HIS A 256 -32.75 6.30 -34.04
CA THR A 257 -31.57 2.89 -35.19
CA ALA A 258 -34.81 1.61 -33.63
CA LEU A 259 -37.17 3.82 -35.67
CA THR A 260 -35.70 2.76 -39.02
CA GLY A 261 -38.67 1.42 -40.96
CA ALA A 262 -41.47 3.65 -39.62
CA THR A 263 -42.70 6.36 -42.00
CA GLU A 264 -40.63 9.50 -41.51
CA ILE A 265 -42.60 12.75 -41.23
CA GLN A 266 -41.31 16.07 -42.50
CA MET A 267 -41.78 19.21 -40.41
CA SER A 268 -40.81 22.84 -39.89
CA SER A 269 -41.39 25.65 -37.40
CA GLY A 270 -42.38 22.91 -34.95
CA ASN A 271 -45.32 21.94 -37.12
CA LEU A 272 -45.72 18.51 -38.71
CA LEU A 273 -46.41 18.29 -42.44
CA PHE A 274 -48.37 15.68 -44.35
CA THR A 275 -51.77 6.62 -45.49
CA GLY A 276 -54.73 6.07 -47.74
CA HIS A 277 -57.31 7.94 -49.76
CA LEU A 278 -59.63 10.91 -49.66
CA LYS A 279 -62.80 10.46 -51.71
CA CYS A 280 -64.31 13.71 -52.85
CA ARG A 281 -67.28 15.07 -54.75
CA LEU A 282 -66.93 18.25 -56.84
CA ARG A 283 -69.70 20.50 -58.11
CA MET A 284 -68.80 22.85 -61.00
CA ASP A 285 -72.14 24.50 -61.82
CA LYS A 286 -70.76 27.77 -60.50
CA LEU A 287 -67.72 27.49 -62.77
CA GLN A 288 -67.32 28.67 -66.34
CA LEU A 289 -64.89 28.52 -69.24
CA LYS A 290 -62.68 31.53 -69.74
CA GLY A 291 -62.93 33.63 -72.87
CA MET A 292 -66.04 32.30 -74.59
CA SER A 293 -66.62 35.48 -76.48
CA TYR A 294 -63.12 35.73 -77.73
CA SER A 295 -62.41 35.95 -81.36
CA MET A 296 -60.89 33.12 -83.31
CA CYS A 297 -57.16 33.78 -83.67
CA THR A 298 -56.61 34.61 -87.32
CA GLY A 299 -52.85 35.13 -87.28
CA LYS A 300 -50.21 32.40 -87.41
CA PHE A 301 -48.52 30.40 -84.70
CA LYS A 302 -45.02 29.11 -84.18
CA VAL A 303 -44.03 26.02 -82.21
CA VAL A 304 -42.01 27.38 -79.31
CA LYS A 305 -41.53 24.06 -77.56
CA GLU A 306 -42.20 20.70 -79.16
CA ILE A 307 -45.00 18.16 -79.09
CA ALA A 308 -43.89 15.81 -76.33
CA GLU A 309 -45.84 12.76 -75.23
CA THR A 310 -46.85 12.23 -71.58
CA GLN A 311 -46.92 8.86 -69.88
CA HIS A 312 -50.63 8.56 -70.62
CA GLY A 313 -50.83 8.97 -74.34
CA THR A 314 -51.51 12.69 -74.25
CA ILE A 315 -49.28 15.21 -76.07
CA VAL A 316 -48.23 18.66 -74.86
CA ILE A 317 -47.28 21.50 -77.23
CA ARG A 318 -46.32 25.11 -76.66
CA VAL A 319 -47.00 27.62 -79.35
CA GLN A 320 -46.63 31.34 -79.74
CA TYR A 321 -49.11 33.60 -81.48
CA GLU A 322 -47.80 36.11 -83.95
CA GLY A 323 -51.10 37.33 -85.28
CA ASP A 324 -52.74 40.65 -84.40
CA GLY A 325 -56.00 39.66 -82.70
CA SER A 326 -55.28 38.88 -79.01
CA PRO A 327 -57.16 38.15 -76.79
CA CYS A 328 -58.41 35.30 -78.95
CA LYS A 329 -59.22 31.56 -79.06
CA ILE A 330 -56.68 29.19 -80.59
CA PRO A 331 -57.96 27.19 -83.62
CA PHE A 332 -57.04 23.65 -82.59
CA GLU A 333 -58.08 20.40 -84.20
CA ILE A 334 -56.71 16.89 -84.55
CA MET A 335 -57.46 15.18 -87.85
CA ASP A 336 -56.84 11.85 -89.50
CA LEU A 337 -54.79 11.02 -92.59
CA GLU A 338 -57.37 11.76 -95.43
CA LYS A 339 -57.50 15.27 -94.05
CA ARG A 340 -61.17 15.32 -92.99
CA HIS A 341 -62.58 13.72 -89.83
CA VAL A 342 -61.64 15.05 -86.34
CA LEU A 343 -60.07 12.26 -84.24
CA GLY A 344 -58.91 13.85 -81.03
CA ARG A 345 -60.07 15.66 -77.94
CA LEU A 346 -58.46 18.55 -76.09
CA ILE A 347 -57.51 18.12 -72.47
CA THR A 348 -56.60 21.80 -72.13
CA VAL A 349 -60.01 22.94 -73.27
CA ASN A 350 -60.71 26.31 -74.87
CA PRO A 351 -57.08 27.30 -75.61
CA ILE A 352 -56.71 31.11 -75.82
CA VAL A 353 -53.93 33.60 -76.51
CA THR A 354 -53.74 36.25 -73.82
CA GLU A 355 -50.66 38.22 -74.88
CA LYS A 356 -48.76 38.32 -78.18
CA ASP A 357 -45.44 37.28 -76.68
CA SER A 358 -46.60 34.88 -73.95
CA PRO A 359 -46.55 31.24 -75.13
CA VAL A 360 -49.49 28.93 -74.55
CA ASN A 361 -49.33 25.28 -73.53
CA ILE A 362 -51.95 22.85 -74.81
CA GLU A 363 -52.47 19.23 -73.85
CA ALA A 364 -54.44 17.06 -76.19
CA GLU A 365 -55.32 13.43 -76.53
CA PRO A 366 -54.55 12.29 -80.10
CA PRO A 367 -55.96 9.01 -81.43
CA PHE A 368 -53.76 5.93 -81.64
CA GLY A 369 -51.38 5.87 -84.53
CA ASP A 370 -51.15 8.52 -87.25
CA SER A 371 -52.89 11.82 -86.70
CA TYR A 372 -52.64 15.54 -87.45
CA ILE A 373 -52.22 18.49 -85.19
CA ILE A 374 -53.55 21.53 -87.01
CA ILE A 375 -52.90 24.79 -85.19
CA GLY A 376 -54.42 28.02 -86.42
CA VAL A 377 -56.13 28.70 -89.69
CA GLU A 378 -54.69 29.15 -93.17
CA PRO A 379 -52.55 31.13 -94.17
CA GLY A 380 -49.54 29.49 -92.50
CA GLN A 381 -51.63 27.05 -90.56
CA LEU A 382 -49.46 24.59 -88.61
CA LYS A 383 -49.93 20.92 -89.63
CA LEU A 384 -47.91 18.66 -87.39
CA ASP A 385 -47.46 14.89 -87.79
CA TRP A 386 -47.94 12.61 -84.87
CA PHE A 387 -47.81 8.88 -84.34
CA LYS A 388 -49.25 7.39 -81.19
CA LYS A 389 -47.56 4.70 -79.18
CA GLY A 390 -48.74 1.11 -79.41
CA MET B 1 11.20 -53.27 -68.47
CA ARG B 2 10.47 -51.76 -65.08
CA CYS B 3 7.27 -53.74 -64.51
CA ILE B 4 9.09 -57.02 -64.51
CA GLY B 5 9.31 -58.30 -60.96
CA ILE B 6 6.22 -56.53 -59.65
CA SER B 7 3.19 -58.48 -58.71
CA ASN B 8 0.49 -55.86 -59.38
CA ARG B 9 1.30 -55.62 -63.07
CA ASP B 10 -1.08 -55.46 -65.78
CA PHE B 11 -0.82 -56.74 -69.30
CA VAL B 12 -2.66 -54.70 -71.92
CA GLU B 13 -2.48 -55.42 -75.73
CA GLY B 14 -3.10 -52.45 -78.24
CA VAL B 15 -5.02 -52.72 -81.50
CA SER B 16 -4.12 -51.90 -85.10
CA SER B 17 -3.42 -46.84 -82.57
CA TRP B 18 -5.36 -46.62 -79.31
CA VAL B 19 -5.01 -48.37 -76.03
CA ASP B 20 -6.65 -48.08 -72.74
CA ILE B 21 -4.79 -48.36 -69.43
CA VAL B 22 -5.30 -47.71 -65.71
CA LEU B 23 -2.52 -46.59 -63.41
CA GLU B 24 -2.34 -46.40 -59.63
CA HIS B 25 0.51 -46.15 -57.11
CA GLY B 26 2.01 -49.61 -56.72
CA SER B 27 0.54 -50.96 -59.94
CA CYS B 28 2.35 -51.21 -63.27
CA VAL B 29 1.22 -51.77 -66.81
CA THR B 30 2.88 -53.37 -69.81
CA THR B 31 1.39 -52.43 -73.17
CA MET B 32 1.67 -54.26 -76.40
CA ALA B 33 0.60 -53.23 -79.86
CA LYS B 34 2.13 -55.17 -82.74
CA ASN B 35 4.67 -53.61 -85.06
CA LYS B 36 4.98 -51.41 -82.04
CA PRO B 37 7.35 -51.38 -79.01
CA THR B 38 6.39 -52.89 -75.69
CA LEU B 39 6.08 -50.29 -72.98
CA ASP B 40 5.98 -50.28 -69.21
CA PHE B 41 3.88 -47.66 -67.47
CA GLU B 42 4.00 -46.61 -63.85
CA LEU B 43 2.48 -43.74 -61.86
CA ILE B 44 5.36 -42.58 -59.76
CA LYS B 45 3.99 -39.33 -58.15
CA THR B 46 0.90 -37.20 -57.54
CA GLU B 47 1.50 -33.55 -56.67
CA ALA B 48 -0.88 -30.97 -55.26
CA LYS B 49 0.10 -27.56 -56.55
CA PRO B 50 -2.93 -26.79 -52.74
CA ALA B 51 -5.01 -24.23 -50.83
CA THR B 52 -4.12 -23.97 -47.12
CA LEU B 53 -7.27 -24.21 -45.04
CA ARG B 54 -6.14 -23.63 -41.47
CA LYS B 55 -2.91 -23.40 -39.48
CA TYR B 56 -3.03 -25.00 -36.03
CA CYS B 57 -0.57 -24.11 -33.32
CA ILE B 58 0.56 -27.23 -31.39
CA GLU B 59 3.20 -25.73 -29.12
CA ALA B 60 3.56 -22.26 -27.68
CA LYS B 61 5.28 -20.06 -25.14
CA LEU B 62 4.08 -17.17 -22.99
CA THR B 63 5.84 -13.92 -22.16
CA ASN B 64 5.06 -10.57 -20.53
CA THR B 65 2.21 -11.76 -18.34
CA THR B 66 0.44 -8.71 -16.89
CA THR B 67 -2.29 -8.34 -14.29
CA GLU B 68 -4.70 -5.54 -13.43
CA SER B 69 -7.54 -5.53 -10.89
CA ARG B 70 -10.08 -3.15 -9.34
CA CYS B 71 -11.86 -2.94 -5.99
CA PRO B 72 -15.44 -4.01 -5.39
CA THR B 73 -17.74 -1.32 -6.83
CA GLN B 74 -15.39 0.16 -9.44
CA GLY B 75 -16.27 -1.80 -12.57
CA GLU B 76 -14.26 -4.07 -14.86
CA PRO B 77 -10.52 -3.31 -15.13
CA SER B 78 -8.79 -3.29 -18.49
CA LEU B 79 -5.40 -3.50 -20.16
CA ASN B 80 -4.67 -2.01 -23.56
CA GLU B 81 -2.81 -5.17 -24.60
CA GLU B 82 -6.29 -6.67 -24.39
CA GLN B 83 -6.60 -5.06 -27.84
CA ASP B 84 -3.34 -6.58 -29.13
CA LYS B 85 -4.20 -9.77 -31.04
CA ARG B 86 -0.94 -11.44 -29.94
CA PHE B 87 -2.14 -11.73 -26.32
CA VAL B 88 -4.40 -14.21 -24.57
CA CYS B 89 -6.47 -12.65 -21.79
CA LYS B 90 -9.12 -13.62 -19.27
CA HIS B 91 -11.50 -11.67 -17.09
CA SER B 92 -12.34 -12.92 -13.60
CA MET B 93 -13.46 -11.85 -10.13
CA VAL B 94 -11.33 -12.16 -7.01
CA ASP B 95 -11.85 -11.34 -3.33
CA ARG B 96 -10.51 -7.92 -2.32
CA GLY B 97 -10.40 -5.91 0.91
CA TRP B 98 -8.37 -3.85 3.39
CA GLY B 99 -5.51 -6.31 3.17
CA ASN B 100 -4.87 -5.44 -0.46
CA GLY B 101 -5.73 -1.79 -0.92
CA CYS B 102 -9.52 -1.70 -1.06
CA GLY B 103 -12.00 0.18 1.11
CA LEU B 104 -14.66 -2.53 0.93
CA PHE B 105 -14.47 -6.29 1.27
CA GLY B 106 -16.06 -8.04 -1.69
CA LYS B 107 -15.41 -9.37 -5.18
CA GLY B 108 -13.38 -7.21 -7.52
CA GLY B 109 -12.66 -7.34 -11.22
CA ILE B 110 -9.31 -8.68 -12.36
CA VAL B 111 -7.81 -9.20 -15.82
CA THR B 112 -4.63 -10.94 -16.95
CA CYS B 113 -2.89 -11.07 -20.32
CA ALA B 114 0.16 -12.85 -21.65
CA MET B 115 1.79 -12.60 -25.05
CA PHE B 116 1.19 -15.84 -26.94
CA ARG B 117 4.05 -17.05 -29.17
CA CYS B 118 3.53 -20.16 -31.29
CA LYS B 119 6.69 -22.29 -31.57
CA LYS B 120 5.45 -25.21 -33.67
CA ASN B 121 2.34 -25.49 -35.83
CA MET B 122 0.75 -27.83 -38.33
CA GLU B 123 -1.36 -27.02 -41.37
CA GLY B 124 -4.14 -28.81 -43.19
CA LYS B 125 -4.52 -28.35 -46.92
CA VAL B 126 -7.30 -28.93 -49.42
CA VAL B 127 -6.38 -30.82 -52.57
CA GLN B 128 -8.44 -29.93 -55.65
CA PRO B 129 -8.08 -34.32 -58.77
CA GLU B 130 -8.42 -32.25 -62.00
CA ASN B 131 -5.88 -29.78 -60.66
CA LEU B 132 -3.39 -32.41 -59.30
CA GLU B 133 -0.30 -33.10 -61.32
CA TYR B 134 0.69 -36.64 -62.08
CA THR B 135 4.10 -38.01 -62.91
CA VAL B 136 4.30 -41.19 -65.01
CA VAL B 137 7.30 -43.21 -66.11
CA ILE B 138 7.36 -44.94 -69.46
CA THR B 139 10.06 -47.58 -69.86
CA PRO B 140 10.23 -49.27 -73.29
CA HIS B 141 11.24 -52.96 -73.44
CA SER B 142 14.59 -52.20 -75.04
CA GLY B 143 16.18 -55.28 -73.49
CA GLU B 144 19.10 -53.30 -72.06
CA GLU B 145 21.45 -55.32 -69.79
CA HIS B 146 20.14 -53.48 -66.74
CA ALA B 147 16.57 -52.56 -67.80
CA VAL B 148 14.68 -55.37 -65.99
CA GLY B 149 12.68 -53.95 -63.08
CA ASN B 150 15.15 -51.10 -62.70
CA ASP B 151 13.55 -48.79 -60.12
CA THR B 152 15.71 -45.77 -60.86
CA GLY B 153 14.08 -43.99 -63.77
CA LYS B 154 17.05 -43.64 -66.08
CA HIS B 155 15.69 -46.27 -68.43
CA GLY B 156 12.53 -44.28 -68.83
CA LYS B 157 10.97 -40.96 -69.60
CA GLU B 158 9.13 -39.16 -66.86
CA VAL B 159 5.96 -37.49 -67.97
CA LYS B 160 3.80 -35.02 -66.08
CA ILE B 161 0.09 -35.20 -66.85
CA THR B 162 -1.41 -31.94 -65.99
CA PRO B 163 -5.13 -32.43 -65.54
CA GLN B 164 -4.98 -28.86 -66.26
CA SER B 165 -2.96 -27.92 -68.81
CA SER B 166 -3.82 -31.00 -70.82
CA ILE B 167 -2.86 -33.90 -73.04
CA THR B 168 0.80 -34.85 -72.71
CA GLU B 169 3.05 -35.95 -75.58
CA ALA B 170 6.20 -38.06 -75.26
CA GLU B 171 9.60 -38.41 -76.83
CA LEU B 172 10.60 -42.06 -76.73
CA THR B 173 14.14 -41.70 -78.04
CA GLY B 174 14.89 -43.97 -80.97
CA TYR B 175 11.27 -45.13 -80.85
CA GLY B 176 9.38 -42.00 -81.76
CA THR B 177 6.55 -40.38 -79.93
CA VAL B 178 3.55 -41.50 -77.92
CA THR B 179 0.57 -39.58 -76.53
CA MET B 180 -1.46 -39.58 -73.34
CA GLU B 181 -4.89 -38.42 -72.21
CA CYS B 182 -5.86 -39.44 -68.70
CA SER B 183 -8.80 -39.04 -66.39
CA PRO B 184 -8.39 -38.81 -62.60
CA ARG B 185 -10.64 -41.53 -61.29
CA THR B 186 -11.58 -42.70 -57.78
CA GLY B 187 -14.43 -43.94 -55.69
CA LEU B 188 -14.55 -41.93 -52.49
CA ASP B 189 -16.32 -38.69 -53.33
CA GLU B 190 -14.72 -33.51 -48.36
CA MET B 191 -11.33 -34.44 -46.93
CA VAL B 192 -8.20 -32.63 -45.76
CA LEU B 193 -4.46 -33.26 -45.75
CA LEU B 194 -2.74 -32.64 -42.42
CA GLN B 195 0.95 -31.73 -42.39
CA MET B 196 2.98 -32.22 -39.20
CA GLU B 197 6.52 -31.26 -40.13
CA ASN B 198 7.11 -32.92 -43.51
CA LYS B 199 4.91 -35.90 -42.62
CA ALA B 200 1.29 -35.82 -43.82
CA TRP B 201 -2.03 -37.63 -43.38
CA LEU B 202 -5.42 -37.59 -45.08
CA VAL B 203 -8.13 -36.66 -42.57
CA HIS B 204 -11.86 -36.00 -42.74
CA ARG B 205 -13.09 -32.42 -42.57
CA GLN B 206 -15.18 -31.19 -39.63
CA TRP B 207 -12.71 -33.16 -37.52
CA PHE B 208 -9.82 -31.00 -38.62
CA LEU B 209 -12.09 -27.97 -38.16
CA ASP B 210 -13.11 -29.13 -34.68
CA LEU B 211 -9.60 -29.62 -33.33
CA PRO B 212 -9.27 -27.77 -29.98
CA LEU B 213 -6.10 -25.87 -30.79
CA PRO B 214 -5.22 -22.25 -31.60
CA TRP B 215 -5.53 -21.57 -35.34
CA LEU B 216 -5.31 -18.98 -38.08
CA PRO B 217 -7.23 -18.65 -41.37
CA GLY B 218 -5.27 -20.26 -44.19
CA ALA B 219 -4.46 -17.02 -46.04
CA ASP B 220 -2.31 -15.65 -43.21
CA THR B 221 1.37 -14.74 -43.04
CA GLN B 222 1.57 -12.81 -39.77
CA GLY B 223 1.38 -16.02 -37.76
CA SER B 224 0.62 -13.95 -34.67
CA ASN B 225 -3.14 -13.32 -34.30
CA TRP B 226 -4.11 -16.84 -33.21
CA ILE B 227 -7.75 -17.77 -32.61
CA GLN B 228 -8.81 -19.56 -29.39
CA LYS B 229 -5.43 -19.43 -27.69
CA GLU B 230 -7.11 -20.46 -24.41
CA THR B 231 -6.97 -24.00 -25.79
CA LEU B 232 -3.23 -24.07 -24.95
CA VAL B 233 -3.45 -21.73 -21.99
CA THR B 234 -4.59 -22.19 -18.44
CA PHE B 235 -5.34 -19.37 -16.05
CA LYS B 236 -4.82 -20.38 -12.40
CA ASN B 237 -7.19 -19.07 -9.72
CA PRO B 238 -6.45 -15.36 -9.35
CA HIS B 239 -5.16 -13.47 -6.32
CA ALA B 240 -5.98 -9.93 -5.27
CA LYS B 241 -3.33 -8.37 -7.55
CA LYS B 242 -1.66 -11.16 -9.54
CA GLN B 243 -2.59 -14.30 -11.39
CA ASP B 244 -0.46 -17.01 -12.92
CA VAL B 245 -0.87 -18.25 -16.46
CA VAL B 246 0.72 -21.46 -17.77
CA VAL B 247 0.72 -22.96 -21.22
CA LEU B 248 0.14 -26.64 -21.98
CA GLY B 249 3.07 -28.61 -23.31
CA SER B 250 3.60 -29.55 -26.96
CA GLN B 251 0.75 -31.46 -28.54
CA GLU B 252 2.79 -33.00 -31.37
CA GLY B 253 2.67 -36.25 -29.42
CA ALA B 254 -1.00 -36.10 -28.51
CA MET B 255 -1.53 -35.51 -32.21
CA HIS B 256 0.69 -38.32 -33.55
CA THR B 257 -0.75 -41.07 -31.38
CA ALA B 258 -4.14 -39.58 -32.34
CA LEU B 259 -3.70 -39.89 -36.11
CA THR B 260 -2.81 -43.59 -35.99
CA GLY B 261 -5.35 -45.25 -38.27
CA ALA B 262 -5.87 -42.51 -40.86
CA THR B 263 -4.25 -43.13 -44.25
CA GLU B 264 -0.71 -41.75 -44.24
CA ILE B 265 0.27 -39.67 -47.27
CA GLN B 266 3.78 -39.59 -48.68
CA MET B 267 5.32 -36.29 -49.77
CA SER B 268 8.47 -34.44 -50.79
CA SER B 269 9.60 -30.91 -51.61
CA GLY B 270 6.49 -29.76 -49.77
CA ASN B 271 4.27 -31.47 -52.33
CA LEU B 272 1.85 -34.26 -51.49
CA LEU B 273 1.98 -37.48 -53.50
CA PHE B 274 -0.81 -39.88 -54.36
CA THR B 275 -5.97 -42.80 -53.47
CA GLY B 276 -7.50 -44.32 -56.53
CA HIS B 277 -6.98 -44.64 -60.26
CA LEU B 278 -5.99 -42.69 -63.33
CA LYS B 279 -7.61 -43.96 -66.53
CA CYS B 280 -5.64 -43.14 -69.63
CA ARG B 281 -5.77 -43.51 -73.39
CA LEU B 282 -2.54 -43.97 -75.39
CA ARG B 283 -2.03 -43.43 -79.10
CA MET B 284 1.06 -45.08 -80.65
CA ASP B 285 0.67 -44.28 -84.37
CA LYS B 286 3.68 -41.99 -84.12
CA LEU B 287 5.76 -44.77 -82.57
CA GLN B 288 7.83 -47.43 -84.31
CA LEU B 289 9.84 -50.55 -83.56
CA LYS B 290 13.58 -50.14 -83.33
CA GLY B 291 15.89 -51.85 -85.79
CA MET B 292 13.52 -53.22 -88.42
CA SER B 293 16.16 -53.31 -91.06
CA TYR B 294 18.66 -55.05 -88.93
CA SER B 295 20.18 -58.27 -90.03
CA MET B 296 19.31 -61.56 -88.46
CA CYS B 297 22.04 -62.42 -85.96
CA THR B 298 23.94 -65.34 -87.44
CA GLY B 299 26.48 -65.91 -84.66
CA LYS B 300 25.86 -67.85 -81.44
CA PHE B 301 24.56 -66.79 -78.08
CA LYS B 302 25.39 -67.71 -74.52
CA VAL B 303 23.05 -67.61 -71.56
CA VAL B 304 24.51 -64.96 -69.30
CA LYS B 305 21.74 -65.04 -66.72
CA GLU B 306 19.14 -67.78 -66.49
CA ILE B 307 15.54 -68.23 -67.58
CA ALA B 308 13.62 -67.14 -64.51
CA GLU B 309 9.84 -67.12 -64.25
CA THR B 310 7.91 -63.97 -63.25
CA GLN B 311 4.80 -63.99 -61.12
CA HIS B 312 2.66 -63.92 -64.24
CA GLY B 313 3.82 -66.91 -66.17
CA THR B 314 6.32 -65.01 -68.29
CA ILE B 315 10.02 -65.95 -68.39
CA VAL B 316 13.02 -63.61 -68.54
CA ILE B 317 16.37 -64.60 -70.03
CA ARG B 318 19.61 -62.71 -70.59
CA VAL B 319 21.87 -63.76 -73.37
CA GLN B 320 25.09 -62.51 -74.84
CA TYR B 321 25.90 -62.44 -78.55
CA GLU B 322 29.25 -63.75 -79.64
CA GLY B 323 28.68 -63.60 -83.37
CA ASP B 324 30.11 -60.99 -85.72
CA GLY B 325 27.06 -59.22 -87.15
CA SER B 326 25.90 -56.53 -84.64
CA PRO B 327 23.70 -54.52 -84.86
CA CYS B 328 21.31 -57.39 -85.55
CA LYS B 329 17.95 -58.97 -84.62
CA ILE B 330 17.93 -61.92 -82.25
CA PRO B 331 16.42 -65.16 -83.71
CA PHE B 332 13.91 -66.04 -81.00
CA GLU B 333 11.18 -68.67 -81.12
CA ILE B 334 9.31 -70.85 -78.65
CA MET B 335 8.39 -74.31 -79.95
CA ASP B 336 6.56 -77.37 -78.72
CA LEU B 337 7.87 -80.88 -78.08
CA GLU B 338 7.71 -82.41 -81.67
CA LYS B 339 10.03 -79.62 -82.69
CA ARG B 340 7.72 -77.84 -85.16
CA HIS B 341 4.86 -75.51 -84.23
CA VAL B 342 5.53 -72.11 -82.55
CA LEU B 343 3.70 -71.91 -79.20
CA GLY B 344 4.78 -68.68 -77.58
CA ARG B 345 4.74 -64.93 -77.95
CA LEU B 346 7.44 -62.41 -77.11
CA ILE B 347 6.72 -59.68 -74.61
CA THR B 348 10.02 -57.94 -75.34
CA VAL B 349 9.27 -57.64 -79.02
CA ASN B 350 11.92 -57.36 -81.73
CA PRO B 351 14.95 -58.38 -79.60
CA ILE B 352 18.19 -56.94 -81.04
CA VAL B 353 21.89 -57.05 -80.22
CA THR B 354 23.38 -53.57 -80.05
CA GLU B 355 26.95 -54.31 -78.92
CA LYS B 356 28.96 -57.55 -78.88
CA ASP B 357 29.63 -57.46 -75.16
CA SER B 358 26.39 -55.92 -73.86
CA PRO B 359 23.87 -58.59 -72.75
CA VAL B 360 20.25 -58.45 -73.84
CA ASN B 361 17.23 -59.23 -71.70
CA ILE B 362 14.17 -60.84 -73.27
CA GLU B 363 10.80 -61.51 -71.69
CA ALA B 364 8.58 -64.06 -73.33
CA GLU B 365 5.33 -65.79 -72.62
CA PRO B 366 5.79 -69.56 -73.05
CA PRO B 367 2.77 -71.86 -73.32
CA PHE B 368 1.65 -73.91 -70.34
CA GLY B 369 3.70 -76.99 -69.68
CA ASP B 370 6.60 -78.20 -71.81
CA SER B 371 8.05 -75.85 -74.37
CA TYR B 372 11.30 -74.90 -76.11
CA ILE B 373 13.27 -71.71 -76.08
CA ILE B 374 15.36 -71.62 -79.23
CA ILE B 375 17.81 -68.73 -79.34
CA GLY B 376 19.80 -68.01 -82.47
CA VAL B 377 20.20 -70.14 -85.53
CA GLU B 378 22.27 -73.27 -86.08
CA PRO B 379 25.28 -73.73 -85.67
CA GLY B 380 25.28 -73.72 -81.86
CA GLN B 381 21.69 -72.65 -81.64
CA LEU B 382 20.48 -72.57 -78.01
CA LYS B 383 17.61 -74.98 -77.22
CA LEU B 384 16.41 -74.52 -73.68
CA ASP B 385 13.82 -76.64 -71.87
CA TRP B 386 11.02 -75.04 -70.00
CA PHE B 387 8.03 -76.28 -68.07
CA LYS B 388 5.25 -73.90 -67.20
CA LYS B 389 3.57 -73.75 -63.83
CA GLY B 390 0.16 -75.28 -63.32
CA MET C 1 -65.97 -35.91 20.80
CA ARG C 2 -62.67 -34.97 19.18
CA CYS C 3 -63.81 -35.70 15.62
CA ILE C 4 -66.43 -33.00 15.75
CA GLY C 5 -65.24 -30.06 13.69
CA ILE C 6 -62.99 -32.01 11.35
CA SER C 7 -63.89 -32.40 7.76
CA ASN C 8 -62.21 -35.75 7.02
CA ARG C 9 -64.31 -37.64 9.53
CA ASP C 10 -65.82 -40.89 9.04
CA PHE C 11 -69.01 -42.30 10.45
CA VAL C 12 -68.99 -46.04 11.10
CA GLU C 13 -71.91 -47.94 12.78
CA GLY C 14 -71.11 -51.29 14.70
CA VAL C 15 -73.32 -54.39 14.67
CA SER C 16 -74.91 -56.45 17.44
CA SER C 17 -69.37 -56.83 18.77
CA TRP C 18 -67.17 -56.14 15.77
CA VAL C 19 -66.51 -53.07 13.76
CA ASP C 20 -64.23 -52.17 11.01
CA ILE C 21 -62.43 -48.83 10.74
CA VAL C 22 -59.61 -47.16 8.81
CA LEU C 23 -57.36 -44.52 10.30
CA GLU C 24 -54.87 -42.16 8.69
CA HIS C 25 -53.16 -38.93 9.79
CA GLY C 26 -55.66 -36.11 9.40
CA SER C 27 -58.71 -38.39 9.27
CA CYS C 28 -60.97 -39.20 12.20
CA VAL C 29 -63.58 -41.83 12.81
CA THR C 30 -66.72 -41.90 14.91
CA THR C 31 -68.05 -45.35 15.75
CA MET C 32 -71.49 -46.32 16.81
CA ALA C 33 -72.80 -49.62 18.06
CA LYS C 34 -76.13 -49.52 19.88
CA ASN C 35 -76.37 -50.11 23.60
CA LYS C 36 -72.79 -49.09 23.25
CA PRO C 37 -70.93 -45.74 23.64
CA THR C 38 -70.05 -43.58 20.70
CA LEU C 39 -66.32 -43.31 20.17
CA ASP C 40 -63.98 -41.05 18.27
CA PHE C 41 -60.81 -42.53 16.83
CA GLU C 42 -57.75 -40.71 15.60
CA LEU C 43 -54.25 -41.79 14.58
CA ILE C 44 -52.07 -39.23 16.28
CA LYS C 45 -48.50 -40.63 15.71
CA THR C 46 -46.40 -43.19 13.86
CA GLU C 47 -43.00 -44.00 15.36
CA ALA C 48 -40.08 -45.86 13.84
CA LYS C 49 -38.20 -47.65 16.58
CA PRO C 50 -35.26 -47.29 13.33
CA ALA C 51 -31.96 -48.68 12.02
CA THR C 52 -29.49 -45.99 10.89
CA LEU C 53 -28.21 -46.83 7.41
CA ARG C 54 -25.59 -44.19 6.67
CA LYS C 55 -24.34 -40.90 8.10
CA TYR C 56 -23.42 -38.28 5.50
CA CYS C 57 -21.17 -35.36 6.31
CA ILE C 58 -22.46 -32.13 4.70
CA GLU C 59 -20.01 -29.61 6.14
CA ALA C 60 -16.42 -30.00 7.26
CA LYS C 61 -13.22 -28.25 8.21
CA LEU C 62 -9.56 -29.04 7.57
CA THR C 63 -6.60 -28.72 9.92
CA ASN C 64 -2.92 -29.72 10.05
CA THR C 65 -2.34 -29.88 6.32
CA THR C 66 1.04 -31.54 5.68
CA THR C 67 3.10 -32.04 2.54
CA GLU C 68 5.95 -34.39 1.65
CA SER C 69 7.68 -34.84 -1.70
CA ARG C 70 10.63 -36.68 -3.26
CA CYS C 71 12.98 -36.01 -6.16
CA PRO C 72 12.71 -37.67 -9.55
CA THR C 73 14.04 -41.24 -9.24
CA GLN C 74 13.44 -41.80 -5.53
CA GLY C 75 10.00 -43.41 -5.46
CA GLU C 76 6.70 -42.41 -3.87
CA PRO C 77 6.92 -40.33 -0.67
CA SER C 78 4.75 -41.13 2.31
CA LEU C 79 3.36 -39.70 5.52
CA ASN C 80 2.37 -41.83 8.50
CA GLU C 81 -0.85 -39.82 8.91
CA GLU C 82 -1.70 -41.44 5.59
CA GLN C 83 -2.59 -44.38 7.88
CA ASP C 84 -4.74 -42.25 10.20
CA LYS C 85 -8.37 -42.61 9.10
CA ARG C 86 -9.16 -39.01 10.14
CA PHE C 87 -7.07 -37.59 7.27
CA VAL C 88 -7.78 -37.05 3.59
CA CYS C 89 -4.73 -37.49 1.38
CA LYS C 90 -3.78 -37.42 -2.27
CA HIS C 91 -0.77 -38.60 -4.23
CA SER C 92 0.49 -36.60 -7.20
CA MET C 93 3.54 -35.77 -9.29
CA VAL C 94 5.13 -32.33 -9.50
CA ASP C 95 8.10 -30.87 -11.38
CA ARG C 96 11.32 -30.80 -9.36
CA GLY C 97 14.90 -29.69 -10.01
CA TRP C 98 17.95 -27.71 -8.87
CA GLY C 99 15.74 -24.83 -7.80
CA ASN C 100 14.12 -26.90 -5.08
CA GLY C 101 16.71 -29.32 -3.80
CA CYS C 102 16.92 -32.04 -6.43
CA GLY C 103 19.85 -33.26 -8.47
CA LEU C 104 17.77 -34.05 -11.55
CA PHE C 105 15.05 -32.12 -13.32
CA GLY C 106 11.92 -34.20 -13.76
CA LYS C 107 8.68 -35.25 -12.11
CA GLY C 108 8.79 -36.15 -8.44
CA GLY C 109 6.34 -37.78 -6.08
CA ILE C 110 4.41 -35.58 -3.69
CA VAL C 111 1.76 -36.37 -1.07
CA THR C 112 -0.48 -34.10 1.03
CA CYS C 113 -2.77 -34.85 3.96
CA ALA C 114 -5.15 -32.77 6.02
CA MET C 115 -7.16 -33.77 9.07
CA PHE C 116 -10.84 -33.91 8.12
CA ARG C 117 -13.31 -32.75 10.77
CA CYS C 118 -17.04 -33.03 10.05
CA LYS C 119 -19.04 -30.12 11.50
CA LYS C 120 -22.57 -30.96 10.34
CA ASN C 121 -23.96 -34.25 9.07
CA MET C 122 -27.27 -35.82 8.12
CA GLU C 123 -28.42 -39.41 8.52
CA GLY C 124 -30.81 -41.62 6.62
CA LYS C 125 -32.76 -44.28 8.48
CA VAL C 126 -34.61 -47.42 7.47
CA VAL C 127 -38.11 -47.84 8.89
CA GLN C 128 -39.23 -51.45 9.38
CA PRO C 129 -44.75 -50.94 8.59
CA GLU C 130 -45.12 -54.14 10.71
CA ASN C 131 -42.39 -52.89 13.02
CA LEU C 132 -43.66 -49.24 13.26
CA GLU C 133 -45.50 -48.23 16.38
CA TYR C 134 -48.77 -46.41 16.11
CA THR C 135 -50.42 -44.14 18.62
CA VAL C 136 -54.22 -43.80 18.54
CA VAL C 137 -56.52 -41.65 20.62
CA ILE C 138 -59.96 -42.87 21.58
CA THR C 139 -62.33 -40.18 22.84
CA PRO C 140 -65.78 -41.40 23.96
CA HIS C 141 -68.79 -39.11 23.37
CA SER C 142 -69.24 -38.37 27.04
CA GLY C 143 -70.73 -34.95 26.32
CA GLU C 144 -68.33 -33.18 28.70
CA GLU C 145 -68.56 -29.34 28.61
CA HIS C 146 -65.21 -29.15 26.85
CA ALA C 147 -65.09 -32.47 24.95
CA VAL C 148 -66.15 -31.20 21.47
CA GLY C 149 -63.19 -31.32 19.09
CA ASN C 150 -60.75 -30.88 21.95
CA ASP C 151 -57.32 -31.39 20.36
CA THR C 152 -55.44 -31.93 23.61
CA GLY C 153 -55.81 -35.58 24.46
CA LYS C 154 -57.02 -35.33 28.02
CA HIS C 155 -60.52 -36.39 27.06
CA GLY C 156 -59.15 -39.55 25.58
CA LYS C 157 -56.98 -42.58 26.05
CA GLU C 158 -53.85 -42.90 24.00
CA VAL C 159 -53.17 -46.36 22.72
CA LYS C 160 -50.02 -47.70 21.11
CA ILE C 161 -50.58 -50.41 18.53
CA THR C 162 -47.45 -52.38 18.23
CA PRO C 163 -47.49 -54.19 14.92
CA GLN C 164 -45.14 -56.22 16.80
CA SER C 165 -46.01 -56.99 19.98
CA SER C 166 -49.66 -57.30 19.07
CA ILE C 167 -53.33 -56.72 19.74
CA THR C 168 -53.94 -53.78 22.05
CA GLU C 169 -56.61 -53.63 24.75
CA ALA C 170 -58.12 -50.45 26.22
CA GLU C 171 -59.43 -49.13 29.50
CA LEU C 172 -62.24 -46.72 28.78
CA THR C 173 -62.84 -45.47 32.32
CA GLY C 174 -66.45 -45.75 33.42
CA TYR C 175 -67.22 -47.40 30.08
CA GLY C 176 -65.28 -50.62 30.28
CA THR C 177 -62.83 -52.03 27.83
CA VAL C 178 -62.43 -52.13 24.08
CA THR C 179 -60.01 -54.04 21.84
CA MET C 180 -58.00 -53.34 18.72
CA GLU C 181 -56.33 -55.34 15.97
CA CYS C 182 -54.95 -53.29 13.10
CA SER C 183 -53.16 -53.87 9.84
CA PRO C 184 -50.65 -51.38 8.42
CA ARG C 185 -51.94 -50.69 4.95
CA THR C 186 -50.67 -48.54 2.05
CA GLY C 187 -50.31 -48.45 -1.67
CA LEU C 188 -46.75 -47.50 -2.52
CA ASP C 189 -44.69 -50.66 -2.20
CA GLU C 190 -37.14 -49.95 -0.55
CA MET C 191 -37.16 -46.38 0.74
CA VAL C 192 -35.17 -44.31 3.25
CA LEU C 193 -35.85 -41.47 5.67
CA LEU C 194 -33.38 -38.59 5.48
CA GLN C 195 -32.85 -36.42 8.55
CA MET C 196 -31.35 -32.94 8.16
CA GLU C 197 -31.36 -31.47 11.65
CA ASN C 198 -34.81 -32.35 13.05
CA LYS C 199 -36.46 -32.06 9.63
CA ALA C 200 -36.95 -35.28 7.66
CA TRP C 201 -37.91 -36.54 4.19
CA LEU C 202 -38.76 -39.89 2.62
CA VAL C 203 -36.32 -40.66 -0.19
CA HIS C 204 -35.72 -43.62 -2.50
CA ARG C 205 -32.77 -45.88 -1.84
CA GLN C 206 -29.85 -46.10 -4.30
CA TRP C 207 -30.21 -42.32 -4.50
CA PHE C 208 -29.36 -41.91 -0.85
CA LEU C 209 -26.59 -44.49 -1.33
CA ASP C 210 -25.28 -42.65 -4.39
CA LEU C 211 -25.00 -39.22 -2.76
CA PRO C 212 -21.48 -37.81 -3.39
CA LEU C 213 -20.66 -36.93 0.19
CA PRO C 214 -18.40 -38.33 2.90
CA TRP C 215 -20.18 -41.04 4.92
CA LEU C 216 -19.89 -43.61 7.68
CA PRO C 217 -21.59 -47.00 8.11
CA GLY C 218 -24.71 -46.63 10.26
CA ALA C 219 -23.38 -48.54 13.28
CA ASP C 220 -20.66 -45.98 14.01
CA THR C 221 -20.03 -43.74 17.01
CA GLN C 222 -16.50 -42.49 16.37
CA GLY C 223 -17.74 -40.09 13.72
CA SER C 224 -14.15 -39.67 12.54
CA ASN C 225 -13.24 -42.30 9.92
CA TRP C 226 -15.24 -40.82 7.02
CA ILE C 227 -15.39 -42.56 3.65
CA GLN C 228 -14.73 -40.64 0.41
CA LYS C 229 -13.75 -37.37 2.04
CA GLU C 230 -12.43 -36.17 -1.32
CA THR C 231 -16.05 -35.37 -2.14
CA LEU C 232 -15.77 -32.28 0.11
CA VAL C 233 -12.09 -31.67 -0.50
CA THR C 234 -10.17 -30.17 -3.35
CA PHE C 235 -6.43 -30.48 -3.83
CA LYS C 236 -4.98 -27.54 -5.79
CA ASN C 237 -2.16 -28.15 -8.28
CA PRO C 238 0.93 -29.00 -6.23
CA HIS C 239 4.21 -27.14 -5.98
CA ALA C 240 7.68 -28.59 -5.49
CA LYS C 241 7.34 -28.77 -1.68
CA LYS C 242 3.83 -27.61 -0.73
CA GLN C 243 0.28 -28.01 -1.91
CA ASP C 244 -2.91 -26.28 -0.82
CA VAL C 245 -6.07 -28.12 0.14
CA VAL C 246 -9.46 -26.44 0.48
CA VAL C 247 -12.79 -27.84 1.57
CA LEU C 248 -16.11 -27.12 -0.16
CA GLY C 249 -18.62 -25.05 1.74
CA SER C 250 -21.65 -26.43 3.56
CA GLN C 251 -23.99 -28.53 1.43
CA GLU C 252 -27.06 -28.13 3.65
CA GLY C 253 -28.37 -25.67 1.07
CA ALA C 254 -27.49 -27.72 -1.99
CA MET C 255 -29.32 -30.52 -0.21
CA HIS C 256 -32.45 -28.58 0.81
CA THR C 257 -33.17 -27.14 -2.61
CA ALA C 258 -32.42 -30.67 -3.90
CA LEU C 259 -35.05 -32.45 -1.79
CA THR C 260 -37.89 -30.19 -2.91
CA GLY C 261 -40.48 -32.57 -4.34
CA ALA C 262 -39.94 -35.63 -2.12
CA THR C 263 -42.62 -36.24 0.50
CA GLU C 264 -41.72 -34.38 3.70
CA ILE C 265 -42.05 -36.38 6.92
CA GLN C 266 -43.05 -34.84 10.22
CA MET C 267 -41.25 -35.83 13.41
CA SER C 268 -40.61 -35.05 17.06
CA SER C 269 -38.42 -36.26 19.92
CA GLY C 270 -36.21 -37.80 17.26
CA ASN C 271 -39.02 -40.11 16.18
CA LEU C 272 -40.54 -40.08 12.71
CA LEU C 273 -44.33 -39.81 12.37
CA PHE C 274 -46.59 -41.22 9.68
CA THR C 275 -48.17 -42.31 4.31
CA GLY C 276 -51.25 -44.46 3.99
CA HIS C 277 -53.80 -46.28 6.08
CA LEU C 278 -54.19 -48.49 9.10
CA LYS C 279 -57.13 -50.89 8.89
CA CYS C 280 -58.45 -51.97 12.24
CA ARG C 281 -61.05 -54.20 13.82
CA LEU C 282 -62.70 -53.21 17.12
CA ARG C 283 -64.58 -55.43 19.54
CA MET C 284 -66.89 -53.68 22.03
CA ASP C 285 -68.56 -56.59 23.85
CA LYS C 286 -66.64 -55.66 26.98
CA LEU C 287 -67.91 -52.08 26.76
CA GLN C 288 -71.10 -50.59 28.14
CA LEU C 289 -73.13 -47.40 28.12
CA LYS C 290 -72.73 -45.11 31.08
CA GLY C 291 -75.62 -44.38 33.39
CA MET C 292 -78.28 -46.84 32.28
CA SER C 293 -80.03 -46.78 35.59
CA TYR C 294 -80.14 -43.06 35.81
CA SER C 295 -83.37 -41.29 36.25
CA MET C 296 -84.96 -39.28 33.50
CA CYS C 297 -84.14 -35.62 34.07
CA THR C 298 -87.39 -33.97 35.12
CA GLY C 299 -86.16 -30.39 35.52
CA LYS C 300 -85.69 -27.87 32.72
CA PHE C 301 -82.75 -27.09 30.50
CA LYS C 302 -81.29 -23.94 29.07
CA VAL C 303 -79.34 -23.61 25.84
CA VAL C 304 -75.88 -22.56 26.93
CA LYS C 305 -74.32 -22.66 23.49
CA GLU C 306 -76.27 -22.84 20.27
CA ILE C 307 -77.24 -25.56 17.82
CA ALA C 308 -74.45 -25.36 15.26
CA GLU C 309 -74.21 -27.58 12.20
CA THR C 310 -71.08 -29.66 11.46
CA GLN C 311 -69.73 -30.27 8.00
CA HIS C 312 -71.57 -33.59 7.87
CA GLY C 313 -75.14 -32.64 8.52
CA THR C 314 -75.00 -33.29 12.24
CA ILE C 315 -75.87 -30.59 14.81
CA VAL C 316 -74.16 -29.92 18.14
CA ILE C 317 -75.92 -28.27 21.09
CA ARG C 318 -74.83 -27.48 24.63
CA VAL C 319 -77.41 -27.29 27.33
CA GLN C 320 -77.40 -26.78 31.04
CA TYR C 321 -79.64 -28.61 33.50
CA GLU C 322 -81.41 -26.57 36.11
CA GLY C 323 -83.58 -29.31 37.54
CA ASP C 324 -83.00 -31.10 40.83
CA GLY C 325 -82.45 -34.74 39.83
CA SER C 326 -78.76 -35.17 38.79
CA PRO C 327 -77.28 -37.64 37.98
CA CYS C 328 -79.92 -38.21 35.32
CA LYS C 329 -80.53 -38.99 31.62
CA ILE C 330 -81.40 -36.13 29.27
CA PRO C 331 -84.81 -36.45 27.52
CA PHE C 332 -83.80 -35.92 23.90
CA GLU C 333 -85.88 -36.46 20.79
CA ILE C 334 -86.04 -35.07 17.27
CA MET C 335 -89.55 -34.82 15.81
CA ASP C 336 -91.17 -33.75 12.57
CA LEU C 337 -93.55 -30.87 11.88
CA GLU C 338 -96.96 -32.46 12.88
CA LYS C 339 -95.44 -32.96 16.31
CA ARG C 340 -95.54 -36.78 16.40
CA HIS C 341 -93.08 -39.10 14.65
CA VAL C 342 -89.37 -39.25 15.71
CA LEU C 343 -87.11 -38.41 12.74
CA GLY C 344 -83.60 -38.26 14.08
CA ARG C 345 -80.88 -40.29 15.72
CA LEU C 346 -78.42 -39.29 18.42
CA ILE C 347 -74.72 -39.49 17.73
CA THR C 348 -73.87 -38.69 21.35
CA VAL C 349 -75.89 -41.58 22.67
CA ASN C 350 -77.38 -41.72 26.15
CA PRO C 351 -76.92 -38.03 27.08
CA ILE C 352 -76.72 -37.59 30.87
CA VAL C 353 -76.37 -34.70 33.33
CA THR C 354 -73.57 -35.32 35.79
CA GLU C 355 -73.50 -32.03 37.72
CA LYS C 356 -76.05 -29.22 37.98
CA ASP C 357 -73.69 -26.52 36.74
CA SER C 358 -71.64 -28.48 34.20
CA PRO C 359 -73.00 -28.11 30.64
CA VAL C 360 -73.50 -31.12 28.40
CA ASN C 361 -72.74 -31.31 24.69
CA ILE C 362 -74.93 -33.44 22.43
CA GLU C 363 -74.44 -34.25 18.77
CA ALA C 364 -77.41 -35.44 16.82
CA GLU C 365 -78.27 -36.22 13.25
CA PRO C 366 -81.50 -34.41 12.33
CA PRO C 367 -83.43 -35.38 9.19
CA PHE C 368 -83.18 -33.25 6.05
CA GLY C 369 -85.23 -30.11 6.12
CA ASP C 370 -87.55 -29.04 8.94
CA SER C 371 -87.31 -30.83 12.24
CA TYR C 372 -87.67 -30.33 15.99
CA ILE C 373 -85.19 -30.60 18.78
CA ILE C 374 -87.11 -31.27 21.96
CA ILE C 375 -84.94 -31.18 25.07
CA GLY C 376 -86.34 -32.22 28.42
CA VAL C 377 -89.92 -32.86 29.37
CA GLU C 378 -92.75 -30.41 30.00
CA PRO C 379 -92.92 -28.06 31.98
CA GLY C 380 -90.54 -25.71 30.13
CA GLN C 381 -89.52 -28.31 27.65
CA LEU C 382 -87.18 -26.86 24.99
CA LYS C 383 -88.55 -27.04 21.41
CA LEU C 384 -85.97 -25.81 18.95
CA ASP C 385 -86.49 -25.30 15.21
CA TRP C 386 -84.02 -26.66 12.76
CA PHE C 387 -83.75 -26.75 8.99
CA LYS C 388 -81.30 -29.08 7.35
CA LYS C 389 -79.07 -28.11 4.47
CA GLY C 390 -79.90 -29.18 0.95
CA PHE D 1 -13.04 20.77 4.99
CA HIS D 2 -16.17 22.78 5.77
CA LEU D 3 -17.88 21.69 8.97
CA THR D 4 -21.69 22.04 8.90
CA THR D 5 -24.60 19.87 10.11
CA ARG D 6 -27.30 17.50 8.83
CA ASN D 7 -30.18 17.10 11.27
CA GLY D 8 -28.21 17.95 14.39
CA GLU D 9 -25.37 15.71 13.30
CA PRO D 10 -21.95 16.95 12.14
CA HIS D 11 -21.41 16.97 8.35
CA MET D 12 -18.04 17.17 6.55
CA ILE D 13 -17.69 18.73 3.10
CA VAL D 14 -14.32 17.28 2.12
CA SER D 15 -12.28 18.79 -0.69
CA ARG D 16 -9.63 17.17 -2.89
CA GLN D 17 -6.57 18.40 -1.00
CA GLU D 18 -7.57 16.48 2.10
CA LYS D 19 -7.32 13.01 0.59
CA GLY D 20 -5.09 10.93 2.83
CA LYS D 21 -5.18 13.06 5.95
CA SER D 22 -6.80 12.55 9.33
CA LEU D 23 -9.93 14.68 9.75
CA LEU D 24 -10.14 16.36 13.17
CA PHE D 25 -12.85 18.61 14.60
CA LYS D 26 -13.71 19.59 18.17
CA THR D 27 -17.03 18.58 19.75
CA GLU D 28 -18.58 18.97 23.19
CA ASP D 29 -17.63 15.32 23.80
CA GLY D 30 -13.95 15.95 23.08
CA VAL D 31 -11.99 15.82 19.85
CA ASN D 32 -13.39 13.71 17.01
CA MET D 33 -11.13 11.90 14.54
CA CYS D 34 -12.77 10.62 11.35
CA THR D 35 -10.83 8.55 8.90
CA LEU D 36 -11.53 8.91 5.19
CA MET D 37 -10.34 6.06 2.97
CA ALA D 38 -12.54 6.74 -0.08
CA MET D 39 -10.54 5.75 -3.17
CA ASP D 40 -12.90 7.73 -5.44
CA LEU D 41 -12.49 10.98 -3.47
CA GLY D 42 -11.95 13.68 -6.09
CA GLU D 43 -12.72 17.35 -6.75
CA LEU D 44 -15.76 19.01 -5.21
CA CYS D 45 -18.33 19.41 -7.96
CA GLU D 46 -21.93 18.65 -8.97
CA ASP D 47 -21.36 14.94 -8.74
CA THR D 48 -21.33 14.64 -4.96
CA ILE D 49 -21.49 11.63 -2.68
CA THR D 50 -23.03 11.93 0.78
CA TYR D 51 -23.15 9.23 3.42
CA LYS D 52 -22.38 8.39 7.04
CA CYS D 53 -19.16 7.56 8.82
CA PRO D 54 -20.10 5.32 11.77
CA LEU D 55 -18.68 5.44 15.26
CA LEU D 56 -16.26 2.58 15.78
CA ARG D 57 -15.00 1.66 19.24
CA GLN D 58 -12.38 -1.10 19.37
CA ASN D 59 -13.82 -2.87 16.32
CA GLU D 60 -12.05 -3.38 13.01
CA PRO D 61 -13.74 -1.66 10.03
CA GLU D 62 -15.54 -3.84 7.51
CA ASP D 63 -17.16 -2.93 4.21
CA ILE D 64 -16.64 0.84 4.76
CA ASP D 65 -14.19 3.60 3.81
CA CYS D 66 -15.18 6.21 6.38
CA TRP D 67 -15.51 6.12 10.16
CA CYS D 68 -15.01 8.32 13.21
CA ASN D 69 -14.00 7.28 16.72
CA SER D 70 -16.01 9.57 18.97
CA THR D 71 -19.12 10.75 17.20
CA SER D 72 -20.82 9.48 14.04
CA THR D 73 -20.37 12.02 11.23
CA TRP D 74 -21.85 12.57 7.77
CA VAL D 75 -19.40 13.14 4.91
CA THR D 76 -19.71 14.63 1.43
CA TYR D 77 -17.22 14.89 -1.41
CA GLY D 78 -17.15 15.18 -5.19
CA THR D 79 -15.85 12.52 -7.59
CA CYS D 80 -14.72 14.84 -10.44
CA THR D 81 -11.06 15.01 -11.43
CA PHE E 1 16.29 -2.06 -9.80
CA HIS E 2 15.50 0.15 -12.78
CA LEU E 3 12.94 2.84 -12.00
CA THR E 4 10.69 3.74 -14.96
CA THR E 5 6.95 4.47 -15.35
CA ARG E 6 3.71 2.87 -16.59
CA ASN E 7 1.01 5.43 -17.36
CA GLY E 8 2.31 8.12 -15.02
CA GLU E 9 2.79 5.58 -12.25
CA PRO E 10 6.19 4.39 -10.98
CA HIS E 11 7.33 0.97 -12.29
CA MET E 12 10.06 -1.23 -10.77
CA ILE E 13 12.12 -3.63 -12.90
CA VAL E 14 13.50 -5.84 -10.12
CA SER E 15 16.52 -8.06 -10.71
CA ARG E 16 17.54 -11.25 -8.92
CA GLN E 17 20.08 -9.71 -6.55
CA GLU E 18 17.41 -7.63 -4.86
CA LYS E 19 15.37 -10.53 -3.48
CA GLY E 20 14.90 -9.96 0.23
CA LYS E 21 15.74 -6.29 0.40
CA SER E 22 13.61 -3.21 1.01
CA LEU E 23 13.00 -1.25 -2.18
CA LEU E 24 13.37 2.52 -1.72
CA PHE E 25 12.91 5.33 -4.23
CA LYS E 26 12.33 9.06 -3.80
CA THR E 27 9.08 10.70 -4.93
CA GLU E 28 7.64 14.21 -4.73
CA ASP E 29 5.51 12.94 -1.83
CA GLY E 30 8.54 11.80 0.17
CA VAL E 31 10.42 8.51 0.20
CA ASN E 32 8.54 5.40 -0.94
CA MET E 33 9.23 1.97 0.56
CA CYS E 34 7.85 -1.02 -1.34
CA THR E 35 8.15 -4.50 0.06
CA LEU E 36 8.69 -7.43 -2.27
CA MET E 37 7.88 -10.88 -0.88
CA ALA E 38 7.51 -12.76 -4.18
CA MET E 39 8.75 -16.32 -3.59
CA ASP E 40 9.08 -16.93 -7.35
CA LEU E 41 11.31 -13.87 -7.92
CA GLY E 42 14.14 -15.08 -10.15
CA GLU E 43 16.40 -13.89 -12.96
CA LEU E 44 15.27 -11.16 -15.33
CA CYS E 45 14.42 -12.85 -18.62
CA GLU E 46 11.70 -13.29 -21.25
CA ASP E 47 9.34 -14.84 -18.76
CA THR E 48 8.39 -11.69 -16.89
CA ILE E 49 5.64 -10.98 -14.38
CA THR E 50 4.15 -7.50 -14.11
CA TYR E 51 1.59 -6.36 -11.58
CA LYS E 52 0.76 -3.73 -8.97
CA CYS E 53 1.94 -3.23 -5.42
CA PRO E 54 -0.91 -1.44 -3.59
CA LEU E 55 -0.58 1.36 -1.08
CA LEU E 56 -1.16 0.05 2.42
CA ARG E 57 -1.68 2.39 5.35
CA GLN E 58 -1.96 0.74 8.77
CA ASN E 59 -3.57 -2.41 7.33
CA GLU E 60 -2.10 -5.88 7.41
CA PRO E 61 -1.37 -7.37 3.95
CA GLU E 62 -3.63 -10.15 2.70
CA ASP E 63 -3.38 -12.30 -0.43
CA ILE E 64 -0.42 -10.27 -1.82
CA ASP E 65 3.38 -10.39 -1.96
CA CYS E 66 4.09 -6.79 -2.92
CA TRP E 67 3.04 -3.47 -1.44
CA CYS E 68 4.33 0.05 -0.89
CA ASN E 69 3.56 2.45 1.94
CA SER E 70 3.42 5.85 0.27
CA THR E 71 2.57 5.48 -3.38
CA SER E 72 1.16 2.52 -5.33
CA THR E 73 3.86 1.09 -7.61
CA TRP E 74 3.97 -1.37 -10.51
CA VAL E 75 6.58 -4.14 -10.33
CA THR E 76 8.17 -6.45 -12.88
CA TYR E 77 10.58 -9.35 -12.50
CA GLY E 78 11.60 -12.53 -14.27
CA THR E 79 11.02 -16.08 -12.99
CA CYS E 80 14.02 -17.78 -14.68
CA THR E 81 16.77 -19.36 -12.58
CA PHE F 1 9.81 -19.30 16.60
CA HIS F 2 9.72 -22.53 18.58
CA LEU F 3 12.44 -24.98 17.55
CA THR F 4 11.40 -28.65 17.85
CA THR F 5 11.92 -31.76 15.67
CA ARG F 6 10.08 -34.05 13.23
CA ASN F 7 11.74 -37.44 12.85
CA GLY F 8 15.23 -36.30 13.82
CA GLU F 9 14.95 -33.26 11.59
CA PRO F 10 14.63 -29.68 12.86
CA HIS F 11 11.10 -28.21 12.77
CA MET F 12 10.18 -24.51 12.97
CA ILE F 13 6.88 -23.33 14.44
CA VAL F 14 6.82 -19.80 13.00
CA SER F 15 4.55 -17.13 14.47
CA ARG F 16 3.14 -14.02 12.83
CA GLN F 17 5.68 -11.52 14.16
CA GLU F 18 8.49 -13.26 12.30
CA LYS F 19 7.20 -12.61 8.80
CA GLY F 20 9.99 -10.99 6.82
CA LYS F 21 12.91 -11.87 9.01
CA SER F 22 15.80 -14.28 8.58
CA LEU F 23 15.37 -17.42 10.68
CA LEU F 24 18.58 -18.49 12.45
CA PHE F 25 19.23 -21.49 14.69
CA LYS F 26 22.44 -23.21 15.76
CA THR F 27 23.17 -26.81 14.74
CA GLU F 28 26.11 -29.18 15.21
CA ASP F 29 27.05 -28.39 11.59
CA GLY F 30 27.25 -24.65 12.24
CA VAL F 31 24.60 -21.94 12.07
CA ASN F 32 21.56 -22.59 9.86
CA MET F 33 19.79 -19.77 8.02
CA CYS F 34 16.34 -20.55 6.62
CA THR F 35 14.49 -18.05 4.52
CA LEU F 36 10.72 -17.80 4.77
CA MET F 37 8.96 -16.08 1.87
CA ALA F 38 5.44 -17.46 2.43
CA MET F 39 2.97 -14.75 1.39
CA ASP F 40 0.13 -16.49 3.28
CA LEU F 41 2.05 -16.58 6.59
CA GLY F 42 -0.44 -15.44 9.22
CA GLU F 43 -1.38 -16.05 12.86
CA LEU F 44 -0.68 -19.39 14.51
CA CYS F 45 -4.00 -21.19 14.81
CA GLU F 46 -5.85 -24.42 13.98
CA ASP F 47 -5.38 -23.92 10.28
CA THR F 48 -1.71 -24.81 10.08
CA ILE F 49 0.56 -25.52 7.13
CA THR F 50 3.52 -27.87 7.50
CA TYR F 51 6.12 -28.61 4.89
CA LYS F 52 9.85 -28.77 4.15
CA CYS F 53 12.40 -26.08 3.41
CA PRO F 54 15.08 -27.72 1.23
CA LEU F 55 18.81 -27.20 1.46
CA LEU F 56 20.00 -24.98 -1.35
CA ARG F 57 23.67 -24.62 -2.15
CA GLN F 58 24.54 -22.09 -4.87
CA ASN F 59 21.28 -22.72 -6.75
CA GLU F 60 18.54 -20.17 -7.32
CA PRO F 61 15.18 -21.08 -5.70
CA GLU F 62 12.35 -22.18 -7.97
CA ASP F 63 8.72 -22.94 -7.17
CA ILE F 64 9.28 -22.59 -3.38
CA ASP F 65 8.90 -20.00 -0.62
CA CYS F 66 11.06 -21.62 2.04
CA TRP F 67 14.63 -22.88 2.05
CA CYS F 68 17.64 -23.17 4.33
CA ASN F 69 21.32 -23.05 3.42
CA SER F 70 22.93 -25.58 5.73
CA THR F 71 20.42 -28.15 6.82
CA SER F 72 16.97 -29.00 5.44
CA THR F 73 14.29 -27.89 7.91
CA TRP F 74 10.56 -28.47 8.35
CA VAL F 75 8.37 -25.39 8.88
CA THR F 76 4.90 -24.83 10.28
CA TYR F 77 2.75 -21.71 10.48
CA GLY F 78 -0.89 -20.71 10.68
CA THR F 79 -2.83 -18.84 7.97
CA CYS F 80 -5.36 -17.05 10.23
CA THR F 81 -5.43 -13.25 10.42
N ASP G 1 19.24 4.87 13.40
CA ASP G 1 19.09 5.45 12.07
C ASP G 1 20.27 5.08 11.18
N VAL G 2 20.39 5.80 10.08
CA VAL G 2 21.44 5.57 9.10
C VAL G 2 22.78 5.97 9.69
N GLN G 3 23.75 5.09 9.59
CA GLN G 3 25.04 5.36 10.19
C GLN G 3 26.14 5.01 9.20
N LEU G 4 27.06 5.94 8.99
CA LEU G 4 28.20 5.70 8.11
C LEU G 4 29.47 6.11 8.82
N VAL G 5 30.41 5.17 8.97
CA VAL G 5 31.64 5.46 9.69
C VAL G 5 32.90 5.07 8.90
N GLU G 6 33.86 5.98 8.81
CA GLU G 6 35.04 5.75 7.99
C GLU G 6 36.32 5.58 8.79
N SER G 7 37.34 5.04 8.13
CA SER G 7 38.67 4.90 8.70
C SER G 7 39.65 4.60 7.59
N GLY G 8 40.94 4.51 7.94
CA GLY G 8 41.97 4.18 6.98
C GLY G 8 42.78 5.38 6.50
N GLY G 9 42.43 6.57 6.93
CA GLY G 9 43.19 7.74 6.54
C GLY G 9 44.58 7.71 7.14
N GLY G 10 45.44 8.62 6.69
CA GLY G 10 46.76 8.75 7.27
C GLY G 10 47.71 9.35 6.28
N LEU G 11 49.01 9.26 6.58
CA LEU G 11 50.05 9.81 5.72
C LEU G 11 50.62 8.74 4.79
N VAL G 12 50.77 9.09 3.52
CA VAL G 12 51.35 8.21 2.52
C VAL G 12 52.29 9.01 1.60
N GLN G 13 53.36 8.37 1.12
CA GLN G 13 54.27 9.00 0.18
C GLN G 13 53.64 9.03 -1.19
N PRO G 14 54.06 9.99 -2.04
CA PRO G 14 53.56 10.02 -3.41
C PRO G 14 53.87 8.70 -4.12
N GLY G 15 52.97 8.25 -4.98
CA GLY G 15 53.17 6.99 -5.67
C GLY G 15 52.76 5.83 -4.78
N GLY G 16 52.55 6.12 -3.50
CA GLY G 16 52.14 5.09 -2.56
C GLY G 16 50.70 4.62 -2.81
N SER G 17 50.22 3.77 -1.92
CA SER G 17 48.85 3.25 -1.99
C SER G 17 48.22 3.25 -0.61
N ARG G 18 46.90 3.28 -0.56
CA ARG G 18 46.15 3.17 0.70
C ARG G 18 44.69 2.78 0.47
N LYS G 19 44.08 2.19 1.49
CA LYS G 19 42.69 1.72 1.40
C LYS G 19 41.81 2.30 2.51
N LEU G 20 40.75 3.01 2.12
CA LEU G 20 39.83 3.59 3.10
C LEU G 20 38.62 2.69 3.25
N SER G 21 38.02 2.70 4.44
CA SER G 21 36.81 1.91 4.67
C SER G 21 35.68 2.81 5.09
N CYS G 22 34.46 2.38 4.77
CA CYS G 22 33.25 3.06 5.20
C CYS G 22 32.22 2.04 5.69
N ALA G 23 32.02 1.98 7.00
CA ALA G 23 31.07 1.02 7.56
C ALA G 23 29.66 1.61 7.55
N ALA G 24 28.66 0.78 7.20
CA ALA G 24 27.27 1.23 7.18
C ALA G 24 26.38 0.46 8.15
N SER G 25 25.38 1.14 8.72
CA SER G 25 24.36 0.45 9.51
C SER G 25 23.05 1.24 9.56
N GLY G 26 21.97 0.55 9.92
CA GLY G 26 20.67 1.17 10.06
C GLY G 26 19.95 1.32 8.73
N PHE G 27 20.43 0.62 7.70
CA PHE G 27 19.68 0.52 6.44
C PHE G 27 20.11 -0.70 5.65
N THR G 28 19.38 -1.02 4.60
CA THR G 28 19.75 -2.16 3.81
C THR G 28 20.86 -1.75 2.84
N PHE G 29 22.11 -1.99 3.25
CA PHE G 29 23.29 -1.52 2.52
C PHE G 29 23.28 -1.94 1.06
N SER G 30 23.00 -3.22 0.81
CA SER G 30 23.03 -3.76 -0.54
C SER G 30 21.91 -3.24 -1.46
N SER G 31 21.05 -2.37 -0.96
CA SER G 31 20.05 -1.75 -1.81
C SER G 31 20.36 -0.32 -2.25
N PHE G 32 21.55 0.20 -1.90
CA PHE G 32 21.90 1.59 -2.26
C PHE G 32 23.24 1.71 -3.00
N GLY G 33 23.27 2.55 -4.02
CA GLY G 33 24.54 2.95 -4.61
C GLY G 33 25.24 3.83 -3.58
N MET G 34 26.56 3.88 -3.62
CA MET G 34 27.34 4.67 -2.66
C MET G 34 28.39 5.52 -3.39
N HIS G 35 28.77 6.64 -2.79
CA HIS G 35 29.77 7.53 -3.38
C HIS G 35 30.93 7.77 -2.43
N TRP G 36 32.10 8.05 -3.02
CA TRP G 36 33.19 8.72 -2.32
C TRP G 36 33.30 10.14 -2.89
N VAL G 37 33.50 11.12 -2.02
CA VAL G 37 33.58 12.53 -2.38
C VAL G 37 34.72 13.03 -1.50
N ARG G 38 35.52 13.94 -2.01
CA ARG G 38 36.59 14.48 -1.27
C ARG G 38 36.63 16.04 -1.12
N GLN G 39 37.38 16.47 -0.16
CA GLN G 39 37.48 17.83 0.19
C GLN G 39 38.86 18.20 0.65
N ALA G 40 39.52 18.91 -0.22
CA ALA G 40 40.90 19.30 0.00
C ALA G 40 41.02 20.45 0.95
N PRO G 41 42.23 20.67 1.43
CA PRO G 41 42.52 21.75 2.37
C PRO G 41 42.12 23.11 1.83
N GLU G 42 42.25 23.31 0.54
CA GLU G 42 41.69 24.49 -0.09
C GLU G 42 41.27 24.32 -1.55
N LYS G 43 40.20 23.63 -1.84
CA LYS G 43 39.28 23.08 -0.89
C LYS G 43 38.04 23.08 -1.73
N GLY G 44 36.90 22.76 -1.16
CA GLY G 44 35.76 22.47 -1.96
C GLY G 44 35.58 20.99 -2.14
N LEU G 45 34.36 20.60 -2.31
CA LEU G 45 33.99 19.22 -2.51
C LEU G 45 34.25 18.74 -3.91
N GLU G 46 34.66 17.50 -4.02
CA GLU G 46 34.93 16.92 -5.29
C GLU G 46 34.53 15.47 -5.39
N TRP G 47 33.65 15.18 -6.31
CA TRP G 47 33.19 13.81 -6.49
C TRP G 47 34.30 12.86 -6.96
N VAL G 48 34.45 11.74 -6.28
CA VAL G 48 35.53 10.80 -6.60
C VAL G 48 35.04 9.55 -7.35
N ALA G 49 34.02 8.87 -6.83
CA ALA G 49 33.63 7.58 -7.38
C ALA G 49 32.23 7.11 -6.96
N TYR G 50 31.62 6.30 -7.82
CA TYR G 50 30.31 5.78 -7.51
C TYR G 50 30.27 4.29 -7.80
N ILE G 51 29.53 3.55 -6.98
CA ILE G 51 29.30 2.13 -7.21
C ILE G 51 27.83 1.79 -6.94
N SER G 52 27.18 1.12 -7.89
CA SER G 52 25.77 0.74 -7.71
C SER G 52 25.64 -0.32 -6.64
N SER G 53 24.41 -0.53 -6.19
CA SER G 53 24.12 -1.43 -5.08
C SER G 53 24.78 -2.81 -5.24
N GLY G 54 24.74 -3.38 -6.44
CA GLY G 54 25.33 -4.69 -6.66
C GLY G 54 26.73 -4.71 -7.27
N SER G 55 27.43 -3.58 -7.23
CA SER G 55 28.80 -3.45 -7.76
C SER G 55 28.93 -3.67 -9.26
N SER G 56 27.88 -3.41 -10.02
CA SER G 56 27.99 -3.63 -11.45
C SER G 56 28.31 -2.33 -12.19
N THR G 57 27.63 -1.25 -11.85
CA THR G 57 27.94 0.03 -12.47
C THR G 57 28.90 0.82 -11.57
N LEU G 58 30.09 1.09 -12.09
CA LEU G 58 31.08 1.89 -11.37
C LEU G 58 31.42 3.12 -12.20
N HIS G 59 31.60 4.25 -11.54
CA HIS G 59 31.97 5.48 -12.23
C HIS G 59 33.10 6.13 -11.50
N TYR G 60 33.94 6.85 -12.23
CA TYR G 60 35.08 7.51 -11.63
C TYR G 60 35.25 8.92 -12.13
N ALA G 61 35.77 9.79 -11.28
CA ALA G 61 36.18 11.10 -11.76
C ALA G 61 37.42 10.93 -12.66
N ASP G 62 37.53 11.79 -13.65
CA ASP G 62 38.65 11.83 -14.58
C ASP G 62 40.02 11.77 -13.89
N THR G 63 40.22 12.57 -12.85
CA THR G 63 41.52 12.63 -12.20
C THR G 63 41.89 11.41 -11.36
N VAL G 64 40.97 10.47 -11.21
CA VAL G 64 41.29 9.27 -10.44
C VAL G 64 41.23 7.98 -11.27
N LYS G 65 40.61 8.03 -12.44
CA LYS G 65 40.44 6.86 -13.31
C LYS G 65 41.76 6.11 -13.52
N GLY G 66 41.73 4.79 -13.31
CA GLY G 66 42.93 3.97 -13.48
C GLY G 66 43.90 4.00 -12.31
N ARG G 67 43.63 4.84 -11.32
CA ARG G 67 44.47 4.89 -10.13
C ARG G 67 43.70 4.40 -8.90
N PHE G 68 42.43 4.81 -8.80
CA PHE G 68 41.59 4.43 -7.67
C PHE G 68 40.65 3.30 -8.11
N THR G 69 40.30 2.41 -7.18
CA THR G 69 39.23 1.46 -7.41
C THR G 69 38.26 1.51 -6.23
N ILE G 70 36.98 1.55 -6.54
CA ILE G 70 35.93 1.56 -5.53
C ILE G 70 35.30 0.18 -5.51
N SER G 71 35.04 -0.31 -4.32
CA SER G 71 34.43 -1.63 -4.21
C SER G 71 33.61 -1.68 -2.95
N ARG G 72 32.89 -2.79 -2.79
CA ARG G 72 32.09 -3.01 -1.61
C ARG G 72 32.00 -4.49 -1.25
N ASP G 73 31.83 -4.73 0.04
CA ASP G 73 31.58 -6.05 0.58
C ASP G 73 30.21 -6.01 1.21
N ASN G 74 29.18 -6.34 0.45
CA ASN G 74 27.80 -6.30 0.95
C ASN G 74 27.51 -7.18 2.17
N PRO G 75 28.04 -8.43 2.22
CA PRO G 75 27.80 -9.23 3.44
C PRO G 75 28.33 -8.55 4.70
N LYS G 76 29.44 -7.82 4.60
CA LYS G 76 30.01 -7.15 5.76
C LYS G 76 29.59 -5.68 5.86
N ASN G 77 28.62 -5.29 5.03
CA ASN G 77 28.09 -3.94 5.03
C ASN G 77 29.17 -2.87 4.97
N THR G 78 30.16 -3.06 4.12
CA THR G 78 31.29 -2.13 4.07
C THR G 78 31.64 -1.70 2.66
N LEU G 79 31.91 -0.40 2.51
CA LEU G 79 32.28 0.23 1.25
C LEU G 79 33.76 0.54 1.34
N PHE G 80 34.48 0.40 0.23
CA PHE G 80 35.92 0.64 0.21
C PHE G 80 36.37 1.60 -0.89
N LEU G 81 37.53 2.24 -0.68
CA LEU G 81 38.19 2.98 -1.73
C LEU G 81 39.66 2.59 -1.74
N GLN G 82 40.08 1.92 -2.81
CA GLN G 82 41.47 1.52 -2.97
C GLN G 82 42.21 2.57 -3.77
N MET G 83 43.17 3.22 -3.11
CA MET G 83 43.92 4.30 -3.74
C MET G 83 45.35 3.84 -4.03
N THR G 84 45.81 4.06 -5.26
CA THR G 84 47.18 3.72 -5.65
C THR G 84 47.77 4.87 -6.46
N SER G 85 49.08 4.84 -6.71
CA SER G 85 49.74 5.88 -7.49
C SER G 85 49.38 7.30 -6.99
N LEU G 86 49.43 7.44 -5.66
CA LEU G 86 48.99 8.65 -4.98
C LEU G 86 49.80 9.90 -5.34
N ARG G 87 49.09 10.98 -5.66
CA ARG G 87 49.71 12.30 -5.86
C ARG G 87 49.41 13.25 -4.72
N SER G 88 50.20 14.29 -4.63
CA SER G 88 50.00 15.38 -3.68
C SER G 88 48.59 15.93 -3.70
N GLU G 89 48.03 16.00 -4.91
CA GLU G 89 46.72 16.60 -5.10
C GLU G 89 45.61 15.70 -4.59
N ASP G 90 45.94 14.47 -4.21
CA ASP G 90 44.96 13.58 -3.62
C ASP G 90 44.81 13.85 -2.13
N THR G 91 45.61 14.78 -1.62
CA THR G 91 45.51 15.17 -0.23
C THR G 91 44.12 15.77 0.03
N ALA G 92 43.34 15.14 0.90
CA ALA G 92 41.99 15.61 1.14
C ALA G 92 41.35 14.91 2.32
N MET G 93 40.24 15.47 2.77
CA MET G 93 39.33 14.73 3.61
C MET G 93 38.42 13.88 2.70
N TYR G 94 38.37 12.57 2.94
CA TYR G 94 37.51 11.68 2.13
C TYR G 94 36.21 11.29 2.84
N TYR G 95 35.09 11.54 2.19
CA TYR G 95 33.77 11.17 2.71
C TYR G 95 33.14 10.08 1.87
N CYS G 96 32.44 9.15 2.51
CA CYS G 96 31.50 8.31 1.79
C CYS G 96 30.08 8.87 1.94
N ALA G 97 29.25 8.67 0.93
CA ALA G 97 27.88 9.15 0.99
C ALA G 97 26.93 8.15 0.35
N ARG G 98 25.76 7.99 0.94
CA ARG G 98 24.76 7.10 0.38
C ARG G 98 24.02 7.79 -0.75
N TRP G 99 23.80 7.07 -1.84
CA TRP G 99 22.97 7.55 -2.93
C TRP G 99 21.54 7.17 -2.65
N GLY G 100 20.85 7.97 -1.84
CA GLY G 100 19.50 7.65 -1.43
C GLY G 100 18.48 8.65 -1.95
N ASN G 101 17.48 8.92 -1.11
CA ASN G 101 16.48 9.95 -1.39
C ASN G 101 15.63 9.66 -2.62
N TYR G 102 15.49 8.38 -2.93
CA TYR G 102 14.67 7.89 -4.05
C TYR G 102 13.25 8.45 -3.99
N PRO G 103 12.71 8.87 -5.15
CA PRO G 103 13.31 8.85 -6.48
C PRO G 103 14.02 10.16 -6.84
N HIS G 104 14.21 11.04 -5.87
CA HIS G 104 14.99 12.25 -6.10
C HIS G 104 16.41 12.01 -5.61
N TYR G 105 17.15 11.22 -6.38
CA TYR G 105 18.48 10.74 -5.99
C TYR G 105 19.38 11.86 -5.50
N ALA G 106 19.92 11.66 -4.30
CA ALA G 106 20.77 12.67 -3.68
C ALA G 106 21.66 12.04 -2.63
N MET G 107 22.81 12.64 -2.40
CA MET G 107 23.67 12.21 -1.32
C MET G 107 23.09 12.63 0.02
N ASP G 108 22.20 11.79 0.54
CA ASP G 108 21.42 12.11 1.73
C ASP G 108 22.10 11.86 3.07
N TYR G 109 23.05 10.92 3.11
CA TYR G 109 23.77 10.61 4.33
C TYR G 109 25.27 10.49 4.08
N TRP G 110 26.06 11.15 4.92
CA TRP G 110 27.50 11.26 4.74
C TRP G 110 28.25 10.70 5.94
N GLY G 111 29.41 10.10 5.70
CA GLY G 111 30.27 9.67 6.79
C GLY G 111 30.95 10.88 7.42
N GLN G 112 31.79 10.65 8.43
CA GLN G 112 32.40 11.75 9.18
C GLN G 112 33.62 12.34 8.47
N GLY G 113 34.16 11.62 7.50
CA GLY G 113 35.37 12.05 6.82
C GLY G 113 36.61 11.44 7.45
N THR G 114 37.52 10.96 6.61
CA THR G 114 38.79 10.45 7.08
C THR G 114 39.92 11.10 6.27
N SER G 115 40.94 11.59 6.97
CA SER G 115 41.93 12.45 6.34
C SER G 115 43.07 11.70 5.68
N VAL G 116 43.34 12.04 4.42
CA VAL G 116 44.49 11.50 3.70
C VAL G 116 45.46 12.61 3.32
N THR G 117 46.70 12.47 3.76
CA THR G 117 47.77 13.39 3.39
C THR G 117 48.79 12.63 2.54
N VAL G 118 49.09 13.16 1.37
CA VAL G 118 50.08 12.53 0.50
C VAL G 118 51.28 13.45 0.38
N SER G 119 52.40 13.00 0.94
CA SER G 119 53.59 13.83 1.07
C SER G 119 54.83 12.97 1.33
N SER G 120 56.00 13.47 0.95
CA SER G 120 57.23 12.75 1.23
C SER G 120 57.80 13.20 2.56
N ALA G 121 57.21 14.25 3.13
CA ALA G 121 57.54 14.65 4.48
C ALA G 121 57.16 13.54 5.46
N LYS G 122 57.95 13.39 6.52
CA LYS G 122 57.72 12.34 7.50
C LYS G 122 57.00 12.82 8.77
N THR G 123 56.40 11.88 9.49
CA THR G 123 55.68 12.19 10.72
C THR G 123 56.60 12.73 11.79
N THR G 124 56.31 13.96 12.24
CA THR G 124 57.14 14.60 13.26
C THR G 124 56.29 15.28 14.32
N ALA G 125 56.58 14.99 15.60
CA ALA G 125 55.95 15.70 16.69
C ALA G 125 56.32 17.19 16.65
N PRO G 126 55.47 18.06 17.20
CA PRO G 126 55.83 19.48 17.22
C PRO G 126 56.74 19.81 18.39
N SER G 127 57.46 20.92 18.28
CA SER G 127 58.02 21.57 19.45
C SER G 127 56.95 22.50 19.92
N VAL G 128 56.90 22.77 21.22
CA VAL G 128 55.84 23.59 21.77
C VAL G 128 56.45 24.63 22.68
N TYR G 129 56.18 25.90 22.40
CA TYR G 129 56.79 26.99 23.15
C TYR G 129 55.75 27.91 23.76
N PRO G 130 55.89 28.20 25.01
CA PRO G 130 55.05 29.16 25.68
C PRO G 130 55.34 30.58 25.26
N LEU G 131 54.31 31.35 25.05
CA LEU G 131 54.41 32.76 24.73
C LEU G 131 53.91 33.56 25.86
N ALA G 132 54.78 34.15 26.62
CA ALA G 132 54.40 35.01 27.67
C ALA G 132 54.49 36.45 27.24
N PRO G 133 53.65 37.31 27.80
CA PRO G 133 53.77 38.75 27.66
C PRO G 133 55.04 39.26 28.29
N THR G 139 47.19 45.71 30.92
CA THR G 139 47.53 45.80 32.32
C THR G 139 46.55 46.77 32.94
N GLY G 140 45.36 46.76 32.41
CA GLY G 140 44.97 45.74 31.48
C GLY G 140 43.84 44.94 32.08
N SER G 141 43.90 44.54 33.31
CA SER G 141 42.73 43.79 33.68
C SER G 141 42.79 42.41 32.98
N SER G 142 42.86 42.40 31.67
CA SER G 142 43.01 41.19 30.91
C SER G 142 44.48 41.07 30.51
N VAL G 143 45.00 39.86 30.46
CA VAL G 143 46.28 39.53 29.80
C VAL G 143 46.23 38.37 28.81
N THR G 144 46.90 38.52 27.68
CA THR G 144 46.87 37.53 26.63
C THR G 144 48.11 36.68 26.58
N LEU G 145 47.92 35.40 26.60
CA LEU G 145 49.01 34.45 26.56
C LEU G 145 48.91 33.58 25.38
N GLY G 146 49.98 32.90 25.10
CA GLY G 146 50.00 32.19 23.84
C GLY G 146 50.80 30.91 23.87
N CYS G 147 50.67 30.16 22.78
CA CYS G 147 51.26 28.86 22.69
C CYS G 147 51.71 28.68 21.25
N LEU G 148 53.01 28.49 21.04
CA LEU G 148 53.52 28.25 19.70
C LEU G 148 53.83 26.78 19.45
N VAL G 149 53.23 26.24 18.40
CA VAL G 149 53.33 24.85 18.07
C VAL G 149 54.08 24.70 16.76
N LYS G 150 55.34 24.29 16.83
CA LYS G 150 56.17 24.46 15.65
C LYS G 150 56.81 23.20 15.07
N GLY G 151 56.72 23.07 13.75
CA GLY G 151 57.42 22.03 13.02
C GLY G 151 56.88 20.61 13.17
N TYR G 152 55.58 20.44 13.02
CA TYR G 152 54.97 19.11 13.08
C TYR G 152 54.42 18.68 11.73
N PHE G 153 54.17 17.38 11.59
CA PHE G 153 53.65 16.78 10.37
C PHE G 153 53.20 15.35 10.68
N PRO G 154 52.07 14.92 10.11
CA PRO G 154 51.15 15.70 9.29
C PRO G 154 50.14 16.43 10.19
N GLU G 155 49.21 17.14 9.56
CA GLU G 155 48.06 17.73 10.22
C GLU G 155 47.18 16.55 10.67
N PRO G 156 46.48 16.66 11.80
CA PRO G 156 46.34 17.85 12.64
C PRO G 156 47.05 17.76 13.98
N VAL G 157 46.99 18.87 14.71
CA VAL G 157 47.33 18.92 16.12
C VAL G 157 46.05 19.40 16.80
N THR G 158 45.88 19.13 18.09
CA THR G 158 44.76 19.72 18.82
C THR G 158 45.26 20.47 20.05
N LEU G 159 44.65 21.62 20.31
CA LEU G 159 45.09 22.55 21.33
C LEU G 159 44.04 22.77 22.39
N THR G 160 44.43 22.65 23.66
CA THR G 160 43.56 23.01 24.76
C THR G 160 44.39 23.78 25.77
N TRP G 161 43.72 24.47 26.67
CA TRP G 161 44.37 25.25 27.70
C TRP G 161 43.80 24.80 29.03
N ASN G 162 44.66 24.55 30.01
CA ASN G 162 44.23 23.96 31.27
C ASN G 162 43.30 22.77 31.07
N SER G 163 43.62 21.97 30.06
CA SER G 163 42.93 20.72 29.76
C SER G 163 41.44 20.89 29.47
N GLY G 164 41.09 21.95 28.77
CA GLY G 164 39.69 22.19 28.40
C GLY G 164 38.97 23.13 29.34
N SER G 165 39.51 23.30 30.54
CA SER G 165 38.88 24.19 31.53
C SER G 165 38.72 25.63 31.04
N LEU G 166 39.74 26.15 30.37
CA LEU G 166 39.69 27.48 29.74
C LEU G 166 39.07 27.40 28.36
N SER G 167 37.88 27.98 28.20
CA SER G 167 37.17 27.87 26.93
C SER G 167 37.14 29.18 26.15
N SER G 168 36.31 30.12 26.57
CA SER G 168 36.13 31.40 25.87
C SER G 168 37.45 32.16 25.76
N GLY G 169 37.63 32.91 24.68
CA GLY G 169 38.81 33.73 24.54
C GLY G 169 40.00 32.96 24.01
N VAL G 170 39.83 31.65 23.80
CA VAL G 170 40.86 30.87 23.16
C VAL G 170 40.72 30.97 21.65
N HIS G 171 41.78 31.38 20.97
CA HIS G 171 41.78 31.34 19.51
C HIS G 171 42.90 30.42 19.05
N THR G 172 42.53 29.42 18.27
CA THR G 172 43.53 28.51 17.75
C THR G 172 43.56 28.65 16.26
N PHE G 173 44.72 29.07 15.77
CA PHE G 173 44.83 29.45 14.38
C PHE G 173 45.16 28.23 13.53
N PRO G 174 44.56 28.15 12.34
CA PRO G 174 44.80 27.10 11.36
C PRO G 174 46.28 27.01 11.00
N ALA G 175 46.76 25.80 10.72
CA ALA G 175 48.19 25.57 10.52
C ALA G 175 48.66 26.13 9.19
N VAL G 176 49.92 26.51 9.14
CA VAL G 176 50.56 26.94 7.90
C VAL G 176 51.81 26.10 7.65
N LEU G 177 52.02 25.74 6.39
CA LEU G 177 53.19 24.98 5.99
C LEU G 177 54.36 25.89 5.63
N GLN G 178 55.47 25.74 6.31
CA GLN G 178 56.71 26.39 5.89
C GLN G 178 57.90 25.45 6.08
N SER G 179 58.75 25.39 5.06
CA SER G 179 59.91 24.50 5.05
C SER G 179 59.54 23.04 5.33
N GLY G 180 58.47 22.58 4.72
CA GLY G 180 58.06 21.18 4.79
C GLY G 180 57.22 20.77 5.99
N LEU G 181 57.15 21.61 7.01
CA LEU G 181 56.37 21.31 8.22
C LEU G 181 55.35 22.38 8.57
N TYR G 182 54.43 22.02 9.47
CA TYR G 182 53.35 22.91 9.87
C TYR G 182 53.69 23.67 11.14
N THR G 183 53.13 24.86 11.24
CA THR G 183 53.25 25.65 12.46
C THR G 183 51.90 26.28 12.73
N LEU G 184 51.52 26.31 13.99
CA LEU G 184 50.35 27.09 14.38
C LEU G 184 50.58 27.63 15.76
N SER G 185 49.68 28.50 16.16
CA SER G 185 49.74 29.11 17.47
C SER G 185 48.33 29.14 18.04
N SER G 186 48.25 29.36 19.35
CA SER G 186 46.98 29.50 20.02
C SER G 186 47.13 30.58 21.06
N SER G 187 46.07 31.35 21.28
CA SER G 187 46.11 32.38 22.30
C SER G 187 44.96 32.18 23.27
N VAL G 188 45.14 32.68 24.49
CA VAL G 188 44.08 32.63 25.49
C VAL G 188 44.16 33.92 26.28
N THR G 189 43.03 34.36 26.81
CA THR G 189 43.02 35.57 27.61
C THR G 189 42.60 35.22 29.02
N VAL G 190 43.37 35.64 29.97
CA VAL G 190 43.05 35.46 31.37
C VAL G 190 43.09 36.73 32.21
N THR G 191 42.46 36.67 33.34
CA THR G 191 42.45 37.77 34.29
C THR G 191 43.88 38.17 34.69
N SER G 192 44.16 39.47 34.62
CA SER G 192 45.49 39.96 34.97
C SER G 192 45.82 39.87 36.46
N SER G 193 44.81 39.98 37.31
CA SER G 193 45.02 39.97 38.75
C SER G 193 45.34 38.57 39.28
N THR G 194 45.05 37.55 38.49
CA THR G 194 45.25 36.19 38.97
C THR G 194 46.30 35.42 38.18
N TRP G 195 47.08 36.14 37.39
CA TRP G 195 48.20 35.53 36.69
C TRP G 195 49.49 36.25 37.08
N PRO G 196 50.53 35.49 37.46
CA PRO G 196 50.64 34.02 37.33
C PRO G 196 50.18 33.17 38.52
N SER G 197 49.67 33.79 39.60
CA SER G 197 49.39 33.06 40.85
C SER G 197 48.49 31.83 40.68
N GLN G 198 47.65 31.80 39.66
CA GLN G 198 47.07 30.52 39.26
C GLN G 198 47.48 30.19 37.83
N THR G 199 47.90 28.94 37.66
CA THR G 199 48.72 28.54 36.53
C THR G 199 47.95 28.38 35.21
N ILE G 200 48.64 28.70 34.11
CA ILE G 200 48.05 28.50 32.79
C ILE G 200 48.95 27.58 31.97
N THR G 201 48.34 26.53 31.41
CA THR G 201 49.07 25.54 30.65
C THR G 201 48.44 25.28 29.29
N CYS G 202 49.23 25.30 28.24
CA CYS G 202 48.69 24.85 26.98
C CYS G 202 49.03 23.38 26.77
N ASN G 203 48.06 22.61 26.30
CA ASN G 203 48.26 21.19 26.08
C ASN G 203 48.16 20.95 24.60
N VAL G 204 49.14 20.25 24.05
CA VAL G 204 49.16 19.98 22.63
C VAL G 204 49.28 18.48 22.40
N ALA G 205 48.45 17.95 21.52
CA ALA G 205 48.53 16.55 21.16
C ALA G 205 48.59 16.40 19.65
N HIS G 206 49.37 15.42 19.19
CA HIS G 206 49.58 15.20 17.77
C HIS G 206 49.23 13.75 17.44
N PRO G 207 48.03 13.52 16.89
CA PRO G 207 47.49 12.18 16.65
C PRO G 207 48.46 11.28 15.91
N ALA G 208 49.02 11.76 14.80
CA ALA G 208 49.85 10.92 13.93
C ALA G 208 51.07 10.31 14.61
N SER G 209 51.58 10.95 15.66
CA SER G 209 52.78 10.47 16.32
C SER G 209 52.51 10.11 17.78
N SER G 210 51.23 10.09 18.15
CA SER G 210 50.82 9.79 19.52
C SER G 210 51.54 10.64 20.58
N THR G 211 51.89 11.87 20.23
CA THR G 211 52.63 12.75 21.13
C THR G 211 51.71 13.70 21.90
N LYS G 212 51.97 13.87 23.19
CA LYS G 212 51.24 14.85 23.99
C LYS G 212 52.23 15.69 24.79
N VAL G 213 51.98 17.00 24.81
CA VAL G 213 52.88 17.96 25.46
C VAL G 213 52.06 18.96 26.26
N ASP G 214 52.49 19.24 27.49
CA ASP G 214 51.92 20.30 28.30
C ASP G 214 52.98 21.34 28.58
N LYS G 215 52.58 22.61 28.61
CA LYS G 215 53.53 23.70 28.77
C LYS G 215 52.99 24.86 29.61
N LYS G 216 53.52 25.01 30.82
CA LYS G 216 53.14 26.13 31.68
C LYS G 216 53.66 27.44 31.14
N ILE G 217 52.90 28.51 31.32
CA ILE G 217 53.31 29.81 30.83
C ILE G 217 53.91 30.63 31.99
N GLU G 218 55.22 30.87 31.94
CA GLU G 218 55.91 31.59 33.01
C GLU G 218 56.15 33.05 32.66
N PRO G 219 56.04 33.91 33.63
CA PRO G 219 56.24 35.31 33.40
C PRO G 219 57.69 35.64 33.20
N ARG G 220 57.89 36.84 32.70
CA ARG G 220 59.17 37.39 32.33
C ARG G 220 58.90 38.89 32.10
N VAL G 221 59.86 39.74 32.44
CA VAL G 221 59.74 41.18 32.24
C VAL G 221 60.25 41.47 30.85
N ASN H 1 31.46 17.91 -19.12
CA ASN H 1 31.18 17.98 -17.70
C ASN H 1 30.32 19.17 -17.35
N ILE H 2 29.36 18.95 -16.47
CA ILE H 2 28.54 20.05 -16.00
C ILE H 2 29.29 20.87 -14.95
N VAL H 3 29.88 21.97 -15.38
CA VAL H 3 30.60 22.85 -14.46
C VAL H 3 29.64 23.73 -13.68
N MET H 4 29.79 23.74 -12.35
CA MET H 4 29.01 24.61 -11.48
C MET H 4 29.87 25.76 -10.97
N THR H 5 29.48 26.97 -11.31
CA THR H 5 30.18 28.15 -10.83
C THR H 5 29.37 28.77 -9.71
N GLN H 6 29.96 28.78 -8.52
CA GLN H 6 29.24 29.25 -7.34
C GLN H 6 29.79 30.61 -6.95
N SER H 7 28.90 31.57 -6.71
CA SER H 7 29.39 32.87 -6.29
C SER H 7 28.43 33.52 -5.31
N PRO H 8 28.96 34.33 -4.37
CA PRO H 8 30.39 34.54 -4.17
C PRO H 8 30.94 33.43 -3.30
N LYS H 9 32.26 33.25 -3.29
CA LYS H 9 32.86 32.25 -2.43
C LYS H 9 32.78 32.69 -0.98
N SER H 10 32.71 34.00 -0.79
CA SER H 10 32.64 34.56 0.55
C SER H 10 31.54 35.60 0.60
N MET H 11 30.69 35.50 1.61
CA MET H 11 29.58 36.41 1.71
C MET H 11 29.25 36.71 3.16
N SER H 12 29.08 38.00 3.47
CA SER H 12 28.71 38.45 4.82
C SER H 12 27.33 39.05 4.81
N MET H 13 26.52 38.70 5.82
CA MET H 13 25.16 39.22 5.89
C MET H 13 24.76 39.47 7.35
N SER H 14 24.11 40.61 7.59
CA SER H 14 23.67 41.00 8.93
C SER H 14 22.50 40.10 9.33
N VAL H 15 22.39 39.76 10.62
CA VAL H 15 21.26 38.97 11.09
C VAL H 15 19.97 39.72 10.77
N GLY H 16 18.93 38.99 10.39
CA GLY H 16 17.68 39.60 9.97
C GLY H 16 17.60 39.87 8.47
N GLU H 17 18.74 39.83 7.79
CA GLU H 17 18.78 40.16 6.37
C GLU H 17 18.69 38.95 5.45
N ARG H 18 18.82 39.18 4.15
CA ARG H 18 18.63 38.11 3.18
C ARG H 18 19.95 37.67 2.55
N VAL H 19 20.30 36.40 2.71
CA VAL H 19 21.46 35.89 2.00
C VAL H 19 21.07 35.21 0.72
N THR H 20 21.79 35.51 -0.35
CA THR H 20 21.55 34.86 -1.61
C THR H 20 22.83 34.29 -2.16
N LEU H 21 22.78 33.02 -2.51
CA LEU H 21 23.91 32.35 -3.05
C LEU H 21 23.49 31.85 -4.43
N THR H 22 24.30 32.14 -5.44
CA THR H 22 24.00 31.73 -6.80
C THR H 22 24.87 30.58 -7.29
N CYS H 23 24.30 29.75 -8.15
CA CYS H 23 25.03 28.62 -8.69
C CYS H 23 24.64 28.54 -10.15
N LYS H 24 25.58 28.83 -11.04
CA LYS H 24 25.26 28.73 -12.45
C LYS H 24 25.97 27.54 -13.08
N ALA H 25 25.19 26.75 -13.81
CA ALA H 25 25.70 25.55 -14.47
C ALA H 25 26.15 25.89 -15.90
N SER H 26 27.15 25.17 -16.40
CA SER H 26 27.67 25.41 -17.74
C SER H 26 26.71 24.88 -18.80
N GLU H 27 25.86 23.94 -18.40
CA GLU H 27 24.78 23.48 -19.25
C GLU H 27 23.59 23.19 -18.36
N ASN H 28 22.43 22.92 -18.95
CA ASN H 28 21.20 22.84 -18.16
C ASN H 28 21.03 21.56 -17.30
N VAL H 29 20.37 21.72 -16.17
CA VAL H 29 20.24 20.70 -15.12
C VAL H 29 18.72 20.47 -14.89
N GLY H 30 18.32 19.59 -13.97
CA GLY H 30 16.92 19.48 -13.60
C GLY H 30 16.38 20.74 -12.92
N THR H 31 15.82 20.67 -11.70
CA THR H 31 15.44 19.45 -10.95
C THR H 31 16.52 18.42 -10.58
N TYR H 32 17.78 18.83 -10.61
CA TYR H 32 18.84 17.92 -10.20
C TYR H 32 19.91 18.65 -9.40
N VAL H 33 19.66 19.91 -9.07
CA VAL H 33 20.58 20.65 -8.21
C VAL H 33 20.21 20.36 -6.75
N SER H 34 21.23 20.14 -5.94
CA SER H 34 21.02 19.99 -4.52
C SER H 34 21.91 21.01 -3.84
N TRP H 35 21.67 21.25 -2.57
CA TRP H 35 22.47 22.18 -1.79
C TRP H 35 22.87 21.48 -0.52
N TYR H 36 24.09 21.75 -0.07
CA TYR H 36 24.60 21.16 1.15
C TYR H 36 25.11 22.25 2.08
N GLN H 37 24.86 22.07 3.36
CA GLN H 37 25.40 22.94 4.38
C GLN H 37 26.50 22.18 5.11
N GLN H 38 27.64 22.83 5.29
CA GLN H 38 28.73 22.21 6.06
C GLN H 38 29.21 23.12 7.20
N LYS H 39 28.86 22.75 8.42
CA LYS H 39 29.30 23.50 9.59
C LYS H 39 30.73 23.06 9.96
N PRO H 40 31.51 23.99 10.52
CA PRO H 40 32.97 23.93 10.72
C PRO H 40 33.58 22.55 10.97
N GLU H 41 33.17 21.88 12.03
CA GLU H 41 33.74 20.57 12.35
C GLU H 41 33.22 19.42 11.48
N GLN H 42 32.05 19.61 10.87
CA GLN H 42 31.28 18.47 10.36
C GLN H 42 31.29 18.19 8.86
N SER H 43 30.69 17.06 8.54
CA SER H 43 30.46 16.65 7.16
C SER H 43 29.33 17.47 6.54
N PRO H 44 29.30 17.53 5.21
CA PRO H 44 28.18 18.22 4.55
C PRO H 44 26.88 17.53 4.90
N LYS H 45 25.80 18.29 5.02
CA LYS H 45 24.48 17.72 5.24
C LYS H 45 23.55 18.20 4.12
N LEU H 46 22.72 17.31 3.61
CA LEU H 46 21.80 17.68 2.53
C LEU H 46 20.77 18.70 3.01
N LEU H 47 20.61 19.76 2.28
CA LEU H 47 19.76 20.87 2.63
C LEU H 47 18.59 20.98 1.68
N ILE H 48 18.86 21.08 0.41
CA ILE H 48 17.82 21.11 -0.58
C ILE H 48 18.02 19.99 -1.60
N TYR H 49 16.97 19.31 -1.95
CA TYR H 49 17.04 18.40 -3.05
C TYR H 49 16.06 18.83 -4.15
N GLY H 50 16.23 18.36 -5.35
CA GLY H 50 15.40 18.79 -6.42
C GLY H 50 15.86 20.20 -6.60
N ALA H 51 15.05 21.18 -6.54
CA ALA H 51 15.82 22.40 -6.57
C ALA H 51 15.37 23.30 -5.47
N SER H 52 14.25 22.89 -4.91
CA SER H 52 13.50 23.65 -3.99
C SER H 52 12.83 22.85 -2.88
N ASN H 53 13.11 21.57 -2.77
CA ASN H 53 12.58 20.81 -1.69
C ASN H 53 13.48 20.80 -0.46
N ARG H 54 12.89 21.04 0.69
CA ARG H 54 13.61 21.02 1.92
C ARG H 54 13.73 19.61 2.39
N TYR H 55 14.85 19.29 2.99
CA TYR H 55 15.10 18.01 3.59
C TYR H 55 14.76 18.02 5.05
N THR H 56 14.67 16.84 5.65
CA THR H 56 14.19 16.66 7.01
C THR H 56 14.89 17.56 8.01
N GLY H 57 14.13 18.39 8.71
CA GLY H 57 14.67 19.26 9.72
C GLY H 57 15.34 20.52 9.20
N VAL H 58 15.18 20.81 7.90
CA VAL H 58 15.69 22.05 7.34
C VAL H 58 14.67 23.17 7.55
N PRO H 59 15.06 24.23 8.28
CA PRO H 59 14.19 25.38 8.56
C PRO H 59 13.59 25.99 7.29
N ASP H 60 12.37 26.51 7.39
CA ASP H 60 11.67 27.13 6.27
C ASP H 60 12.38 28.37 5.76
N ARG H 61 13.26 28.93 6.59
CA ARG H 61 14.03 30.11 6.20
C ARG H 61 14.95 29.79 5.02
N PHE H 62 15.23 28.50 4.81
CA PHE H 62 16.03 28.05 3.69
C PHE H 62 15.14 27.76 2.51
N THR H 63 15.33 28.48 1.42
CA THR H 63 14.63 28.16 0.17
C THR H 63 15.56 28.14 -1.04
N GLY H 64 15.45 27.08 -1.83
CA GLY H 64 16.18 26.97 -3.08
C GLY H 64 15.28 27.20 -4.27
N SER H 65 15.84 27.70 -5.32
CA SER H 65 15.12 28.00 -6.51
C SER H 65 15.98 27.90 -7.73
N GLY H 66 15.33 27.93 -8.85
CA GLY H 66 16.00 28.04 -10.10
C GLY H 66 15.53 26.96 -11.02
N SER H 67 16.10 27.00 -12.20
CA SER H 67 15.85 26.06 -13.28
C SER H 67 16.88 26.22 -14.38
N ALA H 68 16.98 25.21 -15.21
CA ALA H 68 17.84 25.19 -16.33
C ALA H 68 19.30 25.40 -15.99
N THR H 69 19.76 26.61 -16.18
CA THR H 69 21.12 26.94 -16.01
C THR H 69 21.41 27.64 -14.68
N ASP H 70 20.40 28.20 -14.07
CA ASP H 70 20.59 29.12 -13.01
C ASP H 70 19.79 28.79 -11.73
N PHE H 71 20.47 28.58 -10.62
CA PHE H 71 19.90 28.23 -9.34
C PHE H 71 20.32 29.13 -8.18
N THR H 72 19.58 29.13 -7.12
CA THR H 72 19.89 29.99 -5.99
C THR H 72 19.52 29.35 -4.67
N LEU H 73 20.27 29.72 -3.63
CA LEU H 73 19.86 29.41 -2.27
C LEU H 73 19.72 30.75 -1.57
N THR H 74 18.58 30.94 -0.94
CA THR H 74 18.32 32.15 -0.21
C THR H 74 17.97 31.73 1.20
N ILE H 75 18.48 32.46 2.17
CA ILE H 75 18.11 32.24 3.56
C ILE H 75 17.61 33.56 4.09
N SER H 76 16.32 33.61 4.40
CA SER H 76 15.69 34.85 4.83
C SER H 76 14.73 34.53 5.96
N SER H 77 15.05 34.94 7.18
CA SER H 77 16.20 35.80 7.50
C SER H 77 17.41 35.05 8.08
N VAL H 78 18.61 35.54 7.81
CA VAL H 78 19.81 34.87 8.29
C VAL H 78 19.87 34.95 9.80
N GLN H 79 20.21 33.81 10.42
CA GLN H 79 20.37 33.75 11.86
C GLN H 79 21.81 33.35 12.16
N ALA H 80 22.21 33.52 13.42
CA ALA H 80 23.57 33.26 13.87
C ALA H 80 24.08 31.86 13.55
N GLU H 81 23.19 30.88 13.58
CA GLU H 81 23.58 29.49 13.34
C GLU H 81 23.68 29.10 11.86
N ASP H 82 23.44 30.08 10.97
CA ASP H 82 23.49 29.80 9.53
C ASP H 82 24.94 29.89 8.99
N LEU H 83 25.86 30.32 9.84
CA LEU H 83 27.30 30.34 9.53
C LEU H 83 27.80 28.96 9.12
N ALA H 84 28.24 28.84 7.87
CA ALA H 84 28.63 27.55 7.32
C ALA H 84 29.19 27.71 5.93
N ASP H 85 29.67 26.60 5.38
CA ASP H 85 29.97 26.52 3.95
C ASP H 85 28.78 25.92 3.23
N TYR H 86 28.37 26.54 2.13
CA TYR H 86 27.26 26.02 1.34
C TYR H 86 27.74 25.62 -0.04
N HIS H 87 27.33 24.43 -0.47
CA HIS H 87 27.79 23.85 -1.73
C HIS H 87 26.59 23.44 -2.58
N CYS H 88 26.55 23.89 -3.81
CA CYS H 88 25.66 23.36 -4.77
C CYS H 88 26.21 22.13 -5.48
N GLY H 89 25.32 21.36 -6.05
CA GLY H 89 25.65 20.10 -6.65
C GLY H 89 24.63 19.55 -7.58
N GLN H 90 25.09 19.13 -8.73
CA GLN H 90 24.26 18.47 -9.72
C GLN H 90 24.27 16.96 -9.69
N SER H 91 23.09 16.42 -9.67
CA SER H 91 22.96 15.00 -9.70
C SER H 91 22.44 14.43 -11.01
N TYR H 92 22.71 15.08 -12.09
CA TYR H 92 22.05 14.74 -13.32
C TYR H 92 22.88 13.92 -14.30
N SER H 93 24.17 14.07 -14.32
CA SER H 93 24.99 13.17 -15.10
C SER H 93 26.33 13.03 -14.50
N THR H 94 26.90 11.86 -14.63
CA THR H 94 28.28 11.70 -14.28
C THR H 94 29.19 12.41 -15.31
N PRO H 95 30.20 13.10 -14.85
CA PRO H 95 30.60 13.16 -13.46
C PRO H 95 29.75 14.08 -12.60
N TYR H 96 29.24 13.61 -11.47
CA TYR H 96 28.58 14.48 -10.51
C TYR H 96 29.60 15.54 -10.11
N THR H 97 29.12 16.78 -10.03
CA THR H 97 30.00 17.91 -9.78
C THR H 97 29.43 18.83 -8.72
N PHE H 98 30.31 19.58 -8.08
CA PHE H 98 29.95 20.50 -7.02
C PHE H 98 30.38 21.90 -7.41
N GLY H 99 29.77 22.91 -6.81
CA GLY H 99 30.27 24.26 -6.93
C GLY H 99 31.48 24.40 -6.03
N GLY H 100 32.15 25.54 -6.09
CA GLY H 100 33.35 25.72 -5.31
C GLY H 100 33.05 25.98 -3.84
N GLY H 101 31.78 26.21 -3.52
CA GLY H 101 31.40 26.52 -2.16
C GLY H 101 31.33 28.00 -1.83
N THR H 102 30.51 28.35 -0.84
CA THR H 102 30.39 29.71 -0.34
C THR H 102 30.51 29.68 1.18
N LYS H 103 31.37 30.52 1.73
CA LYS H 103 31.47 30.68 3.17
C LYS H 103 30.57 31.80 3.62
N LEU H 104 29.51 31.44 4.32
CA LEU H 104 28.57 32.43 4.80
C LEU H 104 29.02 32.92 6.17
N GLU H 105 29.09 34.23 6.31
CA GLU H 105 29.51 34.81 7.58
C GLU H 105 28.52 35.88 8.02
N ILE H 106 28.47 36.14 9.33
CA ILE H 106 27.66 37.20 9.88
C ILE H 106 28.37 38.55 9.71
N LYS H 107 27.67 39.51 9.12
CA LYS H 107 28.16 40.88 9.10
C LYS H 107 27.87 41.49 10.47
N ARG H 108 28.80 42.27 10.98
CA ARG H 108 28.59 42.94 12.27
C ARG H 108 29.30 44.28 12.24
N ALA H 109 29.34 44.96 13.38
CA ALA H 109 29.97 46.28 13.45
C ALA H 109 31.48 46.17 13.38
N ASP H 110 32.13 47.12 12.71
CA ASP H 110 33.59 47.19 12.68
C ASP H 110 34.19 47.05 14.07
N ALA H 111 35.32 46.35 14.15
CA ALA H 111 36.05 46.27 15.42
C ALA H 111 37.54 46.32 15.14
N ALA H 112 38.25 47.22 15.82
CA ALA H 112 39.70 47.29 15.67
C ALA H 112 40.34 46.09 16.35
N PRO H 113 41.45 45.60 15.78
CA PRO H 113 42.15 44.44 16.35
C PRO H 113 42.83 44.81 17.64
N THR H 114 42.81 43.89 18.59
CA THR H 114 43.62 43.99 19.79
C THR H 114 44.90 43.21 19.56
N VAL H 115 46.04 43.89 19.70
CA VAL H 115 47.31 43.33 19.29
C VAL H 115 48.25 43.03 20.44
N SER H 116 48.83 41.84 20.43
CA SER H 116 49.84 41.45 21.41
C SER H 116 51.05 40.98 20.62
N ILE H 117 52.24 41.30 21.10
CA ILE H 117 53.46 40.82 20.48
C ILE H 117 54.27 40.00 21.47
N PHE H 118 54.95 38.96 20.98
CA PHE H 118 55.70 38.05 21.84
C PHE H 118 57.09 37.74 21.29
N PRO H 119 58.14 38.03 22.08
CA PRO H 119 59.51 37.66 21.75
C PRO H 119 59.62 36.15 21.73
N PRO H 120 60.63 35.61 21.04
CA PRO H 120 60.86 34.18 21.12
C PRO H 120 61.11 33.75 22.56
N SER H 121 60.52 32.62 22.96
CA SER H 121 60.76 32.09 24.30
C SER H 121 62.23 31.71 24.47
N SER H 122 62.69 31.74 25.72
CA SER H 122 64.03 31.28 26.04
C SER H 122 64.24 29.82 25.61
N GLU H 123 63.19 29.00 25.71
CA GLU H 123 63.26 27.59 25.29
C GLU H 123 63.50 27.36 23.79
N GLN H 124 62.87 28.18 22.96
CA GLN H 124 63.16 28.13 21.52
C GLN H 124 64.58 28.63 21.24
N LEU H 125 64.97 29.73 21.89
CA LEU H 125 66.27 30.34 21.64
C LEU H 125 67.38 29.33 21.91
N THR H 126 67.23 28.61 23.02
CA THR H 126 68.20 27.64 23.47
C THR H 126 68.32 26.48 22.49
N SER H 127 67.30 26.30 21.66
CA SER H 127 67.36 25.29 20.60
C SER H 127 67.81 25.86 19.27
N GLY H 128 68.06 27.17 19.22
CA GLY H 128 68.59 27.77 18.01
C GLY H 128 67.55 28.48 17.15
N GLY H 129 66.29 28.42 17.55
CA GLY H 129 65.21 29.02 16.79
C GLY H 129 64.84 30.39 17.33
N ALA H 130 64.10 31.16 16.54
CA ALA H 130 63.66 32.48 16.98
C ALA H 130 62.45 32.96 16.19
N SER H 131 61.28 32.54 16.64
CA SER H 131 60.05 32.97 16.03
C SER H 131 59.51 34.11 16.86
N VAL H 132 59.11 35.19 16.20
CA VAL H 132 58.44 36.27 16.91
C VAL H 132 56.96 36.19 16.54
N VAL H 133 56.07 36.36 17.50
CA VAL H 133 54.64 36.17 17.22
C VAL H 133 53.78 37.37 17.54
N CYS H 134 52.91 37.73 16.60
CA CYS H 134 51.89 38.76 16.82
C CYS H 134 50.48 38.20 16.71
N PHE H 135 49.69 38.39 17.76
CA PHE H 135 48.27 38.06 17.73
C PHE H 135 47.46 39.32 17.41
N LEU H 136 46.58 39.20 16.44
CA LEU H 136 45.65 40.28 16.09
C LEU H 136 44.23 39.77 16.32
N ASN H 137 43.68 40.12 17.47
CA ASN H 137 42.47 39.48 17.98
C ASN H 137 41.16 40.26 17.93
N ASN H 138 40.07 39.57 17.59
CA ASN H 138 38.71 40.07 17.72
C ASN H 138 38.40 41.31 16.88
N PHE H 139 38.67 41.23 15.59
CA PHE H 139 38.44 42.35 14.70
C PHE H 139 37.38 42.03 13.65
N TYR H 140 36.86 43.07 13.02
CA TYR H 140 35.90 42.94 11.93
C TYR H 140 35.94 44.25 11.14
N PRO H 141 35.95 44.16 9.79
CA PRO H 141 35.86 42.95 8.96
C PRO H 141 37.16 42.15 8.87
N LYS H 142 37.15 41.08 8.08
CA LYS H 142 38.26 40.13 8.11
C LYS H 142 39.51 40.56 7.36
N ASP H 143 39.37 41.45 6.37
CA ASP H 143 40.53 41.89 5.60
C ASP H 143 41.45 42.73 6.48
N ILE H 144 42.70 42.32 6.55
CA ILE H 144 43.70 43.02 7.35
C ILE H 144 45.04 42.69 6.70
N ASN H 145 45.97 43.61 6.78
CA ASN H 145 47.29 43.41 6.19
C ASN H 145 48.38 43.59 7.24
N VAL H 146 49.22 42.59 7.41
CA VAL H 146 50.25 42.67 8.43
C VAL H 146 51.63 42.80 7.81
N LYS H 147 52.42 43.75 8.31
CA LYS H 147 53.82 43.85 7.91
C LYS H 147 54.71 43.73 9.13
N TRP H 148 55.86 43.09 8.94
CA TRP H 148 56.86 42.98 9.98
C TRP H 148 58.01 43.93 9.69
N LYS H 149 58.50 44.61 10.72
CA LYS H 149 59.71 45.39 10.59
C LYS H 149 60.76 44.90 11.59
N ILE H 150 62.01 44.90 11.12
CA ILE H 150 63.15 44.59 11.96
C ILE H 150 64.09 45.78 11.88
N ASP H 151 64.38 46.38 13.04
CA ASP H 151 65.11 47.64 13.12
C ASP H 151 64.54 48.70 12.18
N GLY H 152 63.22 48.70 12.04
CA GLY H 152 62.57 49.65 11.16
C GLY H 152 62.46 49.27 9.69
N SER H 153 63.07 48.15 9.29
CA SER H 153 63.04 47.71 7.89
C SER H 153 62.02 46.60 7.63
N GLU H 154 61.25 46.72 6.56
CA GLU H 154 60.25 45.71 6.24
C GLU H 154 60.88 44.36 5.89
N ARG H 155 60.19 43.30 6.28
CA ARG H 155 60.69 41.94 6.16
C ARG H 155 59.49 41.04 5.85
N GLN H 156 59.51 40.41 4.70
CA GLN H 156 58.40 39.55 4.30
C GLN H 156 58.88 38.12 4.12
N ASN H 157 60.17 37.91 4.33
CA ASN H 157 60.70 36.57 4.30
C ASN H 157 60.58 35.91 5.67
N GLY H 158 59.90 34.78 5.73
CA GLY H 158 59.76 34.05 6.98
C GLY H 158 58.49 34.42 7.73
N VAL H 159 57.58 35.12 7.05
CA VAL H 159 56.30 35.52 7.65
C VAL H 159 55.15 34.56 7.35
N LEU H 160 54.55 34.03 8.42
CA LEU H 160 53.41 33.13 8.33
C LEU H 160 52.15 33.80 8.84
N ASN H 161 51.16 33.97 7.98
CA ASN H 161 49.89 34.56 8.42
C ASN H 161 48.77 33.53 8.44
N SER H 162 47.96 33.56 9.49
CA SER H 162 46.86 32.61 9.64
C SER H 162 45.63 33.24 10.30
N TRP H 163 44.48 33.11 9.64
CA TRP H 163 43.19 33.62 10.10
C TRP H 163 42.28 32.50 10.65
N THR H 164 41.65 32.71 11.80
CA THR H 164 40.59 31.81 12.21
C THR H 164 39.36 32.05 11.34
N ASP H 165 38.39 31.14 11.41
CA ASP H 165 37.08 31.44 10.85
C ASP H 165 36.34 32.34 11.83
N GLN H 166 35.17 32.82 11.42
CA GLN H 166 34.38 33.70 12.28
C GLN H 166 34.08 33.04 13.62
N ASP H 167 34.29 33.79 14.69
CA ASP H 167 34.09 33.28 16.04
C ASP H 167 32.61 33.29 16.41
N SER H 168 32.14 32.17 16.92
CA SER H 168 30.72 31.97 17.20
C SER H 168 30.22 32.92 18.29
N LYS H 169 31.09 33.19 19.27
CA LYS H 169 30.79 34.10 20.38
C LYS H 169 30.41 35.51 19.94
N ASP H 170 31.31 36.18 19.22
CA ASP H 170 31.09 37.59 18.88
C ASP H 170 31.17 37.93 17.40
N SER H 171 31.27 36.90 16.55
CA SER H 171 31.30 37.10 15.10
C SER H 171 32.51 37.92 14.64
N THR H 172 33.56 37.95 15.46
CA THR H 172 34.79 38.62 15.06
C THR H 172 35.77 37.64 14.47
N TYR H 173 36.82 38.19 13.87
CA TYR H 173 37.91 37.39 13.37
C TYR H 173 39.13 37.61 14.24
N SER H 174 40.04 36.66 14.18
CA SER H 174 41.36 36.83 14.77
C SER H 174 42.35 36.23 13.80
N MET H 175 43.57 36.73 13.85
CA MET H 175 44.61 36.19 13.01
C MET H 175 45.94 36.19 13.74
N SER H 176 46.84 35.32 13.29
CA SER H 176 48.15 35.18 13.88
C SER H 176 49.19 35.46 12.80
N SER H 177 50.25 36.16 13.18
CA SER H 177 51.33 36.46 12.24
C SER H 177 52.65 36.12 12.90
N THR H 178 53.43 35.25 12.26
CA THR H 178 54.67 34.78 12.85
C THR H 178 55.82 35.12 11.92
N LEU H 179 56.84 35.77 12.48
CA LEU H 179 58.08 36.01 11.74
C LEU H 179 59.09 34.96 12.20
N THR H 180 59.51 34.10 11.27
CA THR H 180 60.42 33.01 11.61
C THR H 180 61.84 33.42 11.29
N LEU H 181 62.69 33.46 12.31
CA LEU H 181 64.08 33.81 12.14
C LEU H 181 64.92 32.72 12.77
N THR H 182 66.20 32.72 12.46
CA THR H 182 67.15 31.93 13.23
C THR H 182 67.60 32.79 14.39
N LYS H 183 68.05 32.15 15.46
CA LYS H 183 68.61 32.86 16.61
C LYS H 183 69.82 33.74 16.25
N ASP H 184 70.63 33.29 15.29
CA ASP H 184 71.83 34.05 14.94
C ASP H 184 71.48 35.41 14.36
N GLU H 185 70.44 35.46 13.53
CA GLU H 185 69.95 36.72 13.00
C GLU H 185 69.17 37.53 14.03
N TYR H 186 68.35 36.84 14.84
CA TYR H 186 67.53 37.50 15.84
C TYR H 186 68.41 38.28 16.80
N GLU H 187 69.50 37.67 17.25
CA GLU H 187 70.42 38.31 18.19
C GLU H 187 71.16 39.51 17.59
N ARG H 188 71.10 39.68 16.27
CA ARG H 188 71.81 40.75 15.61
C ARG H 188 70.96 41.99 15.34
N HIS H 189 69.71 41.98 15.78
CA HIS H 189 68.88 43.16 15.64
C HIS H 189 68.25 43.52 16.97
N ASN H 190 67.79 44.77 17.08
CA ASN H 190 67.37 45.27 18.37
C ASN H 190 65.87 45.31 18.55
N SER H 191 65.17 45.68 17.49
CA SER H 191 63.75 45.95 17.63
C SER H 191 62.90 45.22 16.61
N TYR H 192 61.75 44.73 17.07
CA TYR H 192 60.84 43.99 16.23
C TYR H 192 59.46 44.58 16.34
N THR H 193 58.79 44.66 15.21
CA THR H 193 57.57 45.40 15.12
C THR H 193 56.65 44.68 14.16
N CYS H 194 55.40 44.47 14.55
CA CYS H 194 54.41 44.09 13.56
C CYS H 194 53.47 45.27 13.37
N GLU H 195 53.19 45.59 12.11
CA GLU H 195 52.30 46.68 11.77
C GLU H 195 51.14 46.14 10.95
N ALA H 196 49.93 46.58 11.27
CA ALA H 196 48.77 46.12 10.52
C ALA H 196 47.93 47.25 9.98
N THR H 197 47.38 47.04 8.79
CA THR H 197 46.45 47.97 8.17
C THR H 197 45.08 47.33 8.17
N HIS H 198 44.10 48.09 8.63
CA HIS H 198 42.73 47.62 8.76
C HIS H 198 41.77 48.78 8.59
N LYS H 199 40.54 48.47 8.20
CA LYS H 199 39.50 49.47 7.96
C LYS H 199 39.29 50.46 9.12
N THR H 200 39.39 49.97 10.35
CA THR H 200 39.11 50.78 11.54
C THR H 200 40.21 51.77 11.89
N SER H 201 41.23 51.88 11.06
CA SER H 201 42.34 52.77 11.38
C SER H 201 42.92 53.43 10.14
N THR H 202 43.08 54.75 10.18
CA THR H 202 43.71 55.49 9.09
C THR H 202 45.23 55.24 9.10
N SER H 203 45.80 55.14 10.28
CA SER H 203 47.22 54.88 10.43
C SER H 203 47.46 53.39 10.75
N PRO H 204 48.67 52.88 10.45
CA PRO H 204 48.94 51.47 10.76
C PRO H 204 48.84 51.20 12.26
N ILE H 205 48.23 50.09 12.66
CA ILE H 205 48.26 49.74 14.06
C ILE H 205 49.59 49.03 14.28
N VAL H 206 50.31 49.46 15.31
CA VAL H 206 51.69 49.04 15.49
C VAL H 206 51.90 48.40 16.87
N LYS H 207 52.74 47.37 16.92
CA LYS H 207 53.13 46.76 18.18
C LYS H 207 54.60 46.39 18.07
N SER H 208 55.36 46.71 19.11
CA SER H 208 56.81 46.61 19.02
C SER H 208 57.42 46.15 20.34
N PHE H 209 58.62 45.57 20.27
CA PHE H 209 59.44 45.37 21.47
C PHE H 209 60.90 45.49 21.09
N ASN H 210 61.74 45.78 22.09
CA ASN H 210 63.18 45.70 21.91
C ASN H 210 63.72 44.41 22.56
N ARG H 211 64.46 43.63 21.78
CA ARG H 211 65.12 42.41 22.30
C ARG H 211 66.00 42.63 23.54
N ASN H 212 65.85 41.76 24.53
CA ASN H 212 66.68 41.78 25.74
C ASN H 212 66.73 40.40 26.43
N ASP I 1 2.14 18.21 20.34
CA ASP I 1 1.02 19.04 19.90
C ASP I 1 1.47 20.08 18.91
N VAL I 2 0.61 21.08 18.69
CA VAL I 2 0.88 22.15 17.75
C VAL I 2 1.98 23.04 18.29
N GLN I 3 2.97 23.30 17.46
CA GLN I 3 4.10 24.08 17.92
C GLN I 3 4.45 25.14 16.88
N LEU I 4 4.57 26.38 17.32
CA LEU I 4 4.96 27.47 16.43
C LEU I 4 6.08 28.26 17.06
N VAL I 5 7.22 28.36 16.37
CA VAL I 5 8.37 29.05 16.93
C VAL I 5 8.95 30.10 15.97
N GLU I 6 9.19 31.30 16.48
CA GLU I 6 9.65 32.39 15.62
C GLU I 6 11.06 32.84 15.89
N SER I 7 11.61 33.58 14.93
CA SER I 7 12.94 34.19 15.07
C SER I 7 13.10 35.25 14.00
N GLY I 8 14.23 35.94 14.03
CA GLY I 8 14.53 36.95 13.02
C GLY I 8 14.32 38.38 13.49
N GLY I 9 13.82 38.56 14.70
CA GLY I 9 13.63 39.90 15.21
C GLY I 9 14.96 40.59 15.43
N GLY I 10 14.92 41.89 15.71
CA GLY I 10 16.12 42.63 16.05
C GLY I 10 15.96 44.09 15.72
N LEU I 11 17.07 44.81 15.71
CA LEU I 11 17.07 46.25 15.43
C LEU I 11 17.37 46.51 13.96
N VAL I 12 16.59 47.40 13.35
CA VAL I 12 16.78 47.81 11.97
C VAL I 12 16.56 49.32 11.84
N GLN I 13 17.30 49.97 10.94
CA GLN I 13 17.12 51.39 10.66
C GLN I 13 15.88 51.61 9.84
N PRO I 14 15.27 52.79 9.94
CA PRO I 14 14.11 53.10 9.10
C PRO I 14 14.47 52.95 7.63
N GLY I 15 13.53 52.48 6.82
CA GLY I 15 13.80 52.27 5.42
C GLY I 15 14.52 50.96 5.19
N GLY I 16 15.00 50.37 6.28
CA GLY I 16 15.68 49.09 6.20
C GLY I 16 14.74 47.94 5.84
N SER I 17 15.27 46.72 5.87
CA SER I 17 14.51 45.52 5.59
C SER I 17 14.87 44.43 6.58
N ARG I 18 13.96 43.48 6.79
CA ARG I 18 14.23 42.31 7.61
C ARG I 18 13.24 41.17 7.34
N LYS I 19 13.65 39.95 7.66
CA LYS I 19 12.83 38.76 7.41
C LYS I 19 12.62 37.93 8.67
N LEU I 20 11.36 37.73 9.05
CA LEU I 20 11.04 36.93 10.24
C LEU I 20 10.65 35.52 9.81
N SER I 21 10.93 34.55 10.67
CA SER I 21 10.55 33.17 10.38
C SER I 21 9.63 32.65 11.45
N CYS I 22 8.76 31.70 11.06
CA CYS I 22 7.89 31.01 11.99
C CYS I 22 7.90 29.50 11.67
N ALA I 23 8.54 28.72 12.52
CA ALA I 23 8.61 27.27 12.29
C ALA I 23 7.37 26.60 12.88
N ALA I 24 6.83 25.62 12.15
CA ALA I 24 5.65 24.88 12.62
C ALA I 24 5.91 23.39 12.80
N SER I 25 5.26 22.77 13.79
CA SER I 25 5.31 21.32 13.93
C SER I 25 4.09 20.78 14.68
N GLY I 26 3.84 19.48 14.53
CA GLY I 26 2.75 18.83 15.23
C GLY I 26 1.41 19.01 14.53
N PHE I 27 1.44 19.47 13.28
CA PHE I 27 0.23 19.47 12.46
C PHE I 27 0.58 19.50 10.98
N THR I 28 -0.41 19.30 10.13
CA THR I 28 -0.13 19.33 8.72
C THR I 28 -0.09 20.78 8.25
N PHE I 29 1.12 21.35 8.21
CA PHE I 29 1.33 22.77 7.93
C PHE I 29 0.64 23.22 6.64
N SER I 30 0.84 22.46 5.57
CA SER I 30 0.30 22.83 4.27
C SER I 30 -1.23 22.75 4.17
N SER I 31 -1.91 22.35 5.24
CA SER I 31 -3.36 22.38 5.24
C SER I 31 -3.99 23.57 5.96
N PHE I 32 -3.19 24.52 6.45
CA PHE I 32 -3.73 25.67 7.19
C PHE I 32 -3.28 27.02 6.63
N GLY I 33 -4.21 27.97 6.57
CA GLY I 33 -3.84 29.36 6.34
C GLY I 33 -3.12 29.84 7.59
N MET I 34 -2.24 30.82 7.45
CA MET I 34 -1.47 31.34 8.58
C MET I 34 -1.52 32.87 8.61
N HIS I 35 -1.38 33.46 9.80
CA HIS I 35 -1.40 34.91 9.95
C HIS I 35 -0.14 35.42 10.62
N TRP I 36 0.22 36.66 10.31
CA TRP I 36 1.11 37.48 11.15
C TRP I 36 0.26 38.56 11.80
N VAL I 37 0.49 38.82 13.08
CA VAL I 37 -0.26 39.80 13.87
C VAL I 37 0.84 40.46 14.69
N ARG I 38 0.71 41.73 14.94
CA ARG I 38 1.66 42.44 15.71
C ARG I 38 1.12 43.23 16.95
N GLN I 39 2.03 43.54 17.82
CA GLN I 39 1.72 44.17 19.06
C GLN I 39 2.80 45.11 19.48
N ALA I 40 2.45 46.38 19.36
CA ALA I 40 3.38 47.46 19.63
C ALA I 40 3.53 47.71 21.09
N PRO I 41 4.56 48.45 21.44
CA PRO I 41 4.85 48.79 22.83
C PRO I 41 3.69 49.48 23.52
N GLU I 42 2.94 50.29 22.79
CA GLU I 42 1.69 50.80 23.31
C GLU I 42 0.62 51.10 22.26
N LYS I 43 0.00 50.11 21.68
CA LYS I 43 0.14 48.72 22.00
C LYS I 43 -1.21 48.23 21.57
N GLY I 44 -1.53 46.99 21.85
CA GLY I 44 -2.68 46.40 21.23
C GLY I 44 -2.28 45.57 20.04
N LEU I 45 -3.07 44.59 19.78
CA LEU I 45 -2.86 43.69 18.67
C LEU I 45 -3.28 44.27 17.35
N GLU I 46 -2.56 43.96 16.32
CA GLU I 46 -2.86 44.44 15.01
C GLU I 46 -2.59 43.42 13.93
N TRP I 47 -3.61 43.08 13.19
CA TRP I 47 -3.46 42.11 12.12
C TRP I 47 -2.57 42.61 10.98
N VAL I 48 -1.59 41.80 10.60
CA VAL I 48 -0.64 42.23 9.56
C VAL I 48 -0.87 41.57 8.19
N ALA I 49 -1.00 40.24 8.15
CA ALA I 49 -1.04 39.54 6.88
C ALA I 49 -1.58 38.11 6.98
N TYR I 50 -2.16 37.64 5.88
CA TYR I 50 -2.69 36.30 5.84
C TYR I 50 -2.26 35.62 4.55
N ILE I 51 -1.99 34.32 4.64
CA ILE I 51 -1.68 33.50 3.46
C ILE I 51 -2.40 32.15 3.56
N SER I 52 -3.13 31.78 2.51
CA SER I 52 -3.85 30.51 2.51
C SER I 52 -2.87 29.35 2.45
N SER I 53 -3.38 28.16 2.73
CA SER I 53 -2.56 26.96 2.83
C SER I 53 -1.61 26.78 1.65
N GLY I 54 -2.10 27.00 0.43
CA GLY I 54 -1.26 26.83 -0.76
C GLY I 54 -0.63 28.10 -1.33
N SER I 55 -0.59 29.17 -0.55
CA SER I 55 0.00 30.45 -0.96
C SER I 55 -0.70 31.13 -2.13
N SER I 56 -1.98 30.88 -2.33
CA SER I 56 -2.65 31.51 -3.45
C SER I 56 -3.39 32.78 -3.04
N THR I 57 -4.13 32.70 -1.93
CA THR I 57 -4.80 33.88 -1.43
C THR I 57 -3.94 34.57 -0.36
N LEU I 58 -3.53 35.79 -0.64
CA LEU I 58 -2.76 36.58 0.32
C LEU I 58 -3.52 37.86 0.62
N HIS I 59 -3.48 38.28 1.88
CA HIS I 59 -4.15 39.51 2.28
C HIS I 59 -3.20 40.32 3.13
N TYR I 60 -3.35 41.63 3.07
CA TYR I 60 -2.48 42.52 3.83
C TYR I 60 -3.25 43.61 4.52
N ALA I 61 -2.75 44.05 5.67
CA ALA I 61 -3.30 45.26 6.27
C ALA I 61 -2.88 46.46 5.41
N ASP I 62 -3.76 47.46 5.37
CA ASP I 62 -3.53 48.71 4.66
C ASP I 62 -2.15 49.32 4.91
N THR I 63 -1.73 49.40 6.17
CA THR I 63 -0.48 50.05 6.51
C THR I 63 0.78 49.28 6.12
N VAL I 64 0.62 48.05 5.64
CA VAL I 64 1.79 47.29 5.23
C VAL I 64 1.82 46.95 3.73
N LYS I 65 0.67 47.07 3.07
CA LYS I 65 0.55 46.75 1.64
C LYS I 65 1.66 47.38 0.80
N GLY I 66 2.32 46.57 -0.03
CA GLY I 66 3.39 47.06 -0.87
C GLY I 66 4.73 47.22 -0.19
N ARG I 67 4.78 47.01 1.11
CA ARG I 67 6.03 47.08 1.86
C ARG I 67 6.41 45.70 2.40
N PHE I 68 5.42 44.97 2.90
CA PHE I 68 5.64 43.65 3.48
C PHE I 68 5.21 42.60 2.46
N THR I 69 5.88 41.44 2.45
CA THR I 69 5.40 40.28 1.73
C THR I 69 5.40 39.07 2.66
N ILE I 70 4.30 38.33 2.63
CA ILE I 70 4.15 37.12 3.43
C ILE I 70 4.30 35.94 2.48
N SER I 71 5.02 34.92 2.95
CA SER I 71 5.22 33.75 2.13
C SER I 71 5.40 32.55 3.02
N ARG I 72 5.45 31.38 2.38
CA ARG I 72 5.68 30.14 3.09
C ARG I 72 6.44 29.13 2.25
N ASP I 73 7.18 28.28 2.96
CA ASP I 73 7.88 27.16 2.37
C ASP I 73 7.27 25.91 2.98
N ASN I 74 6.24 25.36 2.33
CA ASN I 74 5.56 24.17 2.86
C ASN I 74 6.45 22.93 3.05
N PRO I 75 7.36 22.62 2.11
CA PRO I 75 8.24 21.47 2.36
C PRO I 75 9.05 21.61 3.64
N LYS I 76 9.46 22.82 3.98
CA LYS I 76 10.25 23.04 5.19
C LYS I 76 9.40 23.48 6.38
N ASN I 77 8.07 23.38 6.23
CA ASN I 77 7.13 23.72 7.29
C ASN I 77 7.41 25.09 7.92
N THR I 78 7.69 26.09 7.10
CA THR I 78 8.06 27.40 7.62
C THR I 78 7.29 28.53 6.96
N LEU I 79 6.85 29.47 7.79
CA LEU I 79 6.12 30.66 7.37
C LEU I 79 7.06 31.84 7.50
N PHE I 80 6.98 32.79 6.57
CA PHE I 80 7.87 33.94 6.57
C PHE I 80 7.14 35.29 6.50
N LEU I 81 7.81 36.34 6.97
CA LEU I 81 7.34 37.70 6.76
C LEU I 81 8.53 38.54 6.28
N GLN I 82 8.48 38.99 5.04
CA GLN I 82 9.52 39.82 4.48
C GLN I 82 9.13 41.28 4.65
N MET I 83 9.90 42.00 5.45
CA MET I 83 9.62 43.40 5.74
C MET I 83 10.63 44.29 5.05
N THR I 84 10.15 45.31 4.34
CA THR I 84 11.01 46.29 3.68
C THR I 84 10.46 47.70 3.92
N SER I 85 11.25 48.72 3.59
CA SER I 85 10.82 50.11 3.76
C SER I 85 10.28 50.37 5.18
N LEU I 86 11.01 49.86 6.16
CA LEU I 86 10.59 49.87 7.56
C LEU I 86 10.42 51.28 8.14
N ARG I 87 9.29 51.49 8.81
CA ARG I 87 9.05 52.72 9.57
C ARG I 87 9.11 52.47 11.07
N SER I 88 9.27 53.56 11.81
CA SER I 88 9.23 53.53 13.27
C SER I 88 8.00 52.84 13.81
N GLU I 89 6.88 53.05 13.13
CA GLU I 89 5.61 52.53 13.58
C GLU I 89 5.51 51.02 13.38
N ASP I 90 6.48 50.44 12.70
CA ASP I 90 6.50 48.99 12.54
C ASP I 90 7.15 48.34 13.75
N THR I 91 7.63 49.16 14.68
CA THR I 91 8.19 48.64 15.92
C THR I 91 7.12 47.85 16.69
N ALA I 92 7.35 46.56 16.89
CA ALA I 92 6.34 45.73 17.54
C ALA I 92 6.88 44.37 17.89
N MET I 93 6.14 43.66 18.72
CA MET I 93 6.30 42.24 18.84
C MET I 93 5.50 41.57 17.72
N TYR I 94 6.15 40.72 16.92
CA TYR I 94 5.46 40.02 15.82
C TYR I 94 5.14 38.56 16.14
N TYR I 95 3.87 38.20 16.01
CA TYR I 95 3.40 36.83 16.24
C TYR I 95 2.93 36.20 14.94
N CYS I 96 3.21 34.91 14.77
CA CYS I 96 2.48 34.14 13.77
C CYS I 96 1.35 33.36 14.44
N ALA I 97 0.27 33.14 13.72
CA ALA I 97 -0.85 32.39 14.26
C ALA I 97 -1.47 31.49 13.21
N ARG I 98 -1.87 30.29 13.62
CA ARG I 98 -2.53 29.37 12.70
C ARG I 98 -3.98 29.75 12.54
N TRP I 99 -4.47 29.72 11.30
CA TRP I 99 -5.88 29.90 11.02
C TRP I 99 -6.55 28.54 11.09
N GLY I 100 -6.90 28.11 12.30
CA GLY I 100 -7.47 26.79 12.48
C GLY I 100 -8.90 26.84 12.98
N ASN I 101 -9.23 25.89 13.85
CA ASN I 101 -10.51 25.85 14.55
C ASN I 101 -11.70 25.67 13.59
N TYR I 102 -11.44 25.03 12.46
CA TYR I 102 -12.46 24.72 11.45
C TYR I 102 -13.65 23.98 12.07
N PRO I 103 -14.87 24.36 11.66
CA PRO I 103 -15.23 25.40 10.69
C PRO I 103 -15.49 26.76 11.33
N HIS I 104 -15.16 26.91 12.62
CA HIS I 104 -15.26 28.22 13.26
C HIS I 104 -13.88 28.86 13.25
N TYR I 105 -13.48 29.32 12.07
CA TYR I 105 -12.13 29.83 11.83
C TYR I 105 -11.69 30.83 12.89
N ALA I 106 -10.52 30.55 13.48
CA ALA I 106 -10.00 31.39 14.54
C ALA I 106 -8.51 31.20 14.68
N MET I 107 -7.83 32.24 15.15
CA MET I 107 -6.41 32.11 15.45
C MET I 107 -6.23 31.30 16.72
N ASP I 108 -6.18 29.97 16.55
CA ASP I 108 -6.17 29.03 17.66
C ASP I 108 -4.81 28.77 18.30
N TYR I 109 -3.74 28.91 17.52
CA TYR I 109 -2.39 28.70 18.03
C TYR I 109 -1.44 29.81 17.60
N TRP I 110 -0.67 30.33 18.56
CA TRP I 110 0.17 31.50 18.35
C TRP I 110 1.64 31.16 18.66
N GLY I 111 2.56 31.78 17.93
CA GLY I 111 3.97 31.66 18.25
C GLY I 111 4.30 32.48 19.48
N GLN I 112 5.57 32.48 19.89
CA GLN I 112 5.97 33.15 21.13
C GLN I 112 6.16 34.66 20.97
N GLY I 113 6.28 35.12 19.72
CA GLY I 113 6.54 36.52 19.45
C GLY I 113 8.02 36.78 19.28
N THR I 114 8.36 37.56 18.26
CA THR I 114 9.74 37.98 18.07
C THR I 114 9.78 39.50 17.87
N SER I 115 10.69 40.14 18.58
CA SER I 115 10.65 41.59 18.69
C SER I 115 11.39 42.32 17.57
N VAL I 116 10.70 43.27 16.95
CA VAL I 116 11.32 44.13 15.95
C VAL I 116 11.30 45.59 16.40
N THR I 117 12.48 46.18 16.46
CA THR I 117 12.62 47.60 16.76
C THR I 117 13.16 48.32 15.52
N VAL I 118 12.46 49.37 15.10
CA VAL I 118 12.91 50.14 13.94
C VAL I 118 13.29 51.53 14.42
N SER I 119 14.59 51.83 14.32
CA SER I 119 15.14 53.05 14.90
C SER I 119 16.52 53.35 14.30
N SER I 120 16.90 54.63 14.28
CA SER I 120 18.22 54.98 13.79
C SER I 120 19.20 55.00 14.95
N ALA I 121 18.68 54.88 16.17
CA ALA I 121 19.54 54.69 17.33
C ALA I 121 20.30 53.37 17.20
N LYS I 122 21.53 53.36 17.71
CA LYS I 122 22.38 52.18 17.62
C LYS I 122 22.41 51.33 18.89
N THR I 123 22.82 50.08 18.76
CA THR I 123 22.90 49.16 19.89
C THR I 123 23.93 49.60 20.90
N THR I 124 23.49 49.84 22.13
CA THR I 124 24.38 50.28 23.19
C THR I 124 24.12 49.55 24.50
N ALA I 125 25.18 49.01 25.10
CA ALA I 125 25.08 48.42 26.43
C ALA I 125 24.69 49.49 27.45
N PRO I 126 24.05 49.09 28.56
CA PRO I 126 23.72 50.10 29.58
C PRO I 126 24.90 50.37 30.49
N SER I 127 24.86 51.51 31.16
CA SER I 127 25.67 51.71 32.35
C SER I 127 24.80 51.22 33.47
N VAL I 128 25.40 50.73 34.54
CA VAL I 128 24.64 50.15 35.63
C VAL I 128 25.16 50.71 36.94
N TYR I 129 24.27 51.31 37.72
CA TYR I 129 24.68 51.98 38.96
C TYR I 129 23.92 51.44 40.15
N PRO I 130 24.63 51.12 41.19
CA PRO I 130 24.02 50.71 42.42
C PRO I 130 23.39 51.88 43.18
N LEU I 131 22.22 51.65 43.71
CA LEU I 131 21.51 52.62 44.51
C LEU I 131 21.47 52.15 45.93
N ALA I 132 22.28 52.74 46.76
CA ALA I 132 22.28 52.43 48.15
C ALA I 132 21.48 53.45 48.92
N PRO I 133 20.85 53.05 50.02
CA PRO I 133 20.25 53.96 50.96
C PRO I 133 21.28 54.84 51.61
N THR I 139 14.64 51.46 59.00
CA THR I 139 15.65 51.09 59.97
C THR I 139 14.92 50.64 61.20
N GLY I 140 13.78 50.03 60.98
CA GLY I 140 13.41 49.65 59.65
C GLY I 140 13.30 48.15 59.58
N SER I 141 14.22 47.40 60.10
CA SER I 141 13.94 45.99 59.93
C SER I 141 14.15 45.64 58.43
N SER I 142 13.44 46.29 57.55
CA SER I 142 13.62 46.12 56.14
C SER I 142 14.45 47.28 55.60
N VAL I 143 15.29 47.03 54.62
CA VAL I 143 15.94 48.06 53.80
C VAL I 143 15.83 47.88 52.29
N THR I 144 15.57 48.96 51.58
CA THR I 144 15.36 48.90 50.15
C THR I 144 16.55 49.36 49.35
N LEU I 145 16.98 48.54 48.44
CA LEU I 145 18.09 48.82 47.59
C LEU I 145 17.71 48.84 46.16
N GLY I 146 18.58 49.38 45.37
CA GLY I 146 18.16 49.60 44.00
C GLY I 146 19.27 49.48 42.98
N CYS I 147 18.87 49.49 41.73
CA CYS I 147 19.77 49.27 40.64
C CYS I 147 19.32 50.16 39.50
N LEU I 148 20.18 51.08 39.08
CA LEU I 148 19.86 51.95 37.94
C LEU I 148 20.55 51.50 36.67
N VAL I 149 19.74 51.28 35.63
CA VAL I 149 20.22 50.77 34.38
C VAL I 149 20.04 51.82 33.31
N LYS I 150 21.12 52.47 32.91
CA LYS I 150 20.95 53.70 32.16
C LYS I 150 21.58 53.76 30.77
N GLY I 151 20.80 54.24 29.81
CA GLY I 151 21.30 54.53 28.47
C GLY I 151 21.62 53.33 27.59
N TYR I 152 20.69 52.38 27.50
CA TYR I 152 20.86 51.22 26.64
C TYR I 152 19.88 51.23 25.48
N PHE I 153 20.17 50.43 24.46
CA PHE I 153 19.34 50.31 23.26
C PHE I 153 19.82 49.09 22.45
N PRO I 154 18.88 48.33 21.88
CA PRO I 154 17.43 48.47 22.03
C PRO I 154 16.94 47.73 23.28
N GLU I 155 15.63 47.73 23.47
CA GLU I 155 14.97 46.92 24.49
C GLU I 155 15.10 45.47 24.01
N PRO I 156 15.23 44.50 24.94
CA PRO I 156 15.12 44.65 26.38
C PRO I 156 16.43 44.48 27.13
N VAL I 157 16.35 44.67 28.44
CA VAL I 157 17.39 44.28 29.38
C VAL I 157 16.69 43.31 30.33
N THR I 158 17.44 42.44 31.00
CA THR I 158 16.84 41.63 32.06
C THR I 158 17.58 41.80 33.37
N LEU I 159 16.82 41.86 34.46
CA LEU I 159 17.34 42.19 35.77
C LEU I 159 17.13 41.06 36.76
N THR I 160 18.18 40.70 37.47
CA THR I 160 18.08 39.74 38.57
C THR I 160 18.91 40.28 39.71
N TRP I 161 18.66 39.74 40.90
CA TRP I 161 19.39 40.13 42.10
C TRP I 161 19.97 38.87 42.72
N ASN I 162 21.23 38.90 43.08
CA ASN I 162 21.92 37.68 43.55
C ASN I 162 21.66 36.49 42.63
N SER I 163 21.62 36.77 41.33
CA SER I 163 21.49 35.75 40.28
C SER I 163 20.21 34.92 40.39
N GLY I 164 19.11 35.57 40.74
CA GLY I 164 17.84 34.88 40.82
C GLY I 164 17.48 34.43 42.23
N SER I 165 18.48 34.34 43.10
CA SER I 165 18.24 33.89 44.48
C SER I 165 17.25 34.77 45.23
N LEU I 166 17.34 36.09 45.06
CA LEU I 166 16.39 37.05 45.62
C LEU I 166 15.18 37.21 44.71
N SER I 167 14.01 36.75 45.15
CA SER I 167 12.83 36.78 44.32
C SER I 167 11.81 37.82 44.75
N SER I 168 11.09 37.54 45.84
CA SER I 168 10.02 38.41 46.32
C SER I 168 10.55 39.79 46.67
N GLY I 169 9.73 40.82 46.48
CA GLY I 169 10.12 42.16 46.86
C GLY I 169 10.97 42.85 45.80
N VAL I 170 11.27 42.12 44.73
CA VAL I 170 11.96 42.74 43.60
C VAL I 170 10.93 43.41 42.69
N HIS I 171 11.11 44.70 42.41
CA HIS I 171 10.27 45.35 41.40
C HIS I 171 11.17 45.86 40.30
N THR I 172 10.88 45.44 39.08
CA THR I 172 11.66 45.91 37.96
C THR I 172 10.75 46.70 37.07
N PHE I 173 11.10 47.97 36.91
CA PHE I 173 10.21 48.91 36.25
C PHE I 173 10.46 48.89 34.76
N PRO I 174 9.38 48.97 33.98
CA PRO I 174 9.42 49.04 32.51
C PRO I 174 10.29 50.21 32.04
N ALA I 175 10.97 50.04 30.91
CA ALA I 175 11.94 51.04 30.45
C ALA I 175 11.25 52.28 29.91
N VAL I 176 11.95 53.40 30.03
CA VAL I 176 11.49 54.65 29.46
C VAL I 176 12.57 55.21 28.52
N LEU I 177 12.13 55.75 27.39
CA LEU I 177 13.04 56.37 26.44
C LEU I 177 13.25 57.85 26.74
N GLN I 178 14.50 58.24 26.96
CA GLN I 178 14.84 59.66 27.02
C GLN I 178 16.17 59.92 26.30
N SER I 179 16.20 60.97 25.49
CA SER I 179 17.38 61.32 24.70
C SER I 179 17.90 60.16 23.85
N GLY I 180 16.98 59.43 23.23
CA GLY I 180 17.34 58.37 22.29
C GLY I 180 17.61 57.00 22.88
N LEU I 181 17.80 56.92 24.19
CA LEU I 181 18.09 55.65 24.85
C LEU I 181 17.13 55.32 25.99
N TYR I 182 17.17 54.07 26.44
CA TYR I 182 16.28 53.58 27.48
C TYR I 182 16.93 53.63 28.85
N THR I 183 16.09 53.82 29.86
CA THR I 183 16.56 53.75 31.23
C THR I 183 15.51 53.00 32.03
N LEU I 184 15.96 52.16 32.94
CA LEU I 184 15.05 51.57 33.89
C LEU I 184 15.78 51.38 35.19
N SER I 185 15.02 51.00 36.20
CA SER I 185 15.57 50.76 37.51
C SER I 185 14.91 49.51 38.08
N SER I 186 15.52 48.95 39.11
CA SER I 186 14.97 47.82 39.80
C SER I 186 15.23 48.01 41.29
N SER I 187 14.29 47.56 42.11
CA SER I 187 14.47 47.66 43.56
C SER I 187 14.32 46.29 44.18
N VAL I 188 14.94 46.11 45.33
CA VAL I 188 14.82 44.87 46.09
C VAL I 188 14.78 45.23 47.56
N THR I 189 14.12 44.43 48.36
CA THR I 189 14.07 44.68 49.78
C THR I 189 14.74 43.55 50.52
N VAL I 190 15.65 43.87 51.38
CA VAL I 190 16.32 42.90 52.21
C VAL I 190 16.29 43.20 53.70
N THR I 191 16.54 42.20 54.48
CA THR I 191 16.63 42.34 55.93
C THR I 191 17.69 43.37 56.33
N SER I 192 17.30 44.28 57.20
CA SER I 192 18.22 45.33 57.66
C SER I 192 19.35 44.82 58.55
N SER I 193 19.10 43.76 59.31
CA SER I 193 20.09 43.24 60.23
C SER I 193 21.20 42.47 59.52
N THR I 194 20.97 42.09 58.27
CA THR I 194 21.97 41.29 57.56
C THR I 194 22.57 42.00 56.35
N TRP I 195 22.34 43.30 56.28
CA TRP I 195 22.98 44.10 55.23
C TRP I 195 23.79 45.22 55.88
N PRO I 196 25.06 45.36 55.45
CA PRO I 196 25.68 44.73 54.27
C PRO I 196 26.41 43.40 54.50
N SER I 197 26.42 42.86 55.73
CA SER I 197 27.25 41.70 56.05
C SER I 197 27.05 40.47 55.14
N GLN I 198 25.88 40.35 54.53
CA GLN I 198 25.77 39.45 53.38
C GLN I 198 25.38 40.22 52.13
N THR I 199 26.10 39.95 51.06
CA THR I 199 26.18 40.84 49.91
C THR I 199 24.94 40.83 49.01
N ILE I 200 24.65 41.99 48.43
CA ILE I 200 23.56 42.09 47.47
C ILE I 200 24.08 42.62 46.15
N THR I 201 23.78 41.89 45.07
CA THR I 201 24.27 42.24 43.74
C THR I 201 23.14 42.29 42.73
N CYS I 202 23.08 43.35 41.94
CA CYS I 202 22.15 43.32 40.84
C CYS I 202 22.89 42.88 39.57
N ASN I 203 22.27 42.01 38.80
CA ASN I 203 22.87 41.51 37.59
C ASN I 203 22.04 41.99 36.43
N VAL I 204 22.70 42.57 35.44
CA VAL I 204 22.01 43.11 34.29
C VAL I 204 22.59 42.50 33.02
N ALA I 205 21.71 42.05 32.13
CA ALA I 205 22.15 41.53 30.85
C ALA I 205 21.38 42.19 29.73
N HIS I 206 22.06 42.45 28.63
CA HIS I 206 21.48 43.14 27.48
C HIS I 206 21.65 42.28 26.24
N PRO I 207 20.59 41.56 25.84
CA PRO I 207 20.63 40.59 24.74
C PRO I 207 21.27 41.14 23.49
N ALA I 208 20.81 42.30 23.03
CA ALA I 208 21.23 42.85 21.75
C ALA I 208 22.74 43.09 21.61
N SER I 209 23.44 43.28 22.72
CA SER I 209 24.85 43.58 22.68
C SER I 209 25.66 42.52 23.41
N SER I 210 25.00 41.43 23.78
CA SER I 210 25.64 40.34 24.52
C SER I 210 26.40 40.81 25.77
N THR I 211 25.91 41.86 26.41
CA THR I 211 26.59 42.44 27.58
C THR I 211 25.99 41.93 28.89
N LYS I 212 26.85 41.60 29.85
CA LYS I 212 26.40 41.23 31.19
C LYS I 212 27.20 42.00 32.23
N VAL I 213 26.49 42.52 33.23
CA VAL I 213 27.09 43.35 34.27
C VAL I 213 26.56 42.93 35.63
N ASP I 214 27.46 42.80 36.61
CA ASP I 214 27.09 42.58 38.00
C ASP I 214 27.54 43.76 38.84
N LYS I 215 26.75 44.13 39.85
CA LYS I 215 27.06 45.31 40.64
C LYS I 215 26.68 45.15 42.11
N LYS I 216 27.68 45.04 42.97
CA LYS I 216 27.45 44.95 44.41
C LYS I 216 26.95 46.27 44.96
N ILE I 217 26.08 46.21 45.95
CA ILE I 217 25.53 47.42 46.54
C ILE I 217 26.27 47.75 47.84
N GLU I 218 27.05 48.82 47.85
CA GLU I 218 27.86 49.20 49.02
C GLU I 218 27.20 50.29 49.83
N PRO I 219 27.34 50.23 51.12
CA PRO I 219 26.75 51.22 51.99
C PRO I 219 27.50 52.51 51.93
N ARG I 220 26.86 53.52 52.46
CA ARG I 220 27.30 54.89 52.47
C ARG I 220 26.35 55.60 53.45
N VAL I 221 26.85 56.56 54.19
CA VAL I 221 26.04 57.34 55.15
C VAL I 221 25.47 58.50 54.36
N ASN J 1 -13.73 48.96 6.92
CA ASN J 1 -13.12 48.12 7.94
C ASN J 1 -14.03 47.98 9.15
N ILE J 2 -14.08 46.77 9.69
CA ILE J 2 -14.85 46.56 10.90
C ILE J 2 -14.05 47.03 12.12
N VAL J 3 -14.36 48.24 12.57
CA VAL J 3 -13.70 48.78 13.75
C VAL J 3 -14.29 48.20 15.04
N MET J 4 -13.41 47.70 15.91
CA MET J 4 -13.81 47.20 17.22
C MET J 4 -13.39 48.17 18.30
N THR J 5 -14.38 48.70 19.02
CA THR J 5 -14.11 49.59 20.13
C THR J 5 -14.28 48.83 21.42
N GLN J 6 -13.19 48.69 22.16
CA GLN J 6 -13.19 47.89 23.37
C GLN J 6 -13.17 48.81 24.57
N SER J 7 -14.04 48.58 25.53
CA SER J 7 -14.01 49.42 26.72
C SER J 7 -14.38 48.62 27.96
N PRO J 8 -13.80 48.98 29.12
CA PRO J 8 -12.77 50.02 29.25
C PRO J 8 -11.41 49.42 28.95
N LYS J 9 -10.42 50.25 28.68
CA LYS J 9 -9.08 49.74 28.44
C LYS J 9 -8.48 49.25 29.75
N SER J 10 -8.97 49.80 30.85
CA SER J 10 -8.47 49.42 32.16
C SER J 10 -9.64 49.17 33.08
N MET J 11 -9.61 48.05 33.78
CA MET J 11 -10.71 47.69 34.64
C MET J 11 -10.22 46.94 35.86
N SER J 12 -10.70 47.36 37.04
CA SER J 12 -10.36 46.71 38.31
C SER J 12 -11.58 46.04 38.91
N MET J 13 -11.42 44.82 39.41
CA MET J 13 -12.53 44.09 40.00
C MET J 13 -12.07 43.27 41.18
N SER J 14 -12.86 43.30 42.26
CA SER J 14 -12.56 42.57 43.50
C SER J 14 -12.76 41.08 43.23
N VAL J 15 -11.94 40.22 43.85
CA VAL J 15 -12.13 38.78 43.72
C VAL J 15 -13.53 38.41 44.20
N GLY J 16 -14.17 37.46 43.53
CA GLY J 16 -15.54 37.10 43.82
C GLY J 16 -16.58 37.88 43.04
N GLU J 17 -16.16 38.99 42.42
CA GLU J 17 -17.11 39.86 41.72
C GLU J 17 -17.18 39.57 40.22
N ARG J 18 -17.95 40.39 39.51
CA ARG J 18 -18.20 40.15 38.09
C ARG J 18 -17.46 41.15 37.21
N VAL J 19 -16.59 40.64 36.34
CA VAL J 19 -15.98 41.53 35.36
C VAL J 19 -16.71 41.49 34.04
N THR J 20 -16.94 42.65 33.48
CA THR J 20 -17.58 42.73 32.17
C THR J 20 -16.76 43.59 31.26
N LEU J 21 -16.48 43.04 30.09
CA LEU J 21 -15.71 43.75 29.11
C LEU J 21 -16.60 43.82 27.87
N THR J 22 -16.75 45.03 27.32
CA THR J 22 -17.58 45.23 26.14
C THR J 22 -16.76 45.47 24.87
N CYS J 23 -17.31 45.03 23.75
CA CYS J 23 -16.65 45.20 22.48
C CYS J 23 -17.73 45.56 21.48
N LYS J 24 -17.72 46.79 21.00
CA LYS J 24 -18.73 47.18 20.01
C LYS J 24 -18.10 47.34 18.65
N ALA J 25 -18.72 46.72 17.67
CA ALA J 25 -18.25 46.75 16.29
C ALA J 25 -18.91 47.91 15.54
N SER J 26 -18.21 48.46 14.55
CA SER J 26 -18.72 49.60 13.77
C SER J 26 -19.79 49.12 12.78
N GLU J 27 -19.75 47.84 12.46
CA GLU J 27 -20.80 47.23 11.67
C GLU J 27 -20.99 45.81 12.18
N ASN J 28 -22.03 45.12 11.72
CA ASN J 28 -22.39 43.84 12.33
C ASN J 28 -21.47 42.66 11.98
N VAL J 29 -21.34 41.73 12.93
CA VAL J 29 -20.40 40.61 12.90
C VAL J 29 -21.23 39.31 13.03
N GLY J 30 -20.60 38.13 13.05
CA GLY J 30 -21.31 36.89 13.38
C GLY J 30 -21.81 36.88 14.82
N THR J 31 -21.48 35.86 15.64
CA THR J 31 -20.79 34.61 15.29
C THR J 31 -19.40 34.65 14.65
N TYR J 32 -18.69 35.77 14.79
CA TYR J 32 -17.34 35.85 14.28
C TYR J 32 -16.43 36.62 15.23
N VAL J 33 -16.96 36.96 16.40
CA VAL J 33 -16.12 37.60 17.42
C VAL J 33 -15.41 36.51 18.23
N SER J 34 -14.14 36.73 18.49
CA SER J 34 -13.39 35.84 19.35
C SER J 34 -12.81 36.70 20.45
N TRP J 35 -12.32 36.06 21.50
CA TRP J 35 -11.72 36.76 22.62
C TRP J 35 -10.40 36.08 22.90
N TYR J 36 -9.40 36.88 23.26
CA TYR J 36 -8.09 36.36 23.58
C TYR J 36 -7.66 36.86 24.95
N GLN J 37 -7.00 35.99 25.71
CA GLN J 37 -6.41 36.36 26.96
C GLN J 37 -4.89 36.39 26.77
N GLN J 38 -4.27 37.45 27.24
CA GLN J 38 -2.81 37.54 27.17
C GLN J 38 -2.20 37.83 28.54
N LYS J 39 -1.57 36.81 29.13
CA LYS J 39 -0.90 36.97 30.41
C LYS J 39 0.49 37.59 30.18
N PRO J 40 0.98 38.38 31.15
CA PRO J 40 2.15 39.28 31.07
C PRO J 40 3.28 38.87 30.15
N GLU J 41 3.90 37.73 30.41
CA GLU J 41 5.04 37.28 29.60
C GLU J 41 4.64 36.72 28.24
N GLN J 42 3.40 36.28 28.09
CA GLN J 42 3.05 35.37 27.00
C GLN J 42 2.30 35.92 25.79
N SER J 43 2.17 35.05 24.80
CA SER J 43 1.39 35.31 23.61
C SER J 43 -0.10 35.24 23.93
N PRO J 44 -0.94 35.86 23.09
CA PRO J 44 -2.39 35.74 23.29
C PRO J 44 -2.80 34.29 23.15
N LYS J 45 -3.79 33.88 23.91
CA LYS J 45 -4.35 32.54 23.79
C LYS J 45 -5.85 32.66 23.50
N LEU J 46 -6.36 31.83 22.59
CA LEU J 46 -7.78 31.88 22.25
C LEU J 46 -8.64 31.46 23.44
N LEU J 47 -9.63 32.25 23.75
CA LEU J 47 -10.49 32.07 24.90
C LEU J 47 -11.90 31.74 24.48
N ILE J 48 -12.48 32.59 23.67
CA ILE J 48 -13.80 32.34 23.15
C ILE J 48 -13.79 32.36 21.62
N TYR J 49 -14.43 31.42 21.00
CA TYR J 49 -14.64 31.49 19.59
C TYR J 49 -16.15 31.55 19.29
N GLY J 50 -16.53 31.97 18.12
CA GLY J 50 -17.91 32.11 17.82
C GLY J 50 -18.28 33.26 18.68
N ALA J 51 -19.23 33.19 19.54
CA ALA J 51 -19.22 34.38 20.34
C ALA J 51 -19.28 34.04 21.78
N SER J 52 -19.56 32.76 21.98
CA SER J 52 -19.86 32.20 23.24
C SER J 52 -19.35 30.79 23.47
N ASN J 53 -18.56 30.27 22.55
CA ASN J 53 -17.97 28.97 22.78
C ASN J 53 -16.63 29.04 23.48
N ARG J 54 -16.47 28.21 24.50
CA ARG J 54 -15.25 28.13 25.23
C ARG J 54 -14.30 27.25 24.48
N TYR J 55 -13.03 27.60 24.53
CA TYR J 55 -11.97 26.82 23.95
C TYR J 55 -11.36 25.90 24.97
N THR J 56 -10.58 24.94 24.51
CA THR J 56 -10.06 23.86 25.35
C THR J 56 -9.35 24.38 26.59
N GLY J 57 -9.84 23.94 27.75
CA GLY J 57 -9.24 24.31 29.01
C GLY J 57 -9.61 25.69 29.52
N VAL J 58 -10.58 26.34 28.88
CA VAL J 58 -11.07 27.62 29.36
C VAL J 58 -12.14 27.39 30.44
N PRO J 59 -11.89 27.89 31.67
CA PRO J 59 -12.82 27.76 32.81
C PRO J 59 -14.23 28.24 32.47
N ASP J 60 -15.23 27.60 33.05
CA ASP J 60 -16.63 27.96 32.84
C ASP J 60 -16.96 29.36 33.34
N ARG J 61 -16.10 29.89 34.20
CA ARG J 61 -16.28 31.25 34.72
C ARG J 61 -16.19 32.27 33.60
N PHE J 62 -15.57 31.89 32.49
CA PHE J 62 -15.48 32.74 31.32
C PHE J 62 -16.67 32.51 30.41
N THR J 63 -17.47 33.54 30.20
CA THR J 63 -18.54 33.45 29.21
C THR J 63 -18.60 34.67 28.28
N GLY J 64 -18.69 34.40 26.98
CA GLY J 64 -18.85 35.44 25.99
C GLY J 64 -20.27 35.47 25.47
N SER J 65 -20.72 36.64 25.07
CA SER J 65 -22.03 36.83 24.58
C SER J 65 -22.09 37.97 23.60
N GLY J 66 -23.22 38.04 22.94
CA GLY J 66 -23.51 39.15 22.12
C GLY J 66 -23.93 38.68 20.76
N SER J 67 -24.23 39.65 19.94
CA SER J 67 -24.64 39.48 18.55
C SER J 67 -24.64 40.81 17.82
N ALA J 68 -24.61 40.73 16.52
CA ALA J 68 -24.65 41.86 15.65
C ALA J 68 -23.53 42.83 15.87
N THR J 69 -23.83 43.89 16.59
CA THR J 69 -22.93 44.96 16.80
C THR J 69 -22.23 44.91 18.17
N ASP J 70 -22.82 44.20 19.10
CA ASP J 70 -22.46 44.33 20.46
C ASP J 70 -22.13 42.99 21.16
N PHE J 71 -20.92 42.85 21.68
CA PHE J 71 -20.43 41.66 22.33
C PHE J 71 -19.84 41.90 23.72
N THR J 72 -19.74 40.87 24.52
CA THR J 72 -19.23 41.02 25.86
C THR J 72 -18.45 39.81 26.31
N LEU J 73 -17.49 40.04 27.19
CA LEU J 73 -16.84 38.96 27.91
C LEU J 73 -17.10 39.25 29.39
N THR J 74 -17.61 38.24 30.07
CA THR J 74 -17.89 38.35 31.48
C THR J 74 -17.13 37.22 32.15
N ILE J 75 -16.51 37.53 33.27
CA ILE J 75 -15.87 36.50 34.08
C ILE J 75 -16.47 36.59 35.47
N SER J 76 -17.20 35.56 35.85
CA SER J 76 -17.91 35.57 37.12
C SER J 76 -17.79 34.20 37.74
N SER J 77 -17.04 34.07 38.83
CA SER J 77 -16.41 35.19 39.55
C SER J 77 -14.91 35.38 39.24
N VAL J 78 -14.44 36.61 39.30
CA VAL J 78 -13.04 36.88 38.98
C VAL J 78 -12.15 36.27 40.04
N GLN J 79 -11.08 35.61 39.58
CA GLN J 79 -10.11 35.03 40.47
C GLN J 79 -8.77 35.69 40.22
N ALA J 80 -7.83 35.47 41.14
CA ALA J 80 -6.50 36.09 41.11
C ALA J 80 -5.74 35.87 39.80
N GLU J 81 -5.94 34.70 39.18
CA GLU J 81 -5.22 34.34 37.97
C GLU J 81 -5.86 34.91 36.69
N ASP J 82 -6.94 35.67 36.83
CA ASP J 82 -7.62 36.24 35.66
C ASP J 82 -6.96 37.55 35.21
N LEU J 83 -6.01 38.03 35.99
CA LEU J 83 -5.20 39.21 35.64
C LEU J 83 -4.51 39.04 34.30
N ALA J 84 -4.88 39.86 33.32
CA ALA J 84 -4.38 39.71 31.96
C ALA J 84 -4.86 40.84 31.08
N ASP J 85 -4.38 40.85 29.85
CA ASP J 85 -4.97 41.68 28.80
C ASP J 85 -5.98 40.85 28.01
N TYR J 86 -7.15 41.41 27.78
CA TYR J 86 -8.18 40.72 27.00
C TYR J 86 -8.47 41.49 25.72
N HIS J 87 -8.51 40.78 24.61
CA HIS J 87 -8.68 41.38 23.29
C HIS J 87 -9.83 40.71 22.55
N CYS J 88 -10.77 41.50 22.08
CA CYS J 88 -11.72 41.03 21.15
C CYS J 88 -11.23 41.10 19.70
N GLY J 89 -11.85 40.33 18.85
CA GLY J 89 -11.45 40.17 17.49
C GLY J 89 -12.47 39.59 16.57
N GLN J 90 -12.65 40.24 15.45
CA GLN J 90 -13.52 39.77 14.40
C GLN J 90 -12.86 38.96 13.30
N SER J 91 -13.44 37.82 13.05
CA SER J 91 -12.96 36.99 12.01
C SER J 91 -13.83 36.93 10.77
N TYR J 92 -14.55 37.97 10.49
CA TYR J 92 -15.58 37.89 9.51
C TYR J 92 -15.22 38.51 8.15
N SER J 93 -14.41 39.51 8.10
CA SER J 93 -13.91 39.98 6.82
C SER J 93 -12.57 40.58 6.97
N THR J 94 -11.75 40.42 5.97
CA THR J 94 -10.53 41.16 5.91
C THR J 94 -10.79 42.65 5.66
N PRO J 95 -10.11 43.51 6.35
CA PRO J 95 -9.05 43.17 7.27
C PRO J 95 -9.52 42.67 8.63
N TYR J 96 -9.02 41.53 9.08
CA TYR J 96 -9.29 41.08 10.44
C TYR J 96 -8.80 42.18 11.38
N THR J 97 -9.59 42.45 12.40
CA THR J 97 -9.32 43.56 13.29
C THR J 97 -9.49 43.15 14.76
N PHE J 98 -8.81 43.87 15.64
CA PHE J 98 -8.83 43.60 17.06
C PHE J 98 -9.35 44.84 17.77
N GLY J 99 -9.85 44.66 18.99
CA GLY J 99 -10.14 45.79 19.86
C GLY J 99 -8.84 46.29 20.42
N GLY J 100 -8.88 47.40 21.14
CA GLY J 100 -7.66 47.98 21.67
C GLY J 100 -7.13 47.22 22.86
N GLY J 101 -7.94 46.30 23.39
CA GLY J 101 -7.52 45.55 24.57
C GLY J 101 -8.01 46.14 25.89
N THR J 102 -8.15 45.27 26.90
CA THR J 102 -8.51 45.67 28.25
C THR J 102 -7.54 45.03 29.22
N LYS J 103 -6.97 45.84 30.11
CA LYS J 103 -6.13 45.32 31.18
C LYS J 103 -6.98 45.06 32.41
N LEU J 104 -7.15 43.78 32.73
CA LEU J 104 -7.94 43.42 33.89
C LEU J 104 -7.04 43.37 35.11
N GLU J 105 -7.45 44.04 36.16
CA GLU J 105 -6.67 44.05 37.39
C GLU J 105 -7.56 43.71 38.59
N ILE J 106 -6.94 43.21 39.63
CA ILE J 106 -7.62 42.95 40.89
C ILE J 106 -7.79 44.24 41.69
N LYS J 107 -9.04 44.53 42.09
CA LYS J 107 -9.28 45.60 43.02
C LYS J 107 -8.94 45.08 44.41
N ARG J 108 -8.33 45.92 45.23
CA ARG J 108 -7.99 45.53 46.60
C ARG J 108 -8.09 46.75 47.50
N ALA J 109 -7.68 46.60 48.76
CA ALA J 109 -7.76 47.72 49.70
C ALA J 109 -6.70 48.77 49.40
N ASP J 110 -7.04 50.04 49.59
CA ASP J 110 -6.07 51.12 49.45
C ASP J 110 -4.77 50.83 50.20
N ALA J 111 -3.65 51.22 49.63
CA ALA J 111 -2.38 51.10 50.32
C ALA J 111 -1.53 52.31 50.01
N ALA J 112 -1.00 52.98 51.05
CA ALA J 112 -0.11 54.11 50.84
C ALA J 112 1.23 53.60 50.33
N PRO J 113 1.88 54.40 49.46
CA PRO J 113 3.18 54.02 48.91
C PRO J 113 4.26 54.10 49.97
N THR J 114 5.18 53.15 49.93
CA THR J 114 6.41 53.22 50.71
C THR J 114 7.49 53.82 49.84
N VAL J 115 8.08 54.92 50.31
CA VAL J 115 8.97 55.72 49.47
C VAL J 115 10.41 55.69 49.93
N SER J 116 11.30 55.48 48.97
CA SER J 116 12.74 55.52 49.22
C SER J 116 13.33 56.49 48.21
N ILE J 117 14.31 57.29 48.64
CA ILE J 117 14.99 58.20 47.73
C ILE J 117 16.48 57.86 47.70
N PHE J 118 17.10 58.03 46.54
CA PHE J 118 18.51 57.67 46.35
C PHE J 118 19.28 58.75 45.59
N PRO J 119 20.35 59.28 46.23
CA PRO J 119 21.27 60.21 45.58
C PRO J 119 21.97 59.50 44.45
N PRO J 120 22.50 60.26 43.48
CA PRO J 120 23.31 59.62 42.44
C PRO J 120 24.50 58.88 43.06
N SER J 121 24.81 57.69 42.56
CA SER J 121 25.98 56.96 43.04
C SER J 121 27.26 57.72 42.71
N SER J 122 28.29 57.48 43.51
CA SER J 122 29.60 58.03 43.24
C SER J 122 30.11 57.61 41.85
N GLU J 123 29.77 56.39 41.43
CA GLU J 123 30.18 55.88 40.10
C GLU J 123 29.56 56.63 38.91
N GLN J 124 28.30 57.02 39.03
CA GLN J 124 27.69 57.86 38.00
C GLN J 124 28.32 59.27 38.02
N LEU J 125 28.49 59.82 39.22
CA LEU J 125 29.00 61.18 39.36
C LEU J 125 30.35 61.30 38.67
N THR J 126 31.19 60.29 38.90
CA THR J 126 32.54 60.26 38.37
C THR J 126 32.54 60.19 36.85
N SER J 127 31.43 59.76 36.28
CA SER J 127 31.28 59.75 34.82
C SER J 127 30.56 61.00 34.31
N GLY J 128 30.17 61.90 35.21
CA GLY J 128 29.57 63.15 34.79
C GLY J 128 28.06 63.19 34.85
N GLY J 129 27.44 62.08 35.22
CA GLY J 129 25.99 61.99 35.27
C GLY J 129 25.47 62.20 36.68
N ALA J 130 24.17 62.46 36.81
CA ALA J 130 23.56 62.64 38.12
C ALA J 130 22.06 62.39 38.08
N SER J 131 21.69 61.14 38.20
CA SER J 131 20.30 60.78 38.25
C SER J 131 19.92 60.61 39.71
N VAL J 132 18.80 61.21 40.10
CA VAL J 132 18.29 60.98 41.44
C VAL J 132 17.10 60.05 41.30
N VAL J 133 16.96 59.06 42.18
CA VAL J 133 15.88 58.09 42.00
C VAL J 133 14.95 57.96 43.21
N CYS J 134 13.64 57.98 42.94
CA CYS J 134 12.63 57.69 43.95
C CYS J 134 11.82 56.46 43.62
N PHE J 135 11.81 55.50 44.55
CA PHE J 135 10.94 54.34 44.45
C PHE J 135 9.66 54.58 45.25
N LEU J 136 8.52 54.35 44.61
CA LEU J 136 7.23 54.43 45.28
C LEU J 136 6.58 53.03 45.22
N ASN J 137 6.72 52.30 46.32
CA ASN J 137 6.45 50.86 46.31
C ASN J 137 5.18 50.37 47.01
N ASN J 138 4.52 49.39 46.38
CA ASN J 138 3.42 48.64 46.99
C ASN J 138 2.21 49.46 47.39
N PHE J 139 1.68 50.21 46.43
CA PHE J 139 0.52 51.05 46.69
C PHE J 139 -0.69 50.63 45.87
N TYR J 140 -1.86 51.10 46.28
CA TYR J 140 -3.10 50.86 45.56
C TYR J 140 -4.07 51.95 45.99
N PRO J 141 -4.83 52.54 45.03
CA PRO J 141 -4.86 52.23 43.59
C PRO J 141 -3.68 52.76 42.80
N LYS J 142 -3.69 52.57 41.49
CA LYS J 142 -2.50 52.83 40.68
C LYS J 142 -2.25 54.30 40.36
N ASP J 143 -3.30 55.12 40.38
CA ASP J 143 -3.12 56.53 40.04
C ASP J 143 -2.33 57.21 41.15
N ILE J 144 -1.24 57.87 40.76
CA ILE J 144 -0.37 58.56 41.69
C ILE J 144 0.32 59.64 40.87
N ASN J 145 0.63 60.75 41.50
CA ASN J 145 1.29 61.85 40.81
C ASN J 145 2.58 62.24 41.53
N VAL J 146 3.70 62.22 40.81
CA VAL J 146 4.97 62.52 41.43
C VAL J 146 5.52 63.86 40.95
N LYS J 147 5.97 64.68 41.90
CA LYS J 147 6.66 65.91 41.55
C LYS J 147 8.04 65.91 42.17
N TRP J 148 9.01 66.48 41.45
CA TRP J 148 10.35 66.64 41.95
C TRP J 148 10.59 68.09 42.32
N LYS J 149 11.24 68.32 43.45
CA LYS J 149 11.68 69.65 43.82
C LYS J 149 13.19 69.67 44.00
N ILE J 150 13.79 70.77 43.55
CA ILE J 150 15.21 71.03 43.75
C ILE J 150 15.31 72.36 44.47
N ASP J 151 15.94 72.34 45.65
CA ASP J 151 15.98 73.49 46.56
C ASP J 151 14.58 74.08 46.78
N GLY J 152 13.58 73.21 46.83
CA GLY J 152 12.21 73.66 47.02
C GLY J 152 11.44 74.07 45.77
N SER J 153 12.10 74.11 44.61
CA SER J 153 11.45 74.50 43.36
C SER J 153 11.06 73.32 42.47
N GLU J 154 9.86 73.33 41.93
CA GLU J 154 9.40 72.23 41.09
C GLU J 154 10.20 72.13 39.79
N ARG J 155 10.39 70.90 39.34
CA ARG J 155 11.23 70.59 38.21
C ARG J 155 10.60 69.41 37.48
N GLN J 156 10.20 69.62 36.24
CA GLN J 156 9.56 68.57 35.46
C GLN J 156 10.39 68.23 34.24
N ASN J 157 11.49 68.93 34.08
CA ASN J 157 12.42 68.62 33.01
C ASN J 157 13.41 67.55 33.45
N GLY J 158 13.44 66.43 32.74
CA GLY J 158 14.38 65.37 33.05
C GLY J 158 13.77 64.31 33.96
N VAL J 159 12.45 64.36 34.11
CA VAL J 159 11.75 63.39 34.97
C VAL J 159 11.18 62.20 34.18
N LEU J 160 11.60 60.99 34.57
CA LEU J 160 11.12 59.75 33.98
C LEU J 160 10.26 58.98 34.96
N ASN J 161 9.00 58.76 34.62
CA ASN J 161 8.13 57.97 35.48
C ASN J 161 7.79 56.62 34.86
N SER J 162 7.82 55.58 35.67
CA SER J 162 7.55 54.23 35.20
C SER J 162 6.80 53.38 36.24
N TRP J 163 5.68 52.80 35.82
CA TRP J 163 4.82 51.94 36.66
C TRP J 163 4.98 50.46 36.30
N THR J 164 5.12 49.58 37.30
CA THR J 164 5.00 48.15 37.01
C THR J 164 3.54 47.82 36.75
N ASP J 165 3.28 46.62 36.24
CA ASP J 165 1.92 46.12 36.23
C ASP J 165 1.60 45.60 37.64
N GLN J 166 0.34 45.22 37.85
CA GLN J 166 -0.08 44.73 39.16
C GLN J 166 0.78 43.54 39.59
N ASP J 167 1.22 43.59 40.85
CA ASP J 167 2.09 42.55 41.40
C ASP J 167 1.26 41.34 41.81
N SER J 168 1.71 40.16 41.36
CA SER J 168 0.95 38.92 41.57
C SER J 168 0.85 38.57 43.05
N LYS J 169 1.91 38.87 43.80
CA LYS J 169 1.97 38.62 45.24
C LYS J 169 0.85 39.29 46.04
N ASP J 170 0.77 40.62 45.95
CA ASP J 170 -0.17 41.38 46.79
C ASP J 170 -1.12 42.31 46.04
N SER J 171 -1.10 42.23 44.71
CA SER J 171 -2.01 43.03 43.88
C SER J 171 -1.79 44.54 44.04
N THR J 172 -0.59 44.91 44.50
CA THR J 172 -0.24 46.33 44.59
C THR J 172 0.52 46.78 43.36
N TYR J 173 0.66 48.09 43.25
CA TYR J 173 1.47 48.68 42.21
C TYR J 173 2.73 49.25 42.81
N SER J 174 3.73 49.42 41.97
CA SER J 174 4.91 50.16 42.34
C SER J 174 5.30 51.00 41.14
N MET J 175 5.97 52.12 41.41
CA MET J 175 6.43 52.95 40.33
C MET J 175 7.78 53.56 40.67
N SER J 176 8.50 53.94 39.64
CA SER J 176 9.83 54.53 39.78
C SER J 176 9.80 55.90 39.15
N SER J 177 10.47 56.86 39.79
CA SER J 177 10.56 58.21 39.27
C SER J 177 12.00 58.66 39.31
N THR J 178 12.53 59.05 38.16
CA THR J 178 13.93 59.41 38.07
C THR J 178 14.06 60.84 37.56
N LEU J 179 14.82 61.65 38.31
CA LEU J 179 15.16 62.99 37.85
C LEU J 179 16.57 62.94 37.27
N THR J 180 16.67 63.21 35.97
CA THR J 180 17.97 63.13 35.29
C THR J 180 18.61 64.51 35.21
N LEU J 181 19.77 64.64 35.84
CA LEU J 181 20.50 65.90 35.83
C LEU J 181 21.90 65.61 35.36
N THR J 182 22.61 66.67 35.00
CA THR J 182 24.05 66.56 34.82
C THR J 182 24.69 66.80 36.18
N LYS J 183 25.88 66.28 36.37
CA LYS J 183 26.64 66.51 37.60
C LYS J 183 26.91 68.00 37.86
N ASP J 184 27.10 68.79 36.81
CA ASP J 184 27.42 70.21 36.99
C ASP J 184 26.27 70.95 37.67
N GLU J 185 25.04 70.63 37.26
CA GLU J 185 23.86 71.19 37.89
C GLU J 185 23.57 70.59 39.26
N TYR J 186 23.77 69.27 39.37
CA TYR J 186 23.50 68.56 40.62
C TYR J 186 24.34 69.16 41.74
N GLU J 187 25.61 69.39 41.47
CA GLU J 187 26.53 69.95 42.46
C GLU J 187 26.20 71.39 42.87
N ARG J 188 25.32 72.04 42.12
CA ARG J 188 24.97 73.44 42.39
C ARG J 188 23.71 73.61 43.21
N HIS J 189 23.10 72.51 43.65
CA HIS J 189 21.95 72.62 44.52
C HIS J 189 22.11 71.74 45.74
N ASN J 190 21.34 72.01 46.77
CA ASN J 190 21.58 71.39 48.06
C ASN J 190 20.63 70.26 48.37
N SER J 191 19.37 70.45 48.01
CA SER J 191 18.35 69.53 48.48
C SER J 191 17.47 69.01 47.35
N TYR J 192 17.14 67.73 47.43
CA TYR J 192 16.34 67.08 46.41
C TYR J 192 15.19 66.36 47.08
N THR J 193 14.03 66.46 46.45
CA THR J 193 12.82 66.02 47.07
C THR J 193 11.91 65.44 46.01
N CYS J 194 11.36 64.26 46.25
CA CYS J 194 10.25 63.84 45.44
C CYS J 194 9.00 63.88 46.27
N GLU J 195 7.93 64.43 45.71
CA GLU J 195 6.65 64.52 46.38
C GLU J 195 5.60 63.81 45.56
N ALA J 196 4.76 63.03 46.24
CA ALA J 196 3.70 62.32 45.52
C ALA J 196 2.33 62.57 46.10
N THR J 197 1.35 62.64 45.21
CA THR J 197 -0.04 62.76 45.58
C THR J 197 -0.74 61.44 45.27
N HIS J 198 -1.48 60.93 46.24
CA HIS J 198 -2.15 59.66 46.13
C HIS J 198 -3.41 59.67 46.98
N LYS J 199 -4.37 58.82 46.63
CA LYS J 199 -5.65 58.72 47.33
C LYS J 199 -5.54 58.56 48.85
N THR J 200 -4.55 57.80 49.30
CA THR J 200 -4.39 57.46 50.72
C THR J 200 -3.83 58.61 51.57
N SER J 201 -3.65 59.78 50.97
CA SER J 201 -3.07 60.89 51.72
C SER J 201 -3.66 62.23 51.31
N THR J 202 -4.09 63.01 52.30
CA THR J 202 -4.59 64.36 52.04
C THR J 202 -3.43 65.31 51.70
N SER J 203 -2.29 65.10 52.35
CA SER J 203 -1.10 65.91 52.09
C SER J 203 -0.13 65.14 51.18
N PRO J 204 0.75 65.85 50.48
CA PRO J 204 1.72 65.16 49.61
C PRO J 204 2.64 64.24 50.43
N ILE J 205 2.90 63.05 49.94
CA ILE J 205 3.89 62.22 50.61
C ILE J 205 5.25 62.68 50.09
N VAL J 206 6.16 62.95 51.02
CA VAL J 206 7.41 63.61 50.66
C VAL J 206 8.62 62.79 51.09
N LYS J 207 9.66 62.81 50.27
CA LYS J 207 10.93 62.17 50.62
C LYS J 207 12.05 63.08 50.11
N SER J 208 13.06 63.29 50.95
CA SER J 208 14.05 64.30 50.65
C SER J 208 15.43 63.89 51.14
N PHE J 209 16.47 64.46 50.52
CA PHE J 209 17.82 64.38 51.08
C PHE J 209 18.58 65.65 50.76
N ASN J 210 19.61 65.93 51.54
CA ASN J 210 20.54 67.00 51.20
C ASN J 210 21.83 66.40 50.62
N ARG J 211 22.24 66.86 49.44
CA ARG J 211 23.51 66.45 48.82
C ARG J 211 24.76 66.61 49.71
N ASN J 212 25.59 65.57 49.75
CA ASN J 212 26.85 65.60 50.47
C ASN J 212 27.88 64.60 49.91
N ASP K 1 30.67 -10.16 13.20
CA ASP K 1 30.15 -11.29 13.94
C ASP K 1 29.14 -10.83 14.97
N VAL K 2 28.83 -11.74 15.91
CA VAL K 2 27.85 -11.47 16.95
C VAL K 2 28.42 -10.45 17.92
N GLN K 3 27.64 -9.43 18.21
CA GLN K 3 28.13 -8.36 19.07
C GLN K 3 27.06 -8.01 20.10
N LEU K 4 27.46 -7.98 21.36
CA LEU K 4 26.54 -7.61 22.44
C LEU K 4 27.21 -6.55 23.31
N VAL K 5 26.58 -5.39 23.44
CA VAL K 5 27.17 -4.30 24.22
C VAL K 5 26.20 -3.72 25.25
N GLU K 6 26.67 -3.58 26.49
CA GLU K 6 25.80 -3.13 27.57
C GLU K 6 26.13 -1.76 28.11
N SER K 7 25.18 -1.19 28.84
CA SER K 7 25.36 0.09 29.52
C SER K 7 24.26 0.26 30.55
N GLY K 8 24.32 1.36 31.30
CA GLY K 8 23.30 1.66 32.28
C GLY K 8 23.68 1.35 33.72
N GLY K 9 24.85 0.76 33.91
CA GLY K 9 25.30 0.47 35.27
C GLY K 9 25.57 1.75 36.03
N GLY K 10 25.79 1.63 37.33
CA GLY K 10 26.16 2.76 38.15
C GLY K 10 25.77 2.55 39.59
N LEU K 11 25.78 3.63 40.36
CA LEU K 11 25.45 3.56 41.79
C LEU K 11 23.99 3.93 42.01
N VAL K 12 23.30 3.15 42.83
CA VAL K 12 21.90 3.40 43.19
C VAL K 12 21.70 3.12 44.69
N GLN K 13 20.81 3.86 45.34
CA GLN K 13 20.47 3.64 46.74
C GLN K 13 19.57 2.43 46.85
N PRO K 14 19.60 1.76 48.01
CA PRO K 14 18.67 0.64 48.21
C PRO K 14 17.23 1.09 48.02
N GLY K 15 16.39 0.23 47.48
CA GLY K 15 15.01 0.59 47.23
C GLY K 15 14.88 1.39 45.95
N GLY K 16 16.01 1.84 45.43
CA GLY K 16 16.03 2.58 44.18
C GLY K 16 15.68 1.73 42.97
N SER K 17 15.78 2.32 41.79
CA SER K 17 15.51 1.63 40.53
C SER K 17 16.56 1.99 39.50
N ARG K 18 16.76 1.11 38.51
CA ARG K 18 17.66 1.40 37.40
C ARG K 18 17.38 0.49 36.20
N LYS K 19 17.77 0.94 35.01
CA LYS K 19 17.52 0.19 33.78
C LYS K 19 18.80 -0.03 32.99
N LEU K 20 19.12 -1.30 32.73
CA LEU K 20 20.31 -1.65 31.96
C LEU K 20 19.93 -1.94 30.52
N SER K 21 20.84 -1.66 29.60
CA SER K 21 20.59 -1.95 28.18
C SER K 21 21.63 -2.92 27.66
N CYS K 22 21.23 -3.70 26.66
CA CYS K 22 22.13 -4.59 25.95
C CYS K 22 21.88 -4.49 24.44
N ALA K 23 22.81 -3.86 23.72
CA ALA K 23 22.64 -3.71 22.27
C ALA K 23 23.17 -4.93 21.55
N ALA K 24 22.47 -5.39 20.52
CA ALA K 24 22.89 -6.55 19.74
C ALA K 24 23.15 -6.22 18.26
N SER K 25 24.13 -6.89 17.66
CA SER K 25 24.33 -6.79 16.21
C SER K 25 25.04 -8.02 15.65
N GLY K 26 24.93 -8.19 14.33
CA GLY K 26 25.59 -9.28 13.65
C GLY K 26 24.82 -10.58 13.73
N PHE K 27 23.55 -10.50 14.13
CA PHE K 27 22.66 -11.66 14.04
C PHE K 27 21.20 -11.23 14.03
N THR K 28 20.30 -12.15 13.75
CA THR K 28 18.91 -11.78 13.73
C THR K 28 18.38 -11.79 15.16
N PHE K 29 18.38 -10.61 15.80
CA PHE K 29 18.05 -10.47 17.22
C PHE K 29 16.72 -11.10 17.58
N SER K 30 15.69 -10.79 16.79
CA SER K 30 14.35 -11.28 17.07
C SER K 30 14.16 -12.79 16.90
N SER K 31 15.20 -13.51 16.52
CA SER K 31 15.12 -14.96 16.46
C SER K 31 15.76 -15.70 17.64
N PHE K 32 16.24 -14.97 18.66
CA PHE K 32 16.91 -15.62 19.80
C PHE K 32 16.32 -15.21 21.15
N GLY K 33 16.17 -16.17 22.06
CA GLY K 33 15.90 -15.86 23.44
C GLY K 33 17.16 -15.25 24.01
N MET K 34 17.03 -14.42 25.03
CA MET K 34 18.18 -13.74 25.64
C MET K 34 18.14 -13.86 27.16
N HIS K 35 19.31 -13.83 27.80
CA HIS K 35 19.40 -13.93 29.26
C HIS K 35 20.12 -12.74 29.87
N TRP K 36 19.78 -12.43 31.11
CA TRP K 36 20.63 -11.64 32.00
C TRP K 36 21.19 -12.58 33.07
N VAL K 37 22.47 -12.44 33.38
CA VAL K 37 23.17 -13.28 34.34
C VAL K 37 24.02 -12.28 35.09
N ARG K 38 24.20 -12.48 36.38
CA ARG K 38 25.00 -11.62 37.16
C ARG K 38 26.17 -12.28 37.96
N GLN K 39 27.08 -11.44 38.37
CA GLN K 39 28.26 -11.85 39.02
C GLN K 39 28.71 -10.85 40.04
N ALA K 40 28.51 -11.26 41.28
CA ALA K 40 28.79 -10.41 42.41
C ALA K 40 30.25 -10.35 42.73
N PRO K 41 30.62 -9.38 43.56
CA PRO K 41 32.02 -9.19 43.96
C PRO K 41 32.60 -10.43 44.61
N GLU K 42 31.81 -11.17 45.34
CA GLU K 42 32.22 -12.47 45.81
C GLU K 42 31.10 -13.49 46.01
N LYS K 43 30.53 -14.02 44.96
CA LYS K 43 30.92 -13.83 43.59
C LYS K 43 30.43 -15.13 43.02
N GLY K 44 30.75 -15.40 41.78
CA GLY K 44 30.10 -16.48 41.10
C GLY K 44 28.97 -15.97 40.25
N LEU K 45 28.69 -16.69 39.21
CA LEU K 45 27.63 -16.37 38.28
C LEU K 45 26.27 -16.74 38.79
N GLU K 46 25.30 -15.93 38.47
CA GLU K 46 23.96 -16.18 38.89
C GLU K 46 22.94 -15.80 37.85
N TRP K 47 22.16 -16.76 37.41
CA TRP K 47 21.13 -16.49 36.42
C TRP K 47 20.03 -15.56 36.92
N VAL K 48 19.74 -14.52 36.16
CA VAL K 48 18.75 -13.53 36.58
C VAL K 48 17.40 -13.65 35.86
N ALA K 49 17.41 -13.70 34.53
CA ALA K 49 16.16 -13.63 33.77
C ALA K 49 16.28 -14.10 32.32
N TYR K 50 15.18 -14.60 31.78
CA TYR K 50 15.17 -15.05 30.40
C TYR K 50 13.94 -14.51 29.71
N ILE K 51 14.09 -14.17 28.42
CA ILE K 51 12.98 -13.76 27.58
C ILE K 51 13.08 -14.41 26.20
N SER K 52 12.01 -15.06 25.74
CA SER K 52 12.02 -15.71 24.44
C SER K 52 12.07 -14.66 23.33
N SER K 53 12.37 -15.13 22.12
CA SER K 53 12.57 -14.25 20.98
C SER K 53 11.45 -13.23 20.80
N GLY K 54 10.20 -13.66 20.95
CA GLY K 54 9.08 -12.74 20.79
C GLY K 54 8.48 -12.14 22.05
N SER K 55 9.22 -12.20 23.16
CA SER K 55 8.80 -11.66 24.46
C SER K 55 7.55 -12.32 25.05
N SER K 56 7.28 -13.56 24.72
CA SER K 56 6.10 -14.20 25.27
C SER K 56 6.43 -15.04 26.50
N THR K 57 7.49 -15.83 26.43
CA THR K 57 7.89 -16.59 27.60
C THR K 57 8.98 -15.84 28.36
N LEU K 58 8.68 -15.48 29.60
CA LEU K 58 9.64 -14.80 30.46
C LEU K 58 9.85 -15.65 31.72
N HIS K 59 11.09 -15.70 32.18
CA HIS K 59 11.40 -16.46 33.39
C HIS K 59 12.26 -15.61 34.29
N TYR K 60 12.14 -15.82 35.59
CA TYR K 60 12.91 -15.04 36.55
C TYR K 60 13.51 -15.90 37.62
N ALA K 61 14.67 -15.51 38.14
CA ALA K 61 15.17 -16.15 39.33
C ALA K 61 14.30 -15.75 40.52
N ASP K 62 14.16 -16.67 41.47
CA ASP K 62 13.41 -16.46 42.70
C ASP K 62 13.72 -15.13 43.40
N THR K 63 14.99 -14.80 43.55
CA THR K 63 15.37 -13.60 44.28
C THR K 63 15.10 -12.28 43.56
N VAL K 64 14.66 -12.35 42.31
CA VAL K 64 14.35 -11.11 41.60
C VAL K 64 12.88 -10.98 41.19
N LYS K 65 12.13 -12.09 41.23
CA LYS K 65 10.72 -12.10 40.84
C LYS K 65 9.92 -10.98 41.50
N GLY K 66 9.16 -10.24 40.70
CA GLY K 66 8.35 -9.14 41.22
C GLY K 66 9.11 -7.84 41.47
N ARG K 67 10.43 -7.88 41.32
CA ARG K 67 11.23 -6.67 41.48
C ARG K 67 11.86 -6.25 40.15
N PHE K 68 12.34 -7.24 39.39
CA PHE K 68 12.98 -6.99 38.10
C PHE K 68 11.98 -7.30 36.98
N THR K 69 12.07 -6.57 35.87
CA THR K 69 11.35 -6.94 34.66
C THR K 69 12.34 -6.94 33.49
N ILE K 70 12.28 -7.99 32.68
CA ILE K 70 13.11 -8.13 31.50
C ILE K 70 12.24 -7.86 30.29
N SER K 71 12.78 -7.11 29.35
CA SER K 71 12.03 -6.81 28.15
C SER K 71 12.97 -6.62 27.00
N ARG K 72 12.39 -6.47 25.81
CA ARG K 72 13.18 -6.22 24.62
C ARG K 72 12.43 -5.35 23.61
N ASP K 73 13.20 -4.62 22.83
CA ASP K 73 12.71 -3.83 21.73
C ASP K 73 13.34 -4.42 20.48
N ASN K 74 12.65 -5.37 19.84
CA ASN K 74 13.18 -6.02 18.64
C ASN K 74 13.49 -5.08 17.46
N PRO K 75 12.61 -4.10 17.16
CA PRO K 75 12.96 -3.18 16.06
C PRO K 75 14.28 -2.45 16.30
N LYS K 76 14.59 -2.12 17.55
CA LYS K 76 15.83 -1.42 17.86
C LYS K 76 16.95 -2.37 18.30
N ASN K 77 16.72 -3.67 18.12
CA ASN K 77 17.71 -4.69 18.45
C ASN K 77 18.30 -4.52 19.85
N THR K 78 17.45 -4.25 20.83
CA THR K 78 17.94 -3.98 22.18
C THR K 78 17.19 -4.76 23.25
N LEU K 79 17.95 -5.29 24.20
CA LEU K 79 17.44 -6.06 25.33
C LEU K 79 17.57 -5.20 26.56
N PHE K 80 16.60 -5.27 27.47
CA PHE K 80 16.61 -4.44 28.66
C PHE K 80 16.43 -5.23 29.96
N LEU K 81 16.90 -4.66 31.07
CA LEU K 81 16.60 -5.18 32.39
C LEU K 81 16.16 -4.01 33.27
N GLN K 82 14.89 -4.01 33.67
CA GLN K 82 14.37 -2.97 34.53
C GLN K 82 14.44 -3.45 35.97
N MET K 83 15.25 -2.76 36.77
CA MET K 83 15.47 -3.15 38.16
C MET K 83 14.80 -2.14 39.08
N THR K 84 14.03 -2.63 40.04
CA THR K 84 13.38 -1.78 41.03
C THR K 84 13.51 -2.41 42.43
N SER K 85 13.19 -1.66 43.48
CA SER K 85 13.28 -2.16 44.84
C SER K 85 14.65 -2.81 45.13
N LEU K 86 15.70 -2.11 44.70
CA LEU K 86 17.07 -2.61 44.73
C LEU K 86 17.58 -2.89 46.15
N ARG K 87 18.17 -4.07 46.33
CA ARG K 87 18.86 -4.42 47.58
C ARG K 87 20.37 -4.44 47.40
N SER K 88 21.08 -4.38 48.52
CA SER K 88 22.53 -4.50 48.55
C SER K 88 23.03 -5.73 47.82
N GLU K 89 22.27 -6.81 47.93
CA GLU K 89 22.68 -8.09 47.36
C GLU K 89 22.54 -8.09 45.85
N ASP K 90 21.93 -7.05 45.28
CA ASP K 90 21.84 -6.94 43.83
C ASP K 90 23.11 -6.33 43.27
N THR K 91 24.04 -5.96 44.15
CA THR K 91 25.32 -5.44 43.70
C THR K 91 26.05 -6.52 42.90
N ALA K 92 26.33 -6.24 41.63
CA ALA K 92 26.96 -7.24 40.78
C ALA K 92 27.40 -6.64 39.45
N MET K 93 28.21 -7.40 38.75
CA MET K 93 28.40 -7.17 37.34
C MET K 93 27.26 -7.87 36.59
N TYR K 94 26.54 -7.12 35.75
CA TYR K 94 25.43 -7.72 34.96
C TYR K 94 25.79 -7.99 33.51
N TYR K 95 25.60 -9.22 33.07
CA TYR K 95 25.87 -9.62 31.69
C TYR K 95 24.57 -9.98 30.97
N CYS K 96 24.47 -9.62 29.70
CA CYS K 96 23.46 -10.25 28.84
C CYS K 96 24.11 -11.38 28.03
N ALA K 97 23.33 -12.40 27.73
CA ALA K 97 23.85 -13.52 26.94
C ALA K 97 22.79 -14.02 25.96
N ARG K 98 23.23 -14.38 24.77
CA ARG K 98 22.30 -14.93 23.78
C ARG K 98 22.05 -16.40 24.07
N TRP K 99 20.79 -16.80 23.97
CA TRP K 99 20.42 -18.21 24.06
C TRP K 99 20.51 -18.80 22.67
N GLY K 100 21.71 -19.21 22.27
CA GLY K 100 21.91 -19.72 20.93
C GLY K 100 22.34 -21.17 20.92
N ASN K 101 23.23 -21.50 19.98
CA ASN K 101 23.86 -22.82 19.91
C ASN K 101 22.84 -23.94 19.62
N TYR K 102 21.75 -23.58 18.96
CA TYR K 102 20.70 -24.51 18.55
C TYR K 102 21.27 -25.71 17.77
N PRO K 103 20.79 -26.92 18.06
CA PRO K 103 19.75 -27.27 19.05
C PRO K 103 20.32 -27.64 20.42
N HIS K 104 21.61 -27.40 20.64
CA HIS K 104 22.19 -27.60 21.96
C HIS K 104 22.24 -26.26 22.67
N TYR K 105 21.05 -25.81 23.11
CA TYR K 105 20.88 -24.48 23.68
C TYR K 105 21.92 -24.15 24.75
N ALA K 106 22.58 -23.02 24.55
CA ALA K 106 23.64 -22.60 25.46
C ALA K 106 23.86 -21.11 25.36
N MET K 107 24.32 -20.52 26.44
CA MET K 107 24.72 -19.11 26.41
C MET K 107 26.03 -18.96 25.66
N ASP K 108 25.91 -18.84 24.33
CA ASP K 108 27.07 -18.86 23.44
C ASP K 108 27.79 -17.51 23.27
N TYR K 109 27.07 -16.41 23.45
CA TYR K 109 27.67 -15.09 23.32
C TYR K 109 27.25 -14.17 24.47
N TRP K 110 28.23 -13.48 25.07
CA TRP K 110 28.02 -12.69 26.26
C TRP K 110 28.42 -11.24 26.03
N GLY K 111 27.73 -10.31 26.66
CA GLY K 111 28.12 -8.91 26.63
C GLY K 111 29.34 -8.70 27.52
N GLN K 112 29.82 -7.46 27.61
CA GLN K 112 31.05 -7.17 28.35
C GLN K 112 30.83 -7.05 29.85
N GLY K 113 29.58 -6.88 30.26
CA GLY K 113 29.27 -6.67 31.66
C GLY K 113 29.17 -5.20 32.00
N THR K 114 28.14 -4.83 32.76
CA THR K 114 28.01 -3.46 33.24
C THR K 114 27.75 -3.50 34.76
N SER K 115 28.48 -2.67 35.48
CA SER K 115 28.53 -2.79 36.92
C SER K 115 27.42 -2.03 37.65
N VAL K 116 26.72 -2.72 38.54
CA VAL K 116 25.71 -2.10 39.39
C VAL K 116 26.11 -2.21 40.86
N THR K 117 26.21 -1.07 41.52
CA THR K 117 26.46 -1.03 42.95
C THR K 117 25.23 -0.46 43.65
N VAL K 118 24.72 -1.18 44.65
CA VAL K 118 23.56 -0.70 45.39
C VAL K 118 23.99 -0.42 46.82
N SER K 119 23.96 0.86 47.18
CA SER K 119 24.51 1.32 48.45
C SER K 119 23.98 2.71 48.81
N SER K 120 23.93 3.02 50.09
CA SER K 120 23.50 4.36 50.50
C SER K 120 24.72 5.26 50.62
N ALA K 121 25.90 4.68 50.51
CA ALA K 121 27.12 5.47 50.42
C ALA K 121 27.10 6.31 49.14
N LYS K 122 27.67 7.51 49.22
CA LYS K 122 27.69 8.43 48.07
C LYS K 122 29.00 8.41 47.29
N THR K 123 28.93 8.89 46.06
CA THR K 123 30.10 8.95 45.19
C THR K 123 31.16 9.91 45.72
N THR K 124 32.35 9.37 45.99
CA THR K 124 33.44 10.17 46.52
C THR K 124 34.75 9.87 45.82
N ALA K 125 35.44 10.92 45.36
CA ALA K 125 36.79 10.77 44.83
C ALA K 125 37.73 10.27 45.92
N PRO K 126 38.82 9.59 45.52
CA PRO K 126 39.77 9.14 46.54
C PRO K 126 40.74 10.25 46.92
N SER K 127 41.36 10.12 48.08
CA SER K 127 42.59 10.84 48.38
C SER K 127 43.67 9.93 47.88
N VAL K 128 44.79 10.49 47.47
CA VAL K 128 45.86 9.69 46.90
C VAL K 128 47.18 10.11 47.53
N TYR K 129 47.88 9.14 48.12
CA TYR K 129 49.10 9.44 48.85
C TYR K 129 50.28 8.64 48.32
N PRO K 130 51.37 9.30 48.08
CA PRO K 130 52.59 8.64 47.69
C PRO K 130 53.24 7.91 48.84
N LEU K 131 53.72 6.72 48.57
CA LEU K 131 54.44 5.92 49.53
C LEU K 131 55.87 5.83 49.13
N ALA K 132 56.72 6.54 49.79
CA ALA K 132 58.11 6.47 49.53
C ALA K 132 58.79 5.58 50.54
N PRO K 133 59.86 4.92 50.15
CA PRO K 133 60.74 4.21 51.06
C PRO K 133 61.41 5.15 52.02
N THR K 139 68.54 -1.74 48.58
CA THR K 139 69.58 -0.77 48.31
C THR K 139 70.78 -1.54 47.86
N GLY K 140 70.52 -2.63 47.19
CA GLY K 140 69.19 -2.91 46.73
C GLY K 140 69.19 -2.93 45.23
N SER K 141 69.79 -2.01 44.55
CA SER K 141 69.65 -2.21 43.13
C SER K 141 68.20 -1.88 42.73
N SER K 142 67.24 -2.57 43.30
CA SER K 142 65.85 -2.30 43.09
C SER K 142 65.32 -1.51 44.27
N VAL K 143 64.40 -0.59 44.04
CA VAL K 143 63.57 0.05 45.06
C VAL K 143 62.07 0.03 44.81
N THR K 144 61.31 -0.23 45.85
CA THR K 144 59.86 -0.35 45.72
C THR K 144 59.11 0.85 46.21
N LEU K 145 58.27 1.37 45.38
CA LEU K 145 57.47 2.53 45.70
C LEU K 145 56.03 2.23 45.63
N GLY K 146 55.26 3.11 46.18
CA GLY K 146 53.87 2.77 46.33
C GLY K 146 52.92 3.94 46.23
N CYS K 147 51.64 3.61 46.17
CA CYS K 147 50.62 4.59 45.95
C CYS K 147 49.41 4.17 46.77
N LEU K 148 49.00 5.00 47.71
CA LEU K 148 47.83 4.70 48.52
C LEU K 148 46.60 5.49 48.05
N VAL K 149 45.54 4.76 47.77
CA VAL K 149 44.33 5.33 47.22
C VAL K 149 43.21 5.17 48.23
N LYS K 150 42.85 6.24 48.92
CA LYS K 150 42.03 6.04 50.10
C LYS K 150 40.68 6.75 50.14
N GLY K 151 39.65 6.01 50.53
CA GLY K 151 38.34 6.57 50.80
C GLY K 151 37.53 7.00 49.58
N TYR K 152 37.43 6.13 48.59
CA TYR K 152 36.62 6.42 47.41
C TYR K 152 35.41 5.50 47.31
N PHE K 153 34.45 5.90 46.49
CA PHE K 153 33.21 5.16 46.27
C PHE K 153 32.49 5.74 45.06
N PRO K 154 31.89 4.87 44.22
CA PRO K 154 31.96 3.42 44.29
C PRO K 154 33.20 2.89 43.57
N GLU K 155 33.32 1.57 43.52
CA GLU K 155 34.33 0.89 42.71
C GLU K 155 33.92 1.13 41.25
N PRO K 156 34.89 1.25 40.32
CA PRO K 156 36.33 1.05 40.51
C PRO K 156 37.15 2.31 40.45
N VAL K 157 38.44 2.15 40.69
CA VAL K 157 39.46 3.14 40.40
C VAL K 157 40.41 2.44 39.42
N THR K 158 41.16 3.19 38.63
CA THR K 158 42.21 2.57 37.84
C THR K 158 43.56 3.22 38.09
N LEU K 159 44.60 2.40 38.16
CA LEU K 159 45.93 2.82 38.56
C LEU K 159 46.95 2.61 37.46
N THR K 160 47.74 3.64 37.18
CA THR K 160 48.86 3.51 36.28
C THR K 160 50.03 4.25 36.89
N TRP K 161 51.23 3.97 36.39
CA TRP K 161 52.44 4.60 36.87
C TRP K 161 53.13 5.20 35.67
N ASN K 162 53.59 6.45 35.78
CA ASN K 162 54.13 7.16 34.62
C ASN K 162 53.26 7.02 33.37
N SER K 163 51.95 7.04 33.60
CA SER K 163 50.94 7.03 32.54
C SER K 163 51.01 5.79 31.66
N GLY K 164 51.26 4.64 32.24
CA GLY K 164 51.30 3.40 31.49
C GLY K 164 52.70 2.99 31.08
N SER K 165 53.64 3.93 31.07
CA SER K 165 55.00 3.63 30.68
C SER K 165 55.68 2.55 31.53
N LEU K 166 55.45 2.59 32.85
CA LEU K 166 55.92 1.55 33.78
C LEU K 166 54.93 0.40 33.83
N SER K 167 55.33 -0.77 33.31
CA SER K 167 54.42 -1.90 33.25
C SER K 167 54.75 -3.00 34.26
N SER K 168 55.79 -3.77 33.97
CA SER K 168 56.19 -4.91 34.81
C SER K 168 56.50 -4.47 36.23
N GLY K 169 56.23 -5.33 37.21
CA GLY K 169 56.57 -5.04 38.58
C GLY K 169 55.53 -4.16 39.27
N VAL K 170 54.51 -3.75 38.53
CA VAL K 170 53.39 -3.04 39.13
C VAL K 170 52.40 -4.04 39.70
N HIS K 171 52.07 -3.92 40.98
CA HIS K 171 51.00 -4.73 41.55
C HIS K 171 49.93 -3.79 42.07
N THR K 172 48.72 -3.98 41.59
CA THR K 172 47.62 -3.17 42.05
C THR K 172 46.64 -4.06 42.76
N PHE K 173 46.45 -3.77 44.04
CA PHE K 173 45.70 -4.65 44.89
C PHE K 173 44.23 -4.32 44.84
N PRO K 174 43.39 -5.35 44.82
CA PRO K 174 41.92 -5.23 44.84
C PRO K 174 41.45 -4.40 46.04
N ALA K 175 40.38 -3.64 45.86
CA ALA K 175 39.92 -2.70 46.88
C ALA K 175 39.30 -3.42 48.07
N VAL K 176 39.41 -2.79 49.23
CA VAL K 176 38.75 -3.27 50.43
C VAL K 176 37.86 -2.17 51.01
N LEU K 177 36.68 -2.57 51.48
CA LEU K 177 35.76 -1.64 52.11
C LEU K 177 36.00 -1.52 53.61
N GLN K 178 36.28 -0.31 54.07
CA GLN K 178 36.30 -0.05 55.50
C GLN K 178 35.66 1.31 55.81
N SER K 179 34.80 1.33 56.83
CA SER K 179 34.07 2.53 57.22
C SER K 179 33.30 3.16 56.05
N GLY K 180 32.65 2.31 55.24
CA GLY K 180 31.78 2.78 54.18
C GLY K 180 32.44 3.10 52.84
N LEU K 181 33.77 3.21 52.82
CA LEU K 181 34.50 3.52 51.59
C LEU K 181 35.60 2.52 51.26
N TYR K 182 36.10 2.59 50.04
CA TYR K 182 37.10 1.68 49.53
C TYR K 182 38.50 2.23 49.68
N THR K 183 39.46 1.34 49.86
CA THR K 183 40.85 1.71 49.87
C THR K 183 41.62 0.66 49.11
N LEU K 184 42.58 1.10 48.32
CA LEU K 184 43.51 0.17 47.71
C LEU K 184 44.86 0.82 47.61
N SER K 185 45.85 0.03 47.25
CA SER K 185 47.19 0.51 47.09
C SER K 185 47.78 -0.12 45.83
N SER K 186 48.87 0.46 45.35
CA SER K 186 49.57 -0.07 44.20
C SER K 186 51.05 0.09 44.47
N SER K 187 51.84 -0.88 44.01
CA SER K 187 53.29 -0.79 44.18
C SER K 187 53.96 -0.90 42.83
N VAL K 188 55.16 -0.34 42.72
CA VAL K 188 55.95 -0.45 41.50
C VAL K 188 57.41 -0.59 41.93
N THR K 189 58.20 -1.26 41.12
CA THR K 189 59.60 -1.41 41.43
C THR K 189 60.43 -0.72 40.36
N VAL K 190 61.32 0.12 40.77
CA VAL K 190 62.24 0.79 39.86
C VAL K 190 63.71 0.66 40.23
N THR K 191 64.54 0.91 39.27
CA THR K 191 65.97 0.90 39.46
C THR K 191 66.39 1.88 40.57
N SER K 192 67.21 1.40 41.50
CA SER K 192 67.67 2.24 42.61
C SER K 192 68.64 3.33 42.19
N SER K 193 69.43 3.09 41.16
CA SER K 193 70.43 4.06 40.73
C SER K 193 69.82 5.25 39.99
N THR K 194 68.58 5.10 39.56
CA THR K 194 67.96 6.18 38.78
C THR K 194 66.76 6.81 39.48
N TRP K 195 66.61 6.52 40.76
CA TRP K 195 65.58 7.18 41.55
C TRP K 195 66.22 7.90 42.72
N PRO K 196 65.87 9.18 42.92
CA PRO K 196 64.75 9.89 42.28
C PRO K 196 65.08 10.68 41.01
N SER K 197 66.32 10.65 40.52
CA SER K 197 66.74 11.52 39.41
C SER K 197 65.87 11.44 38.15
N GLN K 198 65.19 10.31 37.94
CA GLN K 198 64.09 10.32 36.98
C GLN K 198 62.80 9.96 37.68
N THR K 199 61.77 10.76 37.40
CA THR K 199 60.60 10.86 38.25
C THR K 199 59.63 9.68 38.14
N ILE K 200 58.98 9.36 39.26
CA ILE K 200 57.95 8.34 39.27
C ILE K 200 56.63 8.90 39.77
N THR K 201 55.58 8.71 38.99
CA THR K 201 54.27 9.25 39.31
C THR K 201 53.19 8.19 39.25
N CYS K 202 52.36 8.11 40.28
CA CYS K 202 51.21 7.26 40.16
C CYS K 202 50.01 8.09 39.70
N ASN K 203 49.24 7.56 38.76
CA ASN K 203 48.08 8.26 38.25
C ASN K 203 46.86 7.48 38.64
N VAL K 204 45.89 8.17 39.22
CA VAL K 204 44.67 7.52 39.67
C VAL K 204 43.47 8.20 39.04
N ALA K 205 42.55 7.40 38.51
CA ALA K 205 41.32 7.95 37.97
C ALA K 205 40.13 7.20 38.54
N HIS K 206 39.06 7.95 38.79
CA HIS K 206 37.86 7.40 39.40
C HIS K 206 36.66 7.69 38.50
N PRO K 207 36.23 6.69 37.71
CA PRO K 207 35.18 6.85 36.71
C PRO K 207 33.93 7.53 37.25
N ALA K 208 33.41 7.04 38.36
CA ALA K 208 32.13 7.51 38.88
C ALA K 208 32.06 9.01 39.19
N SER K 209 33.21 9.62 39.47
CA SER K 209 33.23 11.03 39.83
C SER K 209 34.06 11.84 38.85
N SER K 210 34.44 11.21 37.74
CA SER K 210 35.26 11.87 36.71
C SER K 210 36.53 12.53 37.27
N THR K 211 37.09 11.95 38.33
CA THR K 211 38.27 12.52 38.99
C THR K 211 39.56 11.87 38.50
N LYS K 212 40.59 12.69 38.26
CA LYS K 212 41.91 12.18 37.92
C LYS K 212 42.97 12.87 38.76
N VAL K 213 43.90 12.08 39.28
CA VAL K 213 44.94 12.57 40.19
C VAL K 213 46.29 11.99 39.80
N ASP K 214 47.31 12.83 39.75
CA ASP K 214 48.69 12.38 39.56
C ASP K 214 49.51 12.73 40.80
N LYS K 215 50.45 11.86 41.17
CA LYS K 215 51.21 12.06 42.40
C LYS K 215 52.65 11.60 42.27
N LYS K 216 53.58 12.55 42.26
CA LYS K 216 55.00 12.25 42.21
C LYS K 216 55.46 11.64 43.52
N ILE K 217 56.40 10.71 43.46
CA ILE K 217 56.92 10.07 44.66
C ILE K 217 58.24 10.72 45.07
N GLU K 218 58.24 11.45 46.19
CA GLU K 218 59.44 12.15 46.65
C GLU K 218 60.17 11.39 47.74
N PRO K 219 61.47 11.46 47.73
CA PRO K 219 62.25 10.77 48.72
C PRO K 219 62.18 11.45 50.04
N ARG K 220 62.63 10.73 51.03
CA ARG K 220 62.61 11.09 52.44
C ARG K 220 63.50 10.05 53.13
N VAL K 221 64.23 10.46 54.15
CA VAL K 221 65.11 9.56 54.91
C VAL K 221 64.24 8.97 56.02
N ASN L 1 15.06 -26.77 42.48
CA ASN L 1 16.16 -26.19 41.73
C ASN L 1 17.31 -27.15 41.58
N ILE L 2 17.90 -27.18 40.39
CA ILE L 2 19.07 -28.00 40.18
C ILE L 2 20.32 -27.31 40.74
N VAL L 3 20.70 -27.71 41.95
CA VAL L 3 21.89 -27.14 42.58
C VAL L 3 23.16 -27.78 42.02
N MET L 4 24.10 -26.93 41.61
CA MET L 4 25.41 -27.37 41.13
C MET L 4 26.48 -27.08 42.17
N THR L 5 27.11 -28.13 42.66
CA THR L 5 28.19 -27.97 43.62
C THR L 5 29.51 -28.18 42.90
N GLN L 6 30.31 -27.13 42.85
CA GLN L 6 31.55 -27.17 42.10
C GLN L 6 32.71 -27.25 43.07
N SER L 7 33.63 -28.17 42.83
CA SER L 7 34.79 -28.26 43.72
C SER L 7 36.04 -28.66 42.95
N PRO L 8 37.20 -28.17 43.38
CA PRO L 8 37.36 -27.21 44.48
C PRO L 8 37.16 -25.80 43.94
N LYS L 9 36.91 -24.84 44.81
CA LYS L 9 36.77 -23.46 44.37
C LYS L 9 38.13 -22.91 43.97
N SER L 10 39.17 -23.50 44.52
CA SER L 10 40.53 -23.06 44.24
C SER L 10 41.39 -24.27 43.96
N MET L 11 42.14 -24.23 42.86
CA MET L 11 42.95 -25.36 42.48
C MET L 11 44.23 -24.90 41.81
N SER L 12 45.35 -25.48 42.24
CA SER L 12 46.67 -25.17 41.67
C SER L 12 47.22 -26.40 40.96
N MET L 13 47.79 -26.20 39.77
CA MET L 13 48.34 -27.30 39.01
C MET L 13 49.58 -26.88 38.25
N SER L 14 50.61 -27.73 38.29
CA SER L 14 51.89 -27.47 37.62
C SER L 14 51.68 -27.56 36.11
N VAL L 15 52.39 -26.75 35.33
CA VAL L 15 52.30 -26.86 33.87
C VAL L 15 52.71 -28.26 33.45
N GLY L 16 52.04 -28.80 32.44
CA GLY L 16 52.28 -30.17 32.01
C GLY L 16 51.40 -31.19 32.71
N GLU L 17 50.77 -30.81 33.81
CA GLU L 17 49.97 -31.75 34.60
C GLU L 17 48.49 -31.72 34.25
N ARG L 18 47.70 -32.49 35.00
CA ARG L 18 46.28 -32.63 34.69
C ARG L 18 45.40 -31.90 35.69
N VAL L 19 44.60 -30.95 35.20
CA VAL L 19 43.62 -30.33 36.07
C VAL L 19 42.27 -30.97 35.94
N THR L 20 41.64 -31.24 37.07
CA THR L 20 40.31 -31.79 37.06
C THR L 20 39.40 -30.97 37.93
N LEU L 21 38.27 -30.60 37.35
CA LEU L 21 37.30 -29.81 38.05
C LEU L 21 36.02 -30.62 38.03
N THR L 22 35.41 -30.80 39.21
CA THR L 22 34.17 -31.56 39.31
C THR L 22 32.95 -30.70 39.55
N CYS L 23 31.82 -31.14 39.04
CA CYS L 23 30.58 -30.42 39.20
C CYS L 23 29.51 -31.46 39.45
N LYS L 24 28.98 -31.48 40.67
CA LYS L 24 27.92 -32.44 40.95
C LYS L 24 26.58 -31.74 41.10
N ALA L 25 25.59 -32.28 40.39
CA ALA L 25 24.24 -31.73 40.41
C ALA L 25 23.41 -32.40 41.50
N SER L 26 22.45 -31.67 42.05
CA SER L 26 21.59 -32.20 43.11
C SER L 26 20.56 -33.17 42.55
N GLU L 27 20.29 -33.05 41.26
CA GLU L 27 19.47 -34.02 40.56
C GLU L 27 20.04 -34.17 39.15
N ASN L 28 19.55 -35.14 38.40
CA ASN L 28 20.19 -35.46 37.12
C ASN L 28 19.94 -34.47 35.97
N VAL L 29 20.94 -34.34 35.09
CA VAL L 29 21.00 -33.34 34.03
C VAL L 29 21.14 -34.11 32.69
N GLY L 30 21.25 -33.43 31.55
CA GLY L 30 21.59 -34.09 30.29
C GLY L 30 23.00 -34.68 30.30
N THR L 31 23.88 -34.34 29.35
CA THR L 31 23.62 -33.57 28.11
C THR L 31 23.07 -32.14 28.21
N TYR L 32 23.20 -31.51 29.37
CA TYR L 32 22.76 -30.13 29.50
C TYR L 32 23.72 -29.33 30.35
N VAL L 33 24.84 -29.93 30.72
CA VAL L 33 25.88 -29.19 31.44
C VAL L 33 26.77 -28.48 30.43
N SER L 34 27.11 -27.24 30.73
CA SER L 34 28.04 -26.50 29.91
C SER L 34 29.14 -26.03 30.84
N TRP L 35 30.25 -25.58 30.27
CA TRP L 35 31.36 -25.07 31.05
C TRP L 35 31.75 -23.74 30.45
N TYR L 36 32.14 -22.81 31.31
CA TYR L 36 32.56 -21.49 30.88
C TYR L 36 33.91 -21.17 31.47
N GLN L 37 34.74 -20.52 30.65
CA GLN L 37 36.02 -20.02 31.10
C GLN L 37 35.91 -18.51 31.20
N GLN L 38 36.37 -17.96 32.32
CA GLN L 38 36.39 -16.50 32.49
C GLN L 38 37.78 -15.99 32.86
N LYS L 39 38.44 -15.35 31.90
CA LYS L 39 39.74 -14.77 32.16
C LYS L 39 39.57 -13.40 32.84
N PRO L 40 40.54 -13.00 33.69
CA PRO L 40 40.49 -11.89 34.65
C PRO L 40 39.65 -10.68 34.27
N GLU L 41 39.99 -10.01 33.17
CA GLU L 41 39.27 -8.82 32.76
C GLU L 41 37.91 -9.10 32.12
N GLN L 42 37.71 -10.31 31.60
CA GLN L 42 36.64 -10.54 30.63
C GLN L 42 35.37 -11.24 31.09
N SER L 43 34.42 -11.28 30.18
CA SER L 43 33.17 -12.00 30.35
C SER L 43 33.41 -13.50 30.20
N PRO L 44 32.50 -14.31 30.75
CA PRO L 44 32.62 -15.76 30.57
C PRO L 44 32.51 -16.09 29.09
N LYS L 45 33.23 -17.10 28.65
CA LYS L 45 33.14 -17.58 27.27
C LYS L 45 32.76 -19.07 27.30
N LEU L 46 31.86 -19.48 26.41
CA LEU L 46 31.42 -20.87 26.37
C LEU L 46 32.59 -21.78 25.96
N LEU L 47 32.81 -22.83 26.70
CA LEU L 47 33.91 -23.74 26.53
C LEU L 47 33.42 -25.10 26.10
N ILE L 48 32.55 -25.68 26.87
CA ILE L 48 31.96 -26.95 26.54
C ILE L 48 30.44 -26.85 26.50
N TYR L 49 29.83 -27.41 25.50
CA TYR L 49 28.40 -27.54 25.51
C TYR L 49 28.01 -29.02 25.48
N GLY L 50 26.80 -29.35 25.83
CA GLY L 50 26.42 -30.72 25.88
C GLY L 50 27.21 -31.20 27.04
N ALA L 51 28.02 -32.19 26.95
CA ALA L 51 28.76 -32.30 28.18
C ALA L 51 30.21 -32.41 27.88
N SER L 52 30.45 -32.64 26.61
CA SER L 52 31.71 -32.99 26.08
C SER L 52 32.02 -32.42 24.71
N ASN L 53 31.18 -31.55 24.19
CA ASN L 53 31.50 -30.91 22.93
C ASN L 53 32.27 -29.62 23.11
N ARG L 54 33.33 -29.48 22.33
CA ARG L 54 34.13 -28.30 22.35
C ARG L 54 33.48 -27.26 21.49
N TYR L 55 33.58 -26.02 21.91
CA TYR L 55 33.10 -24.89 21.16
C TYR L 55 34.19 -24.30 20.32
N THR L 56 33.82 -23.44 19.38
CA THR L 56 34.72 -22.91 18.37
C THR L 56 35.99 -22.31 18.97
N GLY L 57 37.14 -22.84 18.56
CA GLY L 57 38.42 -22.34 19.02
C GLY L 57 38.84 -22.80 20.40
N VAL L 58 38.12 -23.78 20.96
CA VAL L 58 38.52 -24.37 22.23
C VAL L 58 39.54 -25.48 21.98
N PRO L 59 40.76 -25.33 22.54
CA PRO L 59 41.83 -26.31 22.41
C PRO L 59 41.40 -27.72 22.80
N ASP L 60 41.96 -28.73 22.13
CA ASP L 60 41.65 -30.12 22.40
C ASP L 60 42.07 -30.55 23.80
N ARG L 61 42.96 -29.78 24.42
CA ARG L 61 43.40 -30.06 25.77
C ARG L 61 42.25 -29.96 26.76
N PHE L 62 41.20 -29.25 26.36
CA PHE L 62 40.00 -29.14 27.18
C PHE L 62 39.04 -30.26 26.84
N THR L 63 38.73 -31.10 27.82
CA THR L 63 37.68 -32.10 27.63
C THR L 63 36.69 -32.16 28.80
N GLY L 64 35.41 -32.16 28.47
CA GLY L 64 34.37 -32.33 29.47
C GLY L 64 33.76 -33.71 29.41
N SER L 65 33.30 -34.18 30.53
CA SER L 65 32.73 -35.47 30.63
C SER L 65 31.69 -35.55 31.72
N GLY L 66 30.97 -36.62 31.70
CA GLY L 66 30.09 -36.93 32.77
C GLY L 66 28.72 -37.24 32.23
N SER L 67 27.85 -37.54 33.14
CA SER L 67 26.45 -37.85 32.89
C SER L 67 25.66 -37.87 34.19
N ALA L 68 24.37 -37.77 34.06
CA ALA L 68 23.46 -37.82 35.15
C ALA L 68 23.70 -36.76 36.20
N THR L 69 24.35 -37.15 37.26
CA THR L 69 24.56 -36.33 38.39
C THR L 69 25.97 -35.72 38.43
N ASP L 70 26.89 -36.32 37.72
CA ASP L 70 28.27 -36.05 37.93
C ASP L 70 29.05 -35.69 36.64
N PHE L 71 29.63 -34.51 36.57
CA PHE L 71 30.37 -34.00 35.45
C PHE L 71 31.77 -33.51 35.78
N THR L 72 32.62 -33.40 34.78
CA THR L 72 33.98 -32.97 35.01
C THR L 72 34.53 -32.17 33.86
N LEU L 73 35.45 -31.26 34.19
CA LEU L 73 36.26 -30.62 33.17
C LEU L 73 37.69 -30.98 33.50
N THR L 74 38.39 -31.47 32.50
CA THR L 74 39.78 -31.84 32.65
C THR L 74 40.53 -31.06 31.59
N ILE L 75 41.69 -30.53 31.97
CA ILE L 75 42.56 -29.89 31.01
C ILE L 75 43.92 -30.57 31.12
N SER L 76 44.30 -31.27 30.07
CA SER L 76 45.53 -32.05 30.10
C SER L 76 46.21 -31.90 28.76
N SER L 77 47.34 -31.20 28.71
CA SER L 77 48.05 -30.68 29.89
C SER L 77 47.81 -29.18 30.16
N VAL L 78 47.85 -28.77 31.41
CA VAL L 78 47.61 -27.37 31.74
C VAL L 78 48.73 -26.53 31.21
N GLN L 79 48.37 -25.40 30.60
CA GLN L 79 49.34 -24.45 30.12
C GLN L 79 49.14 -23.12 30.84
N ALA L 80 50.12 -22.24 30.70
CA ALA L 80 50.13 -20.95 31.40
C ALA L 80 48.88 -20.09 31.16
N GLU L 81 48.31 -20.20 29.96
CA GLU L 81 47.15 -19.39 29.59
C GLU L 81 45.81 -19.97 30.08
N ASP L 82 45.86 -21.10 30.78
CA ASP L 82 44.63 -21.74 31.26
C ASP L 82 44.16 -21.13 32.58
N LEU L 83 44.97 -20.25 33.16
CA LEU L 83 44.62 -19.47 34.36
C LEU L 83 43.33 -18.70 34.17
N ALA L 84 42.30 -19.05 34.93
CA ALA L 84 40.98 -18.47 34.75
C ALA L 84 40.03 -18.96 35.82
N ASP L 85 38.82 -18.40 35.81
CA ASP L 85 37.71 -18.98 36.58
C ASP L 85 36.90 -19.88 35.65
N TYR L 86 36.58 -21.08 36.13
CA TYR L 86 35.77 -22.01 35.36
C TYR L 86 34.44 -22.26 36.07
N HIS L 87 33.36 -22.20 35.30
CA HIS L 87 32.01 -22.32 35.85
C HIS L 87 31.23 -23.39 35.09
N CYS L 88 30.68 -24.34 35.80
CA CYS L 88 29.72 -25.21 35.25
C CYS L 88 28.29 -24.64 35.29
N GLY L 89 27.44 -25.17 34.45
CA GLY L 89 26.12 -24.67 34.25
C GLY L 89 25.16 -25.61 33.59
N GLN L 90 24.01 -25.75 34.18
CA GLN L 90 22.93 -26.53 33.62
C GLN L 90 21.91 -25.78 32.81
N SER L 91 21.68 -26.28 31.63
CA SER L 91 20.70 -25.69 30.79
C SER L 91 19.41 -26.48 30.63
N TYR L 92 19.04 -27.25 31.61
CA TYR L 92 18.01 -28.20 31.45
C TYR L 92 16.64 -27.79 32.02
N SER L 93 16.60 -27.02 33.07
CA SER L 93 15.34 -26.48 33.51
C SER L 93 15.54 -25.19 34.18
N THR L 94 14.59 -24.29 34.03
CA THR L 94 14.58 -23.12 34.83
C THR L 94 14.26 -23.44 36.30
N PRO L 95 14.94 -22.85 37.23
CA PRO L 95 15.94 -21.82 36.98
C PRO L 95 17.28 -22.35 36.50
N TYR L 96 17.81 -21.82 35.41
CA TYR L 96 19.17 -22.14 35.00
C TYR L 96 20.08 -21.77 36.16
N THR L 97 21.05 -22.64 36.43
CA THR L 97 21.91 -22.48 37.59
C THR L 97 23.37 -22.72 37.23
N PHE L 98 24.26 -22.12 38.03
CA PHE L 98 25.70 -22.23 37.81
C PHE L 98 26.32 -22.84 39.04
N GLY L 99 27.52 -23.40 38.89
CA GLY L 99 28.31 -23.81 40.02
C GLY L 99 28.93 -22.56 40.62
N GLY L 100 29.60 -22.71 41.76
CA GLY L 100 30.17 -21.56 42.42
C GLY L 100 31.42 -21.06 41.73
N GLY L 101 31.94 -21.84 40.80
CA GLY L 101 33.17 -21.47 40.12
C GLY L 101 34.44 -22.05 40.73
N THR L 102 35.47 -22.22 39.90
CA THR L 102 36.78 -22.68 40.33
C THR L 102 37.83 -21.73 39.79
N LYS L 103 38.72 -21.26 40.66
CA LYS L 103 39.86 -20.46 40.22
C LYS L 103 41.05 -21.36 39.97
N LEU L 104 41.41 -21.49 38.71
CA LEU L 104 42.53 -22.32 38.35
C LEU L 104 43.81 -21.50 38.39
N GLU L 105 44.81 -22.00 39.08
CA GLU L 105 46.08 -21.30 39.18
C GLU L 105 47.24 -22.24 38.84
N ILE L 106 48.34 -21.66 38.41
CA ILE L 106 49.55 -22.40 38.16
C ILE L 106 50.29 -22.69 39.47
N LYS L 107 50.60 -23.97 39.71
CA LYS L 107 51.47 -24.32 40.80
C LYS L 107 52.90 -24.04 40.36
N ARG L 108 53.72 -23.52 41.26
CA ARG L 108 55.13 -23.25 40.95
C ARG L 108 55.96 -23.46 42.20
N ALA L 109 57.24 -23.13 42.12
CA ALA L 109 58.14 -23.32 43.26
C ALA L 109 57.84 -22.29 44.35
N ASP L 110 57.96 -22.71 45.61
CA ASP L 110 57.84 -21.79 46.74
C ASP L 110 58.68 -20.53 46.55
N ALA L 111 58.14 -19.39 46.98
CA ALA L 111 58.91 -18.15 46.95
C ALA L 111 58.61 -17.35 48.20
N ALA L 112 59.63 -16.94 48.92
CA ALA L 112 59.44 -16.09 50.09
C ALA L 112 59.02 -14.69 49.66
N PRO L 113 58.18 -14.04 50.45
CA PRO L 113 57.70 -12.68 50.11
C PRO L 113 58.82 -11.68 50.29
N THR L 114 58.88 -10.71 49.40
CA THR L 114 59.73 -9.55 49.57
C THR L 114 58.89 -8.44 50.19
N VAL L 115 59.35 -7.93 51.33
CA VAL L 115 58.53 -7.04 52.15
C VAL L 115 59.07 -5.64 52.21
N SER L 116 58.18 -4.67 52.01
CA SER L 116 58.51 -3.25 52.15
C SER L 116 57.49 -2.65 53.10
N ILE L 117 57.95 -1.75 53.97
CA ILE L 117 57.03 -1.06 54.88
C ILE L 117 57.10 0.44 54.63
N PHE L 118 55.97 1.12 54.78
CA PHE L 118 55.88 2.55 54.49
C PHE L 118 55.12 3.32 55.58
N PRO L 119 55.79 4.31 56.19
CA PRO L 119 55.16 5.22 57.15
C PRO L 119 54.10 6.02 56.43
N PRO L 120 53.13 6.57 57.17
CA PRO L 120 52.18 7.48 56.54
C PRO L 120 52.90 8.67 55.90
N SER L 121 52.46 9.06 54.71
CA SER L 121 53.04 10.23 54.05
C SER L 121 52.75 11.49 54.87
N SER L 122 53.61 12.48 54.71
CA SER L 122 53.40 13.78 55.32
C SER L 122 52.06 14.39 54.88
N GLU L 123 51.67 14.15 53.63
CA GLU L 123 50.40 14.65 53.09
C GLU L 123 49.14 14.08 53.76
N GLN L 124 49.16 12.79 54.08
CA GLN L 124 48.07 12.19 54.85
C GLN L 124 48.07 12.73 56.28
N LEU L 125 49.25 12.82 56.89
CA LEU L 125 49.36 13.26 58.27
C LEU L 125 48.75 14.64 58.44
N THR L 126 49.06 15.51 57.49
CA THR L 126 48.62 16.89 57.52
C THR L 126 47.10 16.99 57.39
N SER L 127 46.49 15.93 56.88
CA SER L 127 45.03 15.86 56.80
C SER L 127 44.42 15.12 57.99
N GLY L 128 45.25 14.62 58.90
CA GLY L 128 44.75 13.99 60.10
C GLY L 128 44.73 12.47 60.06
N GLY L 129 45.10 11.90 58.92
CA GLY L 129 45.08 10.45 58.77
C GLY L 129 46.44 9.84 59.00
N ALA L 130 46.48 8.52 59.19
CA ALA L 130 47.75 7.83 59.39
C ALA L 130 47.63 6.35 59.07
N SER L 131 47.79 6.04 57.79
CA SER L 131 47.78 4.66 57.36
C SER L 131 49.21 4.21 57.24
N VAL L 132 49.52 3.05 57.78
CA VAL L 132 50.84 2.46 57.59
C VAL L 132 50.66 1.32 56.59
N VAL L 133 51.57 1.19 55.64
CA VAL L 133 51.38 0.17 54.59
C VAL L 133 52.53 -0.82 54.46
N CYS L 134 52.18 -2.11 54.39
CA CYS L 134 53.15 -3.17 54.10
C CYS L 134 52.83 -3.88 52.81
N PHE L 135 53.79 -3.91 51.89
CA PHE L 135 53.69 -4.71 50.68
C PHE L 135 54.41 -6.03 50.88
N LEU L 136 53.71 -7.13 50.56
CA LEU L 136 54.30 -8.46 50.59
C LEU L 136 54.27 -9.03 49.17
N ASN L 137 55.39 -8.91 48.48
CA ASN L 137 55.43 -9.11 47.03
C ASN L 137 56.08 -10.40 46.50
N ASN L 138 55.46 -10.97 45.47
CA ASN L 138 56.04 -12.05 44.68
C ASN L 138 56.33 -13.34 45.45
N PHE L 139 55.31 -13.84 46.14
CA PHE L 139 55.47 -15.06 46.93
C PHE L 139 54.60 -16.20 46.40
N TYR L 140 54.93 -17.41 46.82
CA TYR L 140 54.14 -18.58 46.49
C TYR L 140 54.47 -19.64 47.54
N PRO L 141 53.44 -20.36 48.04
CA PRO L 141 52.02 -20.29 47.67
C PRO L 141 51.28 -19.09 48.25
N LYS L 142 49.97 -19.02 48.00
CA LYS L 142 49.23 -17.80 48.29
C LYS L 142 48.85 -17.61 49.75
N ASP L 143 48.77 -18.70 50.52
CA ASP L 143 48.39 -18.57 51.93
C ASP L 143 49.52 -17.88 52.70
N ILE L 144 49.16 -16.81 53.39
CA ILE L 144 50.11 -16.04 54.17
C ILE L 144 49.28 -15.34 55.25
N ASN L 145 49.88 -15.13 56.40
CA ASN L 145 49.18 -14.49 57.51
C ASN L 145 49.95 -13.27 57.99
N VAL L 146 49.31 -12.11 58.00
CA VAL L 146 49.99 -10.90 58.40
C VAL L 146 49.49 -10.40 59.74
N LYS L 147 50.41 -10.05 60.63
CA LYS L 147 50.06 -9.40 61.88
C LYS L 147 50.76 -8.06 61.98
N TRP L 148 50.07 -7.08 62.56
CA TRP L 148 50.64 -5.78 62.82
C TRP L 148 50.96 -5.64 64.30
N LYS L 149 52.12 -5.07 64.60
CA LYS L 149 52.45 -4.72 65.97
C LYS L 149 52.72 -3.23 66.08
N ILE L 150 52.26 -2.66 67.19
CA ILE L 150 52.52 -1.27 67.53
C ILE L 150 53.20 -1.29 68.90
N ASP L 151 54.41 -0.73 68.96
CA ASP L 151 55.27 -0.81 70.14
C ASP L 151 55.38 -2.24 70.67
N GLY L 152 55.41 -3.20 69.75
CA GLY L 152 55.50 -4.59 70.13
C GLY L 152 54.19 -5.30 70.45
N SER L 153 53.08 -4.58 70.47
CA SER L 153 51.77 -5.19 70.78
C SER L 153 50.91 -5.45 69.53
N GLU L 154 50.31 -6.63 69.46
CA GLU L 154 49.49 -6.97 68.31
C GLU L 154 48.24 -6.09 68.20
N ARG L 155 47.86 -5.82 66.97
CA ARG L 155 46.79 -4.88 66.66
C ARG L 155 46.08 -5.41 65.42
N GLN L 156 44.81 -5.75 65.56
CA GLN L 156 44.05 -6.28 64.44
C GLN L 156 42.88 -5.36 64.10
N ASN L 157 42.76 -4.28 64.86
CA ASN L 157 41.75 -3.29 64.55
C ASN L 157 42.30 -2.27 63.55
N GLY L 158 41.64 -2.14 62.42
CA GLY L 158 42.04 -1.17 61.42
C GLY L 158 42.97 -1.77 60.37
N VAL L 159 43.05 -3.11 60.34
CA VAL L 159 43.89 -3.81 59.38
C VAL L 159 43.12 -4.26 58.12
N LEU L 160 43.59 -3.81 56.97
CA LEU L 160 43.02 -4.18 55.68
C LEU L 160 43.98 -5.05 54.89
N ASN L 161 43.58 -6.28 54.59
CA ASN L 161 44.43 -7.16 53.80
C ASN L 161 43.85 -7.40 52.41
N SER L 162 44.70 -7.36 51.40
CA SER L 162 44.28 -7.53 50.01
C SER L 162 45.30 -8.28 49.17
N TRP L 163 44.85 -9.35 48.51
CA TRP L 163 45.67 -10.21 47.65
C TRP L 163 45.39 -9.96 46.16
N THR L 164 46.43 -9.83 45.34
CA THR L 164 46.20 -9.86 43.90
C THR L 164 45.87 -11.29 43.47
N ASP L 165 45.39 -11.44 42.24
CA ASP L 165 45.33 -12.77 41.65
C ASP L 165 46.73 -13.16 41.18
N GLN L 166 46.89 -14.41 40.75
CA GLN L 166 48.19 -14.87 40.28
C GLN L 166 48.73 -13.99 39.16
N ASP L 167 50.00 -13.62 39.28
CA ASP L 167 50.63 -12.74 38.31
C ASP L 167 51.06 -13.51 37.08
N SER L 168 50.69 -12.99 35.91
CA SER L 168 50.90 -13.68 34.64
C SER L 168 52.39 -13.86 34.35
N LYS L 169 53.18 -12.88 34.73
CA LYS L 169 54.63 -12.88 34.54
C LYS L 169 55.34 -14.08 35.18
N ASP L 170 55.20 -14.22 36.50
CA ASP L 170 55.94 -15.24 37.23
C ASP L 170 55.10 -16.19 38.08
N SER L 171 53.77 -16.10 37.94
CA SER L 171 52.87 -17.00 38.67
C SER L 171 52.98 -16.86 40.19
N THR L 172 53.48 -15.71 40.65
CA THR L 172 53.54 -15.45 42.08
C THR L 172 52.34 -14.64 42.53
N TYR L 173 52.17 -14.55 43.84
CA TYR L 173 51.15 -13.72 44.43
C TYR L 173 51.80 -12.53 45.09
N SER L 174 51.01 -11.49 45.29
CA SER L 174 51.41 -10.37 46.10
C SER L 174 50.21 -9.95 46.92
N MET L 175 50.47 -9.36 48.07
CA MET L 175 49.38 -8.88 48.89
C MET L 175 49.78 -7.59 49.57
N SER L 176 48.77 -6.83 49.96
CA SER L 176 48.97 -5.55 50.62
C SER L 176 48.27 -5.60 51.97
N SER L 177 48.92 -5.02 52.98
CA SER L 177 48.34 -4.98 54.32
C SER L 177 48.44 -3.56 54.85
N THR L 178 47.31 -2.99 55.22
CA THR L 178 47.28 -1.60 55.65
C THR L 178 46.73 -1.52 57.06
N LEU L 179 47.47 -0.85 57.94
CA LEU L 179 46.99 -0.55 59.28
C LEU L 179 46.48 0.88 59.28
N THR L 180 45.19 1.06 59.51
CA THR L 180 44.59 2.40 59.47
C THR L 180 44.50 2.96 60.87
N LEU L 181 45.17 4.08 61.09
CA LEU L 181 45.15 4.73 62.39
C LEU L 181 44.77 6.17 62.16
N THR L 182 44.41 6.85 63.24
CA THR L 182 44.32 8.31 63.20
C THR L 182 45.70 8.84 63.53
N LYS L 183 45.98 10.06 63.09
CA LYS L 183 47.25 10.72 63.41
C LYS L 183 47.47 10.90 64.92
N ASP L 184 46.39 11.12 65.67
CA ASP L 184 46.53 11.34 67.10
C ASP L 184 47.10 10.11 67.81
N GLU L 185 46.63 8.93 67.41
CA GLU L 185 47.17 7.69 67.94
C GLU L 185 48.55 7.36 67.37
N TYR L 186 48.74 7.60 66.07
CA TYR L 186 49.99 7.30 65.40
C TYR L 186 51.13 8.04 66.08
N GLU L 187 50.92 9.32 66.37
CA GLU L 187 51.94 10.15 67.02
C GLU L 187 52.26 9.71 68.45
N ARG L 188 51.45 8.85 69.03
CA ARG L 188 51.63 8.41 70.41
C ARG L 188 52.37 7.10 70.55
N HIS L 189 52.81 6.52 69.44
CA HIS L 189 53.61 5.31 69.52
C HIS L 189 54.87 5.46 68.69
N ASN L 190 55.85 4.61 68.97
CA ASN L 190 57.17 4.81 68.41
C ASN L 190 57.48 3.89 67.24
N SER L 191 57.05 2.65 67.35
CA SER L 191 57.49 1.66 66.40
C SER L 191 56.33 0.88 65.79
N TYR L 192 56.44 0.61 64.50
CA TYR L 192 55.42 -0.11 63.76
C TYR L 192 56.05 -1.25 63.00
N THR L 193 55.35 -2.37 63.02
CA THR L 193 55.92 -3.59 62.54
C THR L 193 54.83 -4.40 61.87
N CYS L 194 55.09 -4.90 60.67
CA CYS L 194 54.23 -5.94 60.15
C CYS L 194 55.00 -7.25 60.16
N GLU L 195 54.34 -8.29 60.63
CA GLU L 195 54.94 -9.62 60.69
C GLU L 195 54.09 -10.59 59.89
N ALA L 196 54.76 -11.42 59.09
CA ALA L 196 54.01 -12.39 58.29
C ALA L 196 54.49 -13.82 58.49
N THR L 197 53.54 -14.73 58.46
CA THR L 197 53.83 -16.16 58.53
C THR L 197 53.53 -16.76 57.16
N HIS L 198 54.48 -17.53 56.65
CA HIS L 198 54.38 -18.13 55.34
C HIS L 198 55.17 -19.44 55.32
N LYS L 199 54.80 -20.33 54.40
CA LYS L 199 55.42 -21.64 54.26
C LYS L 199 56.95 -21.62 54.17
N THR L 200 57.49 -20.61 53.48
CA THR L 200 58.93 -20.52 53.21
C THR L 200 59.75 -20.08 54.42
N SER L 201 59.12 -19.92 55.57
CA SER L 201 59.86 -19.45 56.73
C SER L 201 59.35 -20.07 58.03
N THR L 202 60.28 -20.60 58.83
CA THR L 202 59.94 -21.16 60.13
C THR L 202 59.62 -20.03 61.12
N SER L 203 60.34 -18.92 61.01
CA SER L 203 60.13 -17.77 61.87
C SER L 203 59.31 -16.70 61.12
N PRO L 204 58.62 -15.82 61.85
CA PRO L 204 57.85 -14.77 61.18
C PRO L 204 58.75 -13.85 60.35
N ILE L 205 58.33 -13.50 59.14
CA ILE L 205 59.10 -12.51 58.41
C ILE L 205 58.64 -11.15 58.91
N VAL L 206 59.60 -10.30 59.27
CA VAL L 206 59.29 -9.08 59.99
C VAL L 206 59.83 -7.86 59.24
N LYS L 207 59.06 -6.77 59.29
CA LYS L 207 59.51 -5.49 58.74
C LYS L 207 59.02 -4.39 59.68
N SER L 208 59.92 -3.45 59.98
CA SER L 208 59.63 -2.50 61.04
C SER L 208 60.20 -1.13 60.72
N PHE L 209 59.64 -0.08 61.32
CA PHE L 209 60.28 1.23 61.33
C PHE L 209 59.93 1.95 62.63
N ASN L 210 60.77 2.91 63.00
CA ASN L 210 60.44 3.81 64.10
C ASN L 210 59.96 5.17 63.54
N ARG L 211 58.78 5.61 63.99
CA ARG L 211 58.25 6.93 63.62
C ARG L 211 59.21 8.12 63.88
N ASN L 212 59.33 9.00 62.89
CA ASN L 212 60.12 10.22 63.02
C ASN L 212 59.68 11.32 62.05
#